data_6L8D
#
_entry.id   6L8D
#
_cell.length_a   211.034
_cell.length_b   121.149
_cell.length_c   119.419
_cell.angle_alpha   90.000
_cell.angle_beta   99.060
_cell.angle_gamma   90.000
#
_symmetry.space_group_name_H-M   'C 1 2 1'
#
loop_
_entity.id
_entity.type
_entity.pdbx_description
1 polymer 'Magnesium-chelatase subunit ChlI'
2 water water
#
_entity_poly.entity_id   1
_entity_poly.type   'polypeptide(L)'
_entity_poly.pdbx_seq_one_letter_code
;MTATLAAPSKTRRVVFPFTAIVGQDEMKLALLLNVIDPKIGGVMIMGDRGTGKSTTIRALADLLPEIEVVANDPFNSSPS
DPEMMSEEVRIRVDSQEPLSIVKKKVTMVDLPLGATEDRVCGTIDIEKALSEGVKAFEPGLLAKANRGILYVDEVNLLDD
HLVDVLLDSAAGGWNTVEREGISIRHPARFVLVGSGNPEEGELRPQLLDRFGMHAEIRTVREPELRVKIVEQRTEFDQNP
HPFCDQYQTEQEALQAKIVNAQNLLPQVTIDYDYRVKVSEVCAELDVDGLRGDIVTNRAAKALAAFEGRTEVTVDDISRV
IVLCLRHRLRKDPLESIDSGSKVEKVFKRVFGVVDEALEHHHHHH
;
_entity_poly.pdbx_strand_id   A,B,C,D,E,F
#
# COMPACT_ATOMS: atom_id res chain seq x y z
N VAL A 14 22.89 -45.42 -11.31
CA VAL A 14 22.03 -46.12 -10.35
C VAL A 14 21.22 -45.15 -9.52
N VAL A 15 19.96 -45.50 -9.26
CA VAL A 15 19.01 -44.63 -8.58
C VAL A 15 18.41 -45.36 -7.39
N PHE A 16 18.04 -44.59 -6.37
CA PHE A 16 17.41 -45.16 -5.18
C PHE A 16 16.14 -45.92 -5.59
N PRO A 17 15.98 -47.17 -5.12
CA PRO A 17 14.85 -47.99 -5.61
C PRO A 17 13.51 -47.51 -5.06
N PHE A 18 12.51 -47.42 -5.95
CA PHE A 18 11.19 -46.91 -5.59
C PHE A 18 10.57 -47.71 -4.45
N THR A 19 10.70 -49.04 -4.49
CA THR A 19 10.07 -49.87 -3.48
C THR A 19 10.73 -49.73 -2.11
N ALA A 20 11.84 -48.99 -2.03
CA ALA A 20 12.52 -48.74 -0.77
C ALA A 20 12.15 -47.41 -0.12
N ILE A 21 11.54 -46.49 -0.87
CA ILE A 21 11.12 -45.21 -0.30
C ILE A 21 10.06 -45.45 0.78
N VAL A 22 10.30 -44.92 1.97
CA VAL A 22 9.37 -45.09 3.08
C VAL A 22 8.77 -43.74 3.46
N GLY A 23 7.51 -43.76 3.88
CA GLY A 23 6.87 -42.58 4.45
C GLY A 23 6.25 -41.60 3.48
N GLN A 24 6.11 -41.96 2.21
CA GLN A 24 5.48 -41.08 1.22
C GLN A 24 4.28 -41.73 0.56
N ASP A 25 3.62 -42.65 1.29
CA ASP A 25 2.59 -43.48 0.67
C ASP A 25 1.58 -42.71 -0.16
N GLU A 26 1.11 -41.57 0.33
CA GLU A 26 0.11 -40.81 -0.41
C GLU A 26 0.66 -40.35 -1.75
N MET A 27 1.93 -39.95 -1.79
CA MET A 27 2.51 -39.49 -3.05
C MET A 27 2.84 -40.64 -3.98
N LYS A 28 3.33 -41.75 -3.44
CA LYS A 28 3.58 -42.92 -4.28
C LYS A 28 2.29 -43.43 -4.91
N LEU A 29 1.17 -43.33 -4.18
CA LEU A 29 -0.11 -43.73 -4.73
C LEU A 29 -0.51 -42.83 -5.89
N ALA A 30 -0.33 -41.52 -5.73
CA ALA A 30 -0.67 -40.59 -6.81
C ALA A 30 0.14 -40.89 -8.06
N LEU A 31 1.42 -41.22 -7.89
CA LEU A 31 2.27 -41.50 -9.05
C LEU A 31 1.90 -42.82 -9.70
N LEU A 32 1.67 -43.87 -8.90
CA LEU A 32 1.35 -45.18 -9.45
C LEU A 32 0.05 -45.15 -10.23
N LEU A 33 -0.98 -44.46 -9.71
CA LEU A 33 -2.24 -44.40 -10.42
C LEU A 33 -2.11 -43.63 -11.73
N ASN A 34 -1.27 -42.59 -11.77
CA ASN A 34 -1.06 -41.88 -13.02
C ASN A 34 -0.30 -42.74 -14.02
N VAL A 35 0.67 -43.52 -13.55
CA VAL A 35 1.36 -44.45 -14.43
C VAL A 35 0.38 -45.45 -14.99
N ILE A 36 -0.64 -45.81 -14.20
CA ILE A 36 -1.62 -46.79 -14.66
C ILE A 36 -2.61 -46.14 -15.61
N ASP A 37 -3.05 -44.92 -15.29
CA ASP A 37 -3.99 -44.20 -16.14
C ASP A 37 -3.53 -42.75 -16.25
N PRO A 38 -2.68 -42.42 -17.22
CA PRO A 38 -2.19 -41.04 -17.36
C PRO A 38 -3.29 -40.02 -17.64
N LYS A 39 -4.45 -40.44 -18.15
CA LYS A 39 -5.54 -39.49 -18.37
C LYS A 39 -6.13 -38.96 -17.07
N ILE A 40 -5.59 -39.35 -15.91
CA ILE A 40 -6.02 -38.79 -14.64
C ILE A 40 -5.69 -37.30 -14.56
N GLY A 41 -4.57 -36.90 -15.16
CA GLY A 41 -4.26 -35.49 -15.36
C GLY A 41 -3.03 -34.95 -14.65
N GLY A 42 -2.20 -35.84 -14.11
CA GLY A 42 -0.97 -35.44 -13.46
C GLY A 42 -1.12 -35.24 -11.97
N VAL A 43 0.03 -35.01 -11.32
CA VAL A 43 0.12 -34.86 -9.87
C VAL A 43 0.80 -33.53 -9.58
N MET A 44 0.19 -32.74 -8.71
CA MET A 44 0.81 -31.55 -8.14
C MET A 44 1.33 -31.91 -6.76
N ILE A 45 2.64 -31.81 -6.56
CA ILE A 45 3.28 -32.19 -5.30
C ILE A 45 3.64 -30.92 -4.53
N MET A 46 2.90 -30.62 -3.46
CA MET A 46 3.20 -29.49 -2.60
C MET A 46 3.44 -30.00 -1.19
N GLY A 47 4.48 -29.50 -0.54
CA GLY A 47 4.67 -29.88 0.85
C GLY A 47 6.05 -29.61 1.41
N ASP A 48 6.63 -30.61 2.06
CA ASP A 48 7.90 -30.44 2.76
C ASP A 48 9.08 -30.71 1.84
N ARG A 49 10.27 -30.35 2.33
CA ARG A 49 11.49 -30.42 1.54
C ARG A 49 12.39 -31.59 1.90
N GLY A 50 12.22 -32.19 3.09
CA GLY A 50 13.08 -33.28 3.50
C GLY A 50 12.68 -34.62 2.91
N THR A 51 11.99 -34.59 1.77
CA THR A 51 11.55 -35.80 1.10
C THR A 51 12.44 -36.13 -0.10
N GLY A 52 12.28 -35.37 -1.18
CA GLY A 52 13.05 -35.57 -2.38
C GLY A 52 12.20 -35.93 -3.57
N LYS A 53 11.19 -35.11 -3.84
CA LYS A 53 10.28 -35.34 -4.96
C LYS A 53 11.06 -35.46 -6.27
N SER A 54 12.34 -35.14 -6.22
CA SER A 54 13.20 -35.21 -7.41
C SER A 54 13.73 -36.63 -7.62
N THR A 55 13.97 -37.33 -6.52
CA THR A 55 14.49 -38.69 -6.57
C THR A 55 13.38 -39.74 -6.52
N THR A 56 12.24 -39.42 -5.91
CA THR A 56 11.14 -40.37 -5.97
C THR A 56 10.61 -40.50 -7.39
N ILE A 57 10.50 -39.39 -8.11
CA ILE A 57 10.05 -39.47 -9.50
C ILE A 57 11.13 -40.13 -10.36
N ARG A 58 12.40 -39.94 -10.02
CA ARG A 58 13.47 -40.64 -10.74
C ARG A 58 13.37 -42.15 -10.50
N ALA A 59 13.06 -42.55 -9.27
CA ALA A 59 12.90 -43.96 -8.95
C ALA A 59 11.75 -44.58 -9.72
N LEU A 60 10.66 -43.84 -9.91
CA LEU A 60 9.51 -44.39 -10.61
C LEU A 60 9.80 -44.60 -12.09
N ALA A 61 10.56 -43.69 -12.71
CA ALA A 61 10.92 -43.91 -14.11
C ALA A 61 11.76 -45.18 -14.25
N ASP A 62 12.77 -45.35 -13.39
CA ASP A 62 13.62 -46.53 -13.42
C ASP A 62 12.83 -47.81 -13.13
N LEU A 63 11.66 -47.72 -12.49
CA LEU A 63 10.88 -48.90 -12.10
C LEU A 63 10.00 -49.42 -13.22
N LEU A 64 9.57 -48.52 -14.12
CA LEU A 64 8.67 -48.87 -15.19
C LEU A 64 9.30 -49.90 -16.14
N PRO A 65 8.51 -50.54 -17.00
CA PRO A 65 9.09 -51.52 -17.91
C PRO A 65 9.83 -50.80 -19.04
N GLU A 66 10.68 -51.57 -19.73
CA GLU A 66 11.47 -51.02 -20.83
C GLU A 66 10.58 -50.67 -22.03
N ILE A 67 10.85 -49.52 -22.63
CA ILE A 67 10.15 -49.05 -23.82
C ILE A 67 11.12 -49.14 -25.00
N GLU A 68 10.66 -49.74 -26.09
CA GLU A 68 11.48 -49.86 -27.29
C GLU A 68 10.73 -49.31 -28.50
N LYS A 104 16.23 -49.30 -24.39
CA LYS A 104 16.18 -48.13 -23.52
C LYS A 104 14.99 -48.15 -22.56
N LYS A 105 15.04 -47.22 -21.61
CA LYS A 105 14.14 -47.12 -20.47
C LYS A 105 13.23 -45.91 -20.66
N VAL A 106 12.14 -45.88 -19.88
CA VAL A 106 11.23 -44.75 -19.96
C VAL A 106 11.99 -43.50 -19.54
N THR A 107 11.71 -42.39 -20.22
CA THR A 107 12.56 -41.21 -20.10
C THR A 107 11.93 -40.23 -19.12
N MET A 108 12.74 -39.76 -18.19
CA MET A 108 12.32 -38.78 -17.21
C MET A 108 13.01 -37.48 -17.57
N VAL A 109 12.22 -36.43 -17.79
CA VAL A 109 12.71 -35.16 -18.30
C VAL A 109 12.51 -34.10 -17.24
N ASP A 110 13.56 -33.35 -16.92
CA ASP A 110 13.48 -32.33 -15.87
C ASP A 110 13.45 -30.93 -16.48
N LEU A 111 12.63 -30.06 -15.89
CA LEU A 111 12.48 -28.66 -16.31
C LEU A 111 13.15 -27.75 -15.31
N PRO A 112 14.30 -27.17 -15.63
CA PRO A 112 15.06 -26.39 -14.64
C PRO A 112 14.44 -25.00 -14.42
N LEU A 113 15.10 -24.23 -13.55
CA LEU A 113 14.60 -22.91 -13.19
C LEU A 113 14.45 -22.01 -14.41
N GLY A 114 15.57 -21.67 -15.04
CA GLY A 114 15.54 -20.92 -16.29
C GLY A 114 15.18 -21.79 -17.48
N ALA A 115 13.89 -22.06 -17.64
CA ALA A 115 13.42 -22.89 -18.75
C ALA A 115 12.45 -22.13 -19.64
N THR A 116 12.88 -21.82 -20.85
CA THR A 116 12.04 -21.09 -21.80
C THR A 116 11.19 -22.04 -22.64
N GLU A 117 10.10 -21.52 -23.17
CA GLU A 117 9.19 -22.33 -23.98
C GLU A 117 9.96 -23.16 -25.00
N ASP A 118 9.34 -24.24 -25.47
CA ASP A 118 9.97 -25.12 -26.44
C ASP A 118 8.87 -26.00 -27.03
N ARG A 147 5.54 -40.63 -24.31
CA ARG A 147 5.27 -41.65 -23.32
C ARG A 147 6.36 -41.72 -22.25
N GLY A 148 6.34 -40.76 -21.35
CA GLY A 148 7.33 -40.70 -20.30
C GLY A 148 6.79 -39.93 -19.11
N ILE A 149 7.69 -39.26 -18.41
CA ILE A 149 7.35 -38.50 -17.21
C ILE A 149 8.01 -37.13 -17.34
N LEU A 150 7.25 -36.08 -17.00
CA LEU A 150 7.72 -34.70 -17.08
C LEU A 150 7.56 -34.05 -15.71
N TYR A 151 8.66 -33.64 -15.11
CA TYR A 151 8.67 -33.07 -13.76
C TYR A 151 8.96 -31.57 -13.86
N VAL A 152 7.98 -30.76 -13.49
CA VAL A 152 8.10 -29.30 -13.47
C VAL A 152 8.35 -28.89 -12.02
N ASP A 153 9.62 -28.66 -11.68
CA ASP A 153 9.99 -28.50 -10.27
C ASP A 153 9.31 -27.27 -9.64
N GLU A 154 9.19 -26.18 -10.39
CA GLU A 154 8.61 -24.95 -9.83
C GLU A 154 7.56 -24.41 -10.80
N VAL A 155 6.34 -24.93 -10.70
CA VAL A 155 5.25 -24.47 -11.58
C VAL A 155 4.58 -23.23 -11.01
N ASN A 156 5.24 -22.55 -10.06
CA ASN A 156 4.73 -21.27 -9.57
C ASN A 156 5.24 -20.16 -10.47
N LEU A 157 6.53 -20.20 -10.77
CA LEU A 157 7.14 -19.40 -11.82
C LEU A 157 6.77 -20.03 -13.16
N LEU A 158 7.34 -19.50 -14.24
CA LEU A 158 6.96 -19.89 -15.60
C LEU A 158 5.47 -19.68 -15.80
N ASP A 159 5.13 -18.41 -16.05
CA ASP A 159 3.78 -17.87 -16.02
C ASP A 159 2.76 -18.70 -16.79
N ASP A 160 1.48 -18.44 -16.52
CA ASP A 160 0.35 -19.22 -17.01
C ASP A 160 0.49 -19.65 -18.46
N HIS A 161 1.18 -18.88 -19.28
CA HIS A 161 1.32 -19.22 -20.69
C HIS A 161 2.00 -20.57 -20.86
N LEU A 162 3.19 -20.73 -20.30
CA LEU A 162 3.90 -22.01 -20.42
C LEU A 162 3.18 -23.13 -19.68
N VAL A 163 2.63 -22.83 -18.50
CA VAL A 163 1.94 -23.85 -17.71
C VAL A 163 0.69 -24.35 -18.41
N ASP A 164 -0.04 -23.45 -19.07
CA ASP A 164 -1.27 -23.85 -19.74
C ASP A 164 -1.00 -24.90 -20.81
N VAL A 165 0.11 -24.75 -21.54
CA VAL A 165 0.39 -25.62 -22.68
C VAL A 165 0.63 -27.06 -22.23
N LEU A 166 1.32 -27.25 -21.09
CA LEU A 166 1.66 -28.59 -20.63
C LEU A 166 0.41 -29.39 -20.25
N LEU A 167 -0.55 -28.75 -19.59
CA LEU A 167 -1.77 -29.44 -19.18
C LEU A 167 -2.53 -30.02 -20.36
N ASP A 168 -2.34 -29.49 -21.56
CA ASP A 168 -3.04 -30.04 -22.74
C ASP A 168 -2.53 -31.44 -23.05
N SER A 169 -1.20 -31.60 -23.02
CA SER A 169 -0.59 -32.90 -23.31
C SER A 169 -1.18 -34.00 -22.44
N ALA A 170 -1.73 -33.60 -21.30
CA ALA A 170 -2.32 -34.55 -20.37
C ALA A 170 -3.82 -34.73 -20.64
N ALA A 171 -4.57 -35.05 -19.59
CA ALA A 171 -6.01 -35.25 -19.72
C ALA A 171 -6.33 -36.36 -20.71
N GLY A 172 -7.49 -36.26 -21.35
CA GLY A 172 -7.92 -37.25 -22.33
C GLY A 172 -6.98 -37.34 -23.51
N ARG A 189 0.72 -38.43 -24.54
CA ARG A 189 0.42 -39.12 -23.29
C ARG A 189 1.65 -39.25 -22.39
N PHE A 190 1.61 -38.57 -21.25
CA PHE A 190 2.71 -38.61 -20.28
C PHE A 190 2.17 -38.27 -18.90
N VAL A 191 2.98 -38.57 -17.89
CA VAL A 191 2.61 -38.30 -16.50
C VAL A 191 3.19 -36.94 -16.14
N LEU A 192 2.34 -35.92 -16.08
CA LEU A 192 2.78 -34.60 -15.66
C LEU A 192 2.94 -34.60 -14.15
N VAL A 193 4.08 -34.12 -13.67
CA VAL A 193 4.31 -33.99 -12.24
C VAL A 193 4.87 -32.60 -12.00
N GLY A 194 4.27 -31.88 -11.07
CA GLY A 194 4.73 -30.54 -10.74
C GLY A 194 4.91 -30.39 -9.24
N SER A 195 5.84 -29.51 -8.88
CA SER A 195 6.08 -29.19 -7.48
C SER A 195 6.03 -27.68 -7.30
N GLY A 196 5.74 -27.25 -6.07
CA GLY A 196 5.60 -25.84 -5.78
C GLY A 196 6.24 -25.47 -4.46
N ASN A 197 6.39 -24.16 -4.26
CA ASN A 197 6.93 -23.55 -3.06
C ASN A 197 5.86 -22.78 -2.32
N PRO A 198 5.69 -22.97 -1.01
CA PRO A 198 4.76 -22.12 -0.26
C PRO A 198 5.30 -20.70 -0.12
N GLU A 199 4.38 -19.74 -0.07
CA GLU A 199 4.68 -18.32 0.09
C GLU A 199 5.37 -17.70 -1.12
N GLU A 200 5.43 -18.41 -2.25
CA GLU A 200 6.01 -17.89 -3.49
C GLU A 200 4.94 -17.63 -4.54
N GLY A 201 3.69 -17.56 -4.10
CA GLY A 201 2.56 -17.37 -4.99
C GLY A 201 1.64 -18.58 -4.93
N GLU A 202 0.58 -18.43 -4.12
CA GLU A 202 -0.45 -19.45 -3.91
C GLU A 202 -0.90 -20.12 -5.21
N LEU A 203 -1.40 -21.34 -5.09
CA LEU A 203 -1.96 -22.07 -6.22
C LEU A 203 -2.88 -21.18 -7.03
N ARG A 204 -2.49 -20.82 -8.26
CA ARG A 204 -3.38 -20.06 -9.11
C ARG A 204 -4.65 -20.88 -9.32
N PRO A 205 -5.82 -20.40 -8.89
CA PRO A 205 -7.00 -21.28 -8.85
C PRO A 205 -7.44 -21.80 -10.21
N GLN A 206 -7.18 -21.08 -11.28
CA GLN A 206 -7.60 -21.55 -12.60
C GLN A 206 -6.64 -22.56 -13.21
N LEU A 207 -5.38 -22.55 -12.80
CA LEU A 207 -4.41 -23.50 -13.34
C LEU A 207 -4.09 -24.65 -12.40
N LEU A 208 -4.61 -24.64 -11.19
CA LEU A 208 -4.42 -25.75 -10.26
C LEU A 208 -5.52 -26.79 -10.37
N ASP A 209 -6.74 -26.35 -10.68
CA ASP A 209 -7.86 -27.26 -10.87
C ASP A 209 -7.59 -28.23 -12.02
N ARG A 210 -6.72 -27.86 -12.96
CA ARG A 210 -6.46 -28.73 -14.10
C ARG A 210 -5.43 -29.82 -13.79
N PHE A 211 -4.82 -29.80 -12.61
CA PHE A 211 -3.99 -30.92 -12.18
C PHE A 211 -4.86 -32.05 -11.69
N GLY A 212 -4.52 -33.27 -12.11
CA GLY A 212 -5.29 -34.43 -11.74
C GLY A 212 -5.44 -34.61 -10.24
N MET A 213 -4.32 -34.82 -9.56
CA MET A 213 -4.36 -35.06 -8.14
C MET A 213 -3.42 -34.09 -7.44
N HIS A 214 -3.67 -33.87 -6.16
CA HIS A 214 -2.90 -32.95 -5.34
C HIS A 214 -2.36 -33.76 -4.16
N ALA A 215 -1.10 -34.16 -4.24
CA ALA A 215 -0.47 -34.94 -3.19
C ALA A 215 0.38 -34.02 -2.32
N GLU A 216 0.13 -34.04 -1.01
CA GLU A 216 0.94 -33.29 -0.06
C GLU A 216 1.89 -34.23 0.65
N ILE A 217 3.13 -33.78 0.82
CA ILE A 217 4.17 -34.56 1.48
C ILE A 217 4.31 -34.05 2.90
N ARG A 218 4.10 -34.92 3.87
CA ARG A 218 4.37 -34.61 5.27
C ARG A 218 5.52 -35.49 5.73
N THR A 219 6.53 -34.86 6.32
CA THR A 219 7.69 -35.64 6.77
C THR A 219 7.32 -36.56 7.93
N VAL A 220 7.90 -37.76 7.89
CA VAL A 220 7.53 -38.84 8.80
C VAL A 220 7.62 -38.40 10.24
N ARG A 221 6.59 -38.73 11.02
CA ARG A 221 6.54 -38.36 12.43
C ARG A 221 6.90 -39.52 13.36
N GLU A 222 6.96 -40.74 12.86
CA GLU A 222 7.35 -41.87 13.69
C GLU A 222 8.86 -41.83 13.89
N PRO A 223 9.35 -41.70 15.13
CA PRO A 223 10.80 -41.55 15.33
C PRO A 223 11.64 -42.68 14.73
N GLU A 224 11.28 -43.94 15.00
CA GLU A 224 12.08 -45.04 14.48
C GLU A 224 12.04 -45.12 12.96
N LEU A 225 11.02 -44.54 12.33
CA LEU A 225 11.00 -44.47 10.86
C LEU A 225 11.95 -43.40 10.34
N ARG A 226 11.98 -42.24 11.00
CA ARG A 226 12.93 -41.19 10.62
C ARG A 226 14.36 -41.71 10.68
N VAL A 227 14.69 -42.47 11.73
CA VAL A 227 16.01 -43.07 11.81
C VAL A 227 16.25 -44.02 10.64
N LYS A 228 15.22 -44.79 10.28
CA LYS A 228 15.35 -45.76 9.20
C LYS A 228 15.63 -45.08 7.86
N ILE A 229 14.95 -43.96 7.58
CA ILE A 229 15.20 -43.24 6.33
C ILE A 229 16.67 -42.81 6.28
N VAL A 230 17.15 -42.18 7.35
CA VAL A 230 18.53 -41.69 7.37
C VAL A 230 19.52 -42.85 7.26
N GLU A 231 19.29 -43.92 8.02
CA GLU A 231 20.21 -45.05 7.94
C GLU A 231 20.17 -45.70 6.56
N GLN A 232 19.01 -45.70 5.91
CA GLN A 232 18.91 -46.27 4.56
C GLN A 232 19.59 -45.37 3.54
N ARG A 233 19.49 -44.06 3.73
CA ARG A 233 20.01 -43.12 2.74
C ARG A 233 21.53 -43.15 2.69
N THR A 234 22.19 -43.10 3.86
CA THR A 234 23.65 -43.20 3.86
C THR A 234 24.10 -44.60 3.45
N GLU A 235 23.36 -45.63 3.86
CA GLU A 235 23.68 -46.98 3.41
C GLU A 235 23.61 -47.10 1.89
N PHE A 236 22.74 -46.34 1.24
CA PHE A 236 22.67 -46.36 -0.22
C PHE A 236 23.82 -45.59 -0.85
N ASP A 237 24.24 -44.48 -0.23
CA ASP A 237 25.33 -43.69 -0.81
C ASP A 237 26.67 -44.42 -0.80
N GLN A 238 26.92 -45.26 0.21
CA GLN A 238 28.19 -46.00 0.22
C GLN A 238 28.18 -47.20 -0.71
N ASN A 239 27.07 -47.94 -0.78
CA ASN A 239 27.00 -49.17 -1.58
C ASN A 239 25.69 -49.21 -2.35
N PRO A 240 25.60 -48.49 -3.47
CA PRO A 240 24.35 -48.50 -4.24
C PRO A 240 23.96 -49.89 -4.71
N HIS A 241 24.89 -50.61 -5.34
CA HIS A 241 24.56 -51.87 -5.99
C HIS A 241 24.15 -52.96 -5.00
N PRO A 242 24.82 -53.10 -3.84
CA PRO A 242 24.29 -54.03 -2.83
C PRO A 242 22.93 -53.62 -2.30
N PHE A 243 22.64 -52.32 -2.29
CA PHE A 243 21.34 -51.86 -1.80
C PHE A 243 20.23 -52.20 -2.80
N CYS A 244 20.42 -51.82 -4.07
CA CYS A 244 19.41 -52.10 -5.08
C CYS A 244 19.11 -53.59 -5.18
N ASP A 245 20.10 -54.45 -4.96
CA ASP A 245 19.86 -55.88 -5.04
C ASP A 245 18.95 -56.37 -3.91
N GLN A 246 19.06 -55.76 -2.72
CA GLN A 246 18.19 -56.17 -1.63
C GLN A 246 16.71 -55.94 -1.98
N TYR A 247 16.44 -55.01 -2.90
CA TYR A 247 15.09 -54.68 -3.32
C TYR A 247 14.76 -55.09 -4.76
N GLN A 248 15.61 -55.91 -5.40
CA GLN A 248 15.42 -56.14 -6.83
C GLN A 248 14.18 -56.99 -7.11
N THR A 249 13.90 -58.01 -6.30
CA THR A 249 12.70 -58.80 -6.59
C THR A 249 11.44 -58.03 -6.23
N GLU A 250 11.50 -57.18 -5.21
CA GLU A 250 10.34 -56.37 -4.86
C GLU A 250 10.05 -55.34 -5.94
N GLN A 251 11.08 -54.82 -6.61
CA GLN A 251 10.87 -53.93 -7.75
C GLN A 251 10.19 -54.67 -8.89
N GLU A 252 10.54 -55.93 -9.11
CA GLU A 252 9.95 -56.69 -10.21
C GLU A 252 8.50 -57.05 -9.90
N ALA A 253 8.20 -57.36 -8.64
CA ALA A 253 6.81 -57.64 -8.27
C ALA A 253 5.93 -56.43 -8.49
N LEU A 254 6.40 -55.23 -8.09
CA LEU A 254 5.64 -54.01 -8.34
C LEU A 254 5.57 -53.69 -9.81
N GLN A 255 6.62 -54.01 -10.57
CA GLN A 255 6.60 -53.76 -11.99
C GLN A 255 5.54 -54.59 -12.69
N ALA A 256 5.39 -55.85 -12.26
CA ALA A 256 4.38 -56.70 -12.86
C ALA A 256 2.98 -56.22 -12.49
N LYS A 257 2.81 -55.70 -11.27
CA LYS A 257 1.49 -55.22 -10.89
C LYS A 257 1.09 -54.03 -11.72
N ILE A 258 2.04 -53.17 -12.08
CA ILE A 258 1.72 -51.99 -12.88
C ILE A 258 1.24 -52.44 -14.26
N VAL A 259 1.95 -53.37 -14.88
CA VAL A 259 1.54 -53.87 -16.18
C VAL A 259 0.18 -54.54 -16.10
N ASN A 260 0.00 -55.41 -15.09
CA ASN A 260 -1.30 -56.07 -14.91
C ASN A 260 -2.41 -55.05 -14.75
N ALA A 261 -2.17 -53.98 -13.99
CA ALA A 261 -3.19 -52.96 -13.79
C ALA A 261 -3.54 -52.26 -15.10
N GLN A 262 -2.53 -51.95 -15.92
CA GLN A 262 -2.79 -51.35 -17.22
C GLN A 262 -3.58 -52.30 -18.11
N ASN A 263 -3.22 -53.58 -18.08
CA ASN A 263 -3.87 -54.55 -18.94
C ASN A 263 -5.31 -54.80 -18.53
N LEU A 264 -5.61 -54.66 -17.24
CA LEU A 264 -6.93 -54.96 -16.70
C LEU A 264 -7.83 -53.74 -16.66
N LEU A 265 -7.25 -52.54 -16.76
CA LEU A 265 -8.04 -51.31 -16.62
C LEU A 265 -9.26 -51.27 -17.53
N PRO A 266 -9.22 -51.74 -18.78
CA PRO A 266 -10.45 -51.70 -19.60
C PRO A 266 -11.63 -52.46 -19.01
N GLN A 267 -11.42 -53.56 -18.28
CA GLN A 267 -12.61 -54.24 -17.74
C GLN A 267 -13.11 -53.62 -16.44
N VAL A 268 -12.40 -52.67 -15.85
CA VAL A 268 -12.79 -52.19 -14.53
C VAL A 268 -14.05 -51.34 -14.65
N THR A 269 -15.06 -51.69 -13.86
CA THR A 269 -16.34 -51.00 -13.87
C THR A 269 -16.59 -50.40 -12.49
N ILE A 270 -17.39 -49.33 -12.46
CA ILE A 270 -17.85 -48.73 -11.23
C ILE A 270 -19.37 -48.78 -11.21
N ASP A 271 -19.92 -49.24 -10.10
CA ASP A 271 -21.36 -49.38 -9.96
C ASP A 271 -22.04 -48.04 -10.12
N TYR A 272 -23.27 -48.05 -10.64
CA TYR A 272 -23.98 -46.80 -10.89
C TYR A 272 -24.19 -46.01 -9.60
N ASP A 273 -24.55 -46.70 -8.51
CA ASP A 273 -24.78 -46.00 -7.26
C ASP A 273 -23.51 -45.32 -6.76
N TYR A 274 -22.37 -45.99 -6.90
CA TYR A 274 -21.10 -45.37 -6.53
C TYR A 274 -20.79 -44.19 -7.43
N ARG A 275 -21.00 -44.34 -8.74
CA ARG A 275 -20.72 -43.26 -9.67
C ARG A 275 -21.52 -42.01 -9.34
N VAL A 276 -22.76 -42.20 -8.88
CA VAL A 276 -23.61 -41.07 -8.51
C VAL A 276 -23.16 -40.48 -7.18
N LYS A 277 -22.82 -41.33 -6.21
CA LYS A 277 -22.37 -40.83 -4.92
C LYS A 277 -21.03 -40.11 -5.03
N VAL A 278 -20.19 -40.49 -5.99
CA VAL A 278 -18.98 -39.72 -6.25
C VAL A 278 -19.35 -38.31 -6.71
N SER A 279 -20.31 -38.21 -7.63
CA SER A 279 -20.74 -36.90 -8.10
C SER A 279 -21.43 -36.10 -7.00
N GLU A 280 -22.17 -36.77 -6.11
CA GLU A 280 -22.78 -36.08 -4.98
C GLU A 280 -21.72 -35.45 -4.08
N VAL A 281 -20.61 -36.15 -3.86
CA VAL A 281 -19.52 -35.56 -3.07
C VAL A 281 -18.94 -34.35 -3.79
N CYS A 282 -18.76 -34.45 -5.11
CA CYS A 282 -18.24 -33.33 -5.87
C CYS A 282 -19.19 -32.13 -5.77
N ALA A 283 -20.49 -32.38 -5.82
CA ALA A 283 -21.46 -31.30 -5.73
C ALA A 283 -21.47 -30.68 -4.34
N GLU A 284 -21.49 -31.52 -3.31
CA GLU A 284 -21.54 -31.02 -1.94
C GLU A 284 -20.28 -30.27 -1.53
N LEU A 285 -19.17 -30.47 -2.25
CA LEU A 285 -17.95 -29.71 -2.09
C LEU A 285 -17.92 -28.44 -2.94
N ASP A 286 -18.94 -28.23 -3.77
CA ASP A 286 -19.03 -27.08 -4.67
C ASP A 286 -17.80 -26.98 -5.58
N VAL A 287 -17.44 -28.11 -6.19
CA VAL A 287 -16.30 -28.15 -7.08
C VAL A 287 -16.62 -27.38 -8.35
N ASP A 288 -15.61 -26.70 -8.89
CA ASP A 288 -15.80 -25.92 -10.12
C ASP A 288 -15.79 -26.85 -11.32
N GLY A 289 -16.96 -27.27 -11.73
CA GLY A 289 -17.07 -28.07 -12.93
C GLY A 289 -17.18 -29.54 -12.60
N LEU A 290 -16.98 -30.34 -13.65
CA LEU A 290 -17.07 -31.79 -13.56
C LEU A 290 -15.73 -32.48 -13.62
N ARG A 291 -14.62 -31.72 -13.62
CA ARG A 291 -13.32 -32.39 -13.71
C ARG A 291 -13.07 -33.25 -12.49
N GLY A 292 -13.49 -32.79 -11.31
CA GLY A 292 -13.34 -33.60 -10.11
C GLY A 292 -14.12 -34.91 -10.19
N ASP A 293 -15.30 -34.89 -10.79
CA ASP A 293 -16.05 -36.12 -10.98
C ASP A 293 -15.27 -37.11 -11.83
N ILE A 294 -14.61 -36.63 -12.88
CA ILE A 294 -14.01 -37.53 -13.83
C ILE A 294 -12.76 -38.18 -13.26
N VAL A 295 -11.87 -37.40 -12.64
CA VAL A 295 -10.63 -38.00 -12.15
C VAL A 295 -10.90 -38.94 -10.99
N THR A 296 -11.85 -38.61 -10.12
CA THR A 296 -12.19 -39.52 -9.03
C THR A 296 -12.64 -40.87 -9.58
N ASN A 297 -13.41 -40.87 -10.66
CA ASN A 297 -13.84 -42.12 -11.27
C ASN A 297 -12.68 -42.84 -11.93
N ARG A 298 -11.85 -42.10 -12.69
CA ARG A 298 -10.70 -42.74 -13.34
C ARG A 298 -9.71 -43.24 -12.30
N ALA A 299 -9.54 -42.49 -11.20
CA ALA A 299 -8.59 -42.87 -10.16
C ALA A 299 -9.07 -44.10 -9.41
N ALA A 300 -10.36 -44.15 -9.06
CA ALA A 300 -10.87 -45.31 -8.34
C ALA A 300 -10.75 -46.58 -9.19
N LYS A 301 -11.06 -46.49 -10.49
CA LYS A 301 -10.89 -47.66 -11.35
C LYS A 301 -9.42 -48.08 -11.45
N ALA A 302 -8.51 -47.11 -11.57
CA ALA A 302 -7.09 -47.45 -11.68
C ALA A 302 -6.58 -48.13 -10.42
N LEU A 303 -7.08 -47.71 -9.25
CA LEU A 303 -6.67 -48.34 -8.01
C LEU A 303 -7.23 -49.75 -7.91
N ALA A 304 -8.50 -49.92 -8.25
CA ALA A 304 -9.07 -51.26 -8.27
C ALA A 304 -8.34 -52.14 -9.28
N ALA A 305 -7.92 -51.56 -10.42
CA ALA A 305 -7.12 -52.34 -11.36
C ALA A 305 -5.76 -52.67 -10.78
N PHE A 306 -5.14 -51.73 -10.06
CA PHE A 306 -3.84 -51.99 -9.44
C PHE A 306 -3.89 -53.18 -8.51
N GLU A 307 -4.98 -53.34 -7.78
CA GLU A 307 -5.13 -54.45 -6.86
C GLU A 307 -5.81 -55.66 -7.50
N GLY A 308 -5.82 -55.74 -8.82
CA GLY A 308 -6.28 -56.95 -9.49
C GLY A 308 -7.75 -57.24 -9.36
N ARG A 309 -8.57 -56.21 -9.29
CA ARG A 309 -10.01 -56.35 -9.17
C ARG A 309 -10.69 -55.60 -10.31
N THR A 310 -11.92 -56.03 -10.64
CA THR A 310 -12.66 -55.42 -11.73
C THR A 310 -13.91 -54.69 -11.27
N GLU A 311 -14.17 -54.60 -9.96
CA GLU A 311 -15.29 -53.85 -9.42
C GLU A 311 -14.78 -52.81 -8.43
N VAL A 312 -15.05 -51.53 -8.73
CA VAL A 312 -14.66 -50.45 -7.82
C VAL A 312 -15.38 -50.62 -6.50
N THR A 313 -14.64 -50.44 -5.41
CA THR A 313 -15.13 -50.67 -4.07
C THR A 313 -15.24 -49.32 -3.34
N VAL A 314 -16.14 -49.24 -2.35
CA VAL A 314 -16.26 -48.01 -1.57
C VAL A 314 -14.90 -47.62 -0.98
N ASP A 315 -14.13 -48.61 -0.54
CA ASP A 315 -12.80 -48.34 -0.03
C ASP A 315 -11.86 -47.89 -1.14
N ASP A 316 -12.04 -48.40 -2.36
CA ASP A 316 -11.24 -47.91 -3.48
C ASP A 316 -11.45 -46.41 -3.67
N ILE A 317 -12.70 -45.96 -3.63
CA ILE A 317 -12.97 -44.54 -3.74
C ILE A 317 -12.39 -43.79 -2.54
N SER A 318 -12.43 -44.41 -1.36
CA SER A 318 -11.96 -43.74 -0.15
C SER A 318 -10.50 -43.32 -0.26
N ARG A 319 -9.66 -44.17 -0.83
CA ARG A 319 -8.22 -43.94 -0.85
C ARG A 319 -7.78 -42.96 -1.93
N VAL A 320 -8.63 -42.59 -2.87
CA VAL A 320 -8.24 -41.67 -3.93
C VAL A 320 -8.98 -40.35 -3.88
N ILE A 321 -10.09 -40.25 -3.13
CA ILE A 321 -10.95 -39.09 -3.30
C ILE A 321 -10.31 -37.83 -2.72
N VAL A 322 -9.46 -37.97 -1.70
CA VAL A 322 -8.79 -36.80 -1.16
C VAL A 322 -7.72 -36.30 -2.12
N LEU A 323 -6.93 -37.22 -2.70
CA LEU A 323 -5.99 -36.81 -3.74
C LEU A 323 -6.69 -36.08 -4.87
N CYS A 324 -7.93 -36.45 -5.15
CA CYS A 324 -8.62 -35.98 -6.35
C CYS A 324 -9.35 -34.66 -6.16
N LEU A 325 -9.84 -34.36 -4.95
CA LEU A 325 -10.75 -33.24 -4.77
C LEU A 325 -10.28 -32.17 -3.79
N ARG A 326 -9.24 -32.41 -3.01
CA ARG A 326 -8.95 -31.45 -1.95
C ARG A 326 -8.48 -30.12 -2.50
N HIS A 327 -7.84 -30.11 -3.67
CA HIS A 327 -7.46 -28.86 -4.32
C HIS A 327 -8.57 -28.32 -5.22
N ARG A 328 -9.75 -28.94 -5.17
CA ARG A 328 -10.92 -28.50 -5.92
C ARG A 328 -11.98 -27.92 -4.99
N LEU A 329 -11.62 -27.69 -3.73
CA LEU A 329 -12.54 -27.14 -2.75
C LEU A 329 -12.83 -25.67 -3.03
N ARG A 330 -14.08 -25.27 -2.78
CA ARG A 330 -14.45 -23.87 -2.65
C ARG A 330 -15.09 -23.69 -1.29
N LYS A 331 -14.25 -23.63 -0.25
CA LYS A 331 -14.72 -23.44 1.11
C LYS A 331 -14.67 -21.96 1.47
N ASP A 332 -15.59 -21.55 2.34
CA ASP A 332 -15.60 -20.17 2.82
C ASP A 332 -14.36 -19.91 3.66
N PRO A 333 -13.83 -18.68 3.62
CA PRO A 333 -12.68 -18.37 4.49
C PRO A 333 -13.01 -18.38 5.97
N LEU A 334 -14.30 -18.41 6.34
CA LEU A 334 -14.73 -18.52 7.73
C LEU A 334 -14.53 -19.92 8.30
N GLU A 335 -13.98 -20.86 7.54
CA GLU A 335 -13.81 -22.24 7.98
C GLU A 335 -12.33 -22.50 8.19
N SER A 336 -11.96 -22.84 9.43
CA SER A 336 -10.61 -23.31 9.75
C SER A 336 -10.31 -24.78 9.50
N ILE A 337 -11.17 -25.45 8.73
CA ILE A 337 -11.03 -26.88 8.46
C ILE A 337 -10.06 -27.25 7.34
N ASP A 338 -9.25 -28.27 7.58
CA ASP A 338 -8.31 -28.79 6.59
C ASP A 338 -9.06 -29.26 5.34
N SER A 339 -8.49 -28.96 4.16
CA SER A 339 -9.16 -29.32 2.91
C SER A 339 -9.28 -30.83 2.76
N GLY A 340 -8.17 -31.56 2.97
CA GLY A 340 -8.23 -33.00 2.91
C GLY A 340 -9.17 -33.59 3.94
N SER A 341 -9.26 -32.96 5.11
CA SER A 341 -10.19 -33.46 6.11
C SER A 341 -11.63 -33.18 5.73
N LYS A 342 -11.86 -32.09 5.00
CA LYS A 342 -13.21 -31.79 4.53
C LYS A 342 -13.68 -32.82 3.51
N VAL A 343 -12.79 -33.25 2.60
CA VAL A 343 -13.17 -34.23 1.59
C VAL A 343 -13.52 -35.56 2.23
N GLU A 344 -12.70 -36.02 3.19
CA GLU A 344 -13.00 -37.25 3.90
C GLU A 344 -14.32 -37.14 4.67
N LYS A 345 -14.57 -35.98 5.25
CA LYS A 345 -15.79 -35.79 6.04
C LYS A 345 -17.03 -35.92 5.15
N VAL A 346 -17.01 -35.26 3.99
CA VAL A 346 -18.16 -35.32 3.09
C VAL A 346 -18.26 -36.68 2.41
N PHE A 347 -17.11 -37.28 2.08
CA PHE A 347 -17.14 -38.61 1.48
C PHE A 347 -17.80 -39.62 2.41
N LYS A 348 -17.36 -39.63 3.67
CA LYS A 348 -17.93 -40.59 4.62
C LYS A 348 -19.44 -40.36 4.79
N ARG A 349 -19.88 -39.10 4.74
CA ARG A 349 -21.29 -38.81 4.88
C ARG A 349 -22.10 -39.35 3.70
N VAL A 350 -21.70 -38.98 2.49
CA VAL A 350 -22.46 -39.36 1.30
C VAL A 350 -22.54 -40.88 1.17
N PHE A 351 -21.42 -41.57 1.36
CA PHE A 351 -21.40 -43.02 1.22
C PHE A 351 -21.85 -43.75 2.49
N GLY A 352 -21.92 -43.06 3.62
CA GLY A 352 -22.37 -43.66 4.86
C GLY A 352 -21.35 -44.63 5.42
N VAL A 353 -20.14 -44.16 5.66
CA VAL A 353 -19.07 -45.00 6.19
C VAL A 353 -18.90 -44.66 7.66
N VAL A 354 -19.15 -45.64 8.53
CA VAL A 354 -19.06 -45.46 9.98
C VAL A 354 -18.27 -46.61 10.58
N ASP A 355 -17.62 -46.35 11.69
CA ASP A 355 -16.85 -47.38 12.38
C ASP A 355 -17.77 -48.21 13.27
N GLU A 356 -17.71 -49.53 13.11
CA GLU A 356 -18.37 -50.42 14.05
C GLU A 356 -17.73 -50.28 15.42
N ALA A 357 -18.55 -49.94 16.42
CA ALA A 357 -18.07 -49.80 17.79
C ALA A 357 -18.03 -51.19 18.43
N LEU A 358 -16.84 -51.80 18.45
CA LEU A 358 -16.68 -53.11 19.03
C LEU A 358 -16.43 -53.01 20.53
N GLU A 359 -16.88 -54.04 21.24
CA GLU A 359 -16.83 -54.06 22.71
C GLU A 359 -15.41 -54.11 23.25
N VAL B 14 49.22 -10.35 12.94
CA VAL B 14 48.90 -11.06 14.17
C VAL B 14 47.45 -10.80 14.58
N VAL B 15 46.79 -11.85 15.09
CA VAL B 15 45.36 -11.78 15.40
C VAL B 15 45.13 -12.23 16.83
N PHE B 16 44.07 -11.67 17.44
CA PHE B 16 43.70 -11.98 18.81
C PHE B 16 43.57 -13.49 18.98
N PRO B 17 44.17 -14.08 20.03
CA PRO B 17 44.17 -15.54 20.16
C PRO B 17 42.79 -16.07 20.49
N PHE B 18 42.39 -17.16 19.81
CA PHE B 18 41.06 -17.73 19.99
C PHE B 18 40.81 -18.09 21.44
N THR B 19 41.80 -18.66 22.12
CA THR B 19 41.62 -19.12 23.49
C THR B 19 41.47 -17.96 24.48
N ALA B 20 41.66 -16.71 24.05
CA ALA B 20 41.48 -15.56 24.92
C ALA B 20 40.11 -14.92 24.79
N ILE B 21 39.36 -15.23 23.72
CA ILE B 21 38.01 -14.72 23.57
C ILE B 21 37.15 -15.22 24.72
N VAL B 22 36.52 -14.29 25.43
CA VAL B 22 35.72 -14.60 26.60
C VAL B 22 34.27 -14.22 26.29
N GLY B 23 33.33 -15.03 26.79
CA GLY B 23 31.93 -14.68 26.71
C GLY B 23 31.19 -15.04 25.43
N GLN B 24 31.78 -15.85 24.56
CA GLN B 24 31.11 -16.29 23.34
C GLN B 24 30.92 -17.79 23.27
N ASP B 25 30.90 -18.45 24.43
CA ASP B 25 30.96 -19.90 24.46
C ASP B 25 30.10 -20.64 23.45
N GLU B 26 28.85 -20.22 23.29
CA GLU B 26 27.96 -20.93 22.36
C GLU B 26 28.46 -20.83 20.92
N MET B 27 29.00 -19.68 20.52
CA MET B 27 29.51 -19.56 19.16
C MET B 27 30.83 -20.28 18.98
N LYS B 28 31.69 -20.27 20.01
CA LYS B 28 32.93 -21.03 19.94
C LYS B 28 32.64 -22.51 19.80
N LEU B 29 31.55 -22.99 20.44
CA LEU B 29 31.17 -24.38 20.30
C LEU B 29 30.72 -24.68 18.87
N ALA B 30 29.89 -23.81 18.31
CA ALA B 30 29.40 -24.04 16.96
C ALA B 30 30.55 -24.07 15.95
N LEU B 31 31.50 -23.14 16.10
CA LEU B 31 32.61 -23.09 15.14
C LEU B 31 33.55 -24.28 15.29
N LEU B 32 33.86 -24.68 16.53
CA LEU B 32 34.77 -25.79 16.75
C LEU B 32 34.21 -27.09 16.19
N LEU B 33 32.91 -27.33 16.38
CA LEU B 33 32.31 -28.57 15.90
C LEU B 33 32.29 -28.63 14.38
N ASN B 34 32.11 -27.48 13.72
CA ASN B 34 32.17 -27.46 12.27
C ASN B 34 33.59 -27.73 11.77
N VAL B 35 34.59 -27.24 12.50
CA VAL B 35 35.98 -27.56 12.19
C VAL B 35 36.23 -29.06 12.40
N ILE B 36 35.53 -29.68 13.35
CA ILE B 36 35.72 -31.11 13.61
C ILE B 36 34.97 -31.95 12.59
N ASP B 37 33.74 -31.57 12.25
CA ASP B 37 32.95 -32.28 11.24
C ASP B 37 32.31 -31.25 10.32
N PRO B 38 33.01 -30.87 9.24
CA PRO B 38 32.46 -29.86 8.33
C PRO B 38 31.17 -30.26 7.65
N LYS B 39 30.86 -31.55 7.58
CA LYS B 39 29.58 -31.98 7.02
C LYS B 39 28.40 -31.59 7.89
N ILE B 40 28.64 -30.91 9.02
CA ILE B 40 27.55 -30.42 9.84
C ILE B 40 26.76 -29.34 9.10
N GLY B 41 27.44 -28.52 8.31
CA GLY B 41 26.77 -27.63 7.40
C GLY B 41 26.90 -26.14 7.63
N GLY B 42 27.86 -25.70 8.45
CA GLY B 42 28.08 -24.28 8.65
C GLY B 42 27.35 -23.71 9.85
N VAL B 43 27.66 -22.45 10.15
CA VAL B 43 27.12 -21.74 11.30
C VAL B 43 26.51 -20.44 10.82
N MET B 44 25.29 -20.17 11.26
CA MET B 44 24.64 -18.87 11.08
C MET B 44 24.75 -18.12 12.40
N ILE B 45 25.45 -16.98 12.40
CA ILE B 45 25.69 -16.21 13.62
C ILE B 45 24.75 -15.01 13.63
N MET B 46 23.75 -15.05 14.50
CA MET B 46 22.82 -13.95 14.65
C MET B 46 22.89 -13.42 16.08
N GLY B 47 22.75 -12.10 16.22
CA GLY B 47 22.67 -11.55 17.57
C GLY B 47 23.26 -10.17 17.73
N ASP B 48 23.72 -9.88 18.94
CA ASP B 48 24.34 -8.59 19.22
C ASP B 48 25.55 -8.37 18.32
N ARG B 49 25.91 -7.13 18.19
CA ARG B 49 26.98 -6.76 17.36
C ARG B 49 27.77 -5.77 18.13
N GLY B 52 32.74 -8.62 18.26
CA GLY B 52 33.75 -9.65 18.15
C GLY B 52 33.26 -10.86 17.36
N LYS B 53 32.86 -10.62 16.12
CA LYS B 53 32.36 -11.68 15.26
C LYS B 53 33.35 -11.97 14.12
N SER B 54 33.79 -10.92 13.45
CA SER B 54 34.74 -11.05 12.34
C SER B 54 36.12 -11.45 12.84
N THR B 55 36.43 -11.05 14.06
CA THR B 55 37.73 -11.37 14.67
C THR B 55 37.80 -12.78 15.29
N THR B 56 36.67 -13.35 15.72
CA THR B 56 36.70 -14.71 16.24
C THR B 56 37.01 -15.75 15.17
N ILE B 57 36.49 -15.57 13.95
CA ILE B 57 36.67 -16.59 12.92
C ILE B 57 38.13 -16.64 12.43
N ARG B 58 38.80 -15.49 12.32
CA ARG B 58 40.21 -15.46 11.93
C ARG B 58 41.07 -16.12 12.99
N ALA B 59 40.74 -15.90 14.26
CA ALA B 59 41.44 -16.56 15.35
C ALA B 59 41.31 -18.07 15.22
N LEU B 60 40.15 -18.55 14.79
CA LEU B 60 39.97 -19.98 14.57
C LEU B 60 40.78 -20.43 13.37
N ALA B 61 40.85 -19.60 12.33
CA ALA B 61 41.72 -19.90 11.19
C ALA B 61 43.18 -19.95 11.62
N ASP B 62 43.61 -18.95 12.38
CA ASP B 62 44.98 -18.90 12.89
C ASP B 62 45.27 -20.07 13.84
N LEU B 63 44.24 -20.67 14.44
CA LEU B 63 44.47 -21.72 15.43
C LEU B 63 44.67 -23.09 14.80
N LEU B 64 44.06 -23.34 13.65
CA LEU B 64 44.13 -24.64 13.02
C LEU B 64 45.56 -24.95 12.57
N PRO B 65 45.89 -26.23 12.39
CA PRO B 65 47.26 -26.60 12.02
C PRO B 65 47.55 -26.37 10.55
N GLU B 66 48.64 -25.65 10.28
CA GLU B 66 49.21 -25.42 8.96
C GLU B 66 49.17 -26.51 7.88
N ILE B 67 48.47 -26.23 6.77
CA ILE B 67 48.11 -27.26 5.80
C ILE B 67 49.04 -27.12 4.57
N GLU B 68 49.06 -28.17 3.74
CA GLU B 68 49.88 -28.18 2.54
C GLU B 68 49.04 -27.74 1.35
N VAL B 69 49.66 -27.58 0.18
CA VAL B 69 48.97 -27.16 -1.04
C VAL B 69 47.87 -28.06 -1.61
N VAL B 70 48.20 -29.33 -1.84
CA VAL B 70 47.25 -30.39 -2.16
C VAL B 70 47.96 -31.71 -1.89
N ALA B 71 47.28 -32.63 -1.20
CA ALA B 71 47.85 -33.84 -0.58
C ALA B 71 49.14 -34.37 -1.20
N LYS B 105 48.92 -23.17 5.86
CA LYS B 105 48.04 -22.54 6.83
C LYS B 105 46.60 -22.52 6.32
N VAL B 106 45.63 -22.57 7.23
CA VAL B 106 44.23 -22.53 6.84
C VAL B 106 43.87 -21.09 6.48
N THR B 107 43.07 -20.91 5.42
CA THR B 107 42.83 -19.61 4.82
C THR B 107 41.41 -19.15 5.11
N MET B 108 41.28 -17.89 5.53
CA MET B 108 39.98 -17.30 5.78
C MET B 108 39.64 -16.28 4.71
N VAL B 109 38.48 -16.45 4.10
CA VAL B 109 38.00 -15.62 3.00
C VAL B 109 36.75 -14.90 3.45
N ASP B 110 36.67 -13.60 3.16
CA ASP B 110 35.52 -12.81 3.60
C ASP B 110 34.73 -12.51 2.30
N LEU B 111 33.66 -11.75 2.43
CA LEU B 111 32.84 -11.39 1.28
C LEU B 111 32.16 -10.05 1.51
N PRO B 112 32.52 -9.05 0.72
CA PRO B 112 31.93 -7.72 0.87
C PRO B 112 30.55 -7.69 0.23
N LEU B 113 29.92 -6.51 0.25
CA LEU B 113 28.56 -6.40 -0.25
C LEU B 113 28.45 -6.83 -1.71
N GLY B 114 29.48 -6.56 -2.52
CA GLY B 114 29.44 -6.90 -3.93
C GLY B 114 29.85 -8.32 -4.26
N ALA B 115 28.88 -9.16 -4.62
CA ALA B 115 29.19 -10.52 -5.03
C ALA B 115 28.90 -10.66 -6.51
N THR B 116 27.66 -10.96 -6.90
CA THR B 116 27.28 -11.10 -8.30
C THR B 116 28.17 -12.12 -9.02
N GLU B 117 28.42 -13.25 -8.34
CA GLU B 117 29.25 -14.35 -8.84
C GLU B 117 30.66 -13.90 -9.20
N ASP B 118 31.13 -12.79 -8.61
CA ASP B 118 32.53 -12.40 -8.75
C ASP B 118 33.42 -13.25 -7.84
N ARG B 119 32.98 -14.48 -7.60
CA ARG B 119 33.70 -15.40 -6.72
C ARG B 119 33.80 -16.77 -7.37
N VAL B 120 32.77 -17.14 -8.14
CA VAL B 120 32.75 -18.44 -8.80
C VAL B 120 33.57 -18.34 -10.08
N PRO B 139 39.78 -17.52 -11.16
CA PRO B 139 39.26 -18.34 -10.06
C PRO B 139 38.25 -17.61 -9.18
N GLY B 140 38.69 -16.57 -8.47
CA GLY B 140 37.80 -15.80 -7.64
C GLY B 140 37.98 -16.02 -6.16
N LEU B 141 36.89 -16.40 -5.47
CA LEU B 141 36.91 -16.55 -4.02
C LEU B 141 36.49 -17.94 -3.58
N LEU B 142 35.60 -18.58 -4.35
CA LEU B 142 35.16 -19.94 -4.01
C LEU B 142 36.34 -20.90 -3.88
N ALA B 143 37.43 -20.64 -4.59
CA ALA B 143 38.58 -21.53 -4.55
C ALA B 143 39.51 -21.23 -3.38
N LYS B 144 39.65 -19.96 -3.00
CA LYS B 144 40.51 -19.60 -1.88
C LYS B 144 40.00 -20.14 -0.55
N ALA B 145 38.72 -20.49 -0.47
CA ALA B 145 38.14 -21.13 0.71
C ALA B 145 38.50 -22.61 0.82
N ASN B 146 39.31 -23.13 -0.10
CA ASN B 146 39.69 -24.54 -0.07
C ASN B 146 40.30 -24.91 1.27
N ARG B 147 39.76 -25.98 1.88
CA ARG B 147 40.28 -26.47 3.16
C ARG B 147 40.34 -25.37 4.21
N GLY B 148 39.45 -24.38 4.07
CA GLY B 148 39.47 -23.19 4.90
C GLY B 148 38.08 -22.83 5.38
N ILE B 149 37.88 -21.52 5.56
CA ILE B 149 36.65 -20.95 6.10
C ILE B 149 36.22 -19.80 5.23
N LEU B 150 34.91 -19.68 5.00
CA LEU B 150 34.33 -18.60 4.21
C LEU B 150 33.31 -17.87 5.07
N TYR B 151 33.52 -16.57 5.28
CA TYR B 151 32.67 -15.76 6.15
C TYR B 151 31.85 -14.81 5.29
N VAL B 152 30.52 -14.95 5.34
CA VAL B 152 29.59 -14.09 4.62
C VAL B 152 29.01 -13.09 5.62
N ASP B 153 29.53 -11.85 5.61
CA ASP B 153 29.22 -10.90 6.65
C ASP B 153 27.73 -10.55 6.69
N GLU B 154 27.10 -10.36 5.53
CA GLU B 154 25.68 -9.99 5.46
C GLU B 154 24.96 -10.93 4.51
N VAL B 155 24.57 -12.10 5.05
CA VAL B 155 23.86 -13.08 4.23
C VAL B 155 22.36 -12.80 4.15
N ASN B 156 21.87 -11.76 4.81
CA ASN B 156 20.47 -11.41 4.65
C ASN B 156 20.24 -10.55 3.43
N LEU B 157 21.30 -9.94 2.89
CA LEU B 157 21.31 -9.34 1.57
C LEU B 157 21.89 -10.36 0.60
N LEU B 158 22.16 -9.93 -0.63
CA LEU B 158 22.56 -10.81 -1.73
C LEU B 158 21.74 -12.11 -1.73
N ASP B 159 20.42 -11.98 -1.53
CA ASP B 159 19.52 -13.11 -1.32
C ASP B 159 19.42 -13.98 -2.57
N ASP B 160 18.66 -15.07 -2.46
CA ASP B 160 18.37 -15.99 -3.56
C ASP B 160 19.59 -16.75 -4.06
N HIS B 161 20.11 -16.38 -5.24
CA HIS B 161 20.98 -17.29 -5.98
C HIS B 161 22.37 -17.42 -5.35
N LEU B 162 23.00 -16.29 -5.03
CA LEU B 162 24.36 -16.33 -4.47
C LEU B 162 24.44 -17.18 -3.21
N VAL B 163 23.41 -17.10 -2.35
CA VAL B 163 23.38 -17.92 -1.14
C VAL B 163 23.21 -19.38 -1.49
N ASP B 164 22.34 -19.68 -2.47
CA ASP B 164 22.12 -21.06 -2.86
C ASP B 164 23.41 -21.71 -3.35
N VAL B 165 24.21 -20.96 -4.11
CA VAL B 165 25.42 -21.54 -4.68
C VAL B 165 26.43 -21.88 -3.59
N LEU B 166 26.58 -21.00 -2.58
CA LEU B 166 27.54 -21.25 -1.52
C LEU B 166 27.12 -22.44 -0.67
N LEU B 167 25.82 -22.56 -0.37
CA LEU B 167 25.36 -23.70 0.40
C LEU B 167 25.64 -24.99 -0.35
N ASP B 168 25.65 -24.92 -1.68
CA ASP B 168 25.95 -26.10 -2.50
C ASP B 168 27.44 -26.43 -2.43
N SER B 169 28.29 -25.41 -2.55
CA SER B 169 29.74 -25.62 -2.53
C SER B 169 30.24 -26.19 -1.21
N ALA B 170 29.44 -26.11 -0.14
CA ALA B 170 29.80 -26.69 1.13
C ALA B 170 28.84 -27.75 1.64
N ALA B 171 27.64 -27.88 1.06
CA ALA B 171 26.72 -28.94 1.45
C ALA B 171 27.40 -30.29 1.28
N PRO B 187 36.17 -27.16 -6.84
CA PRO B 187 36.83 -28.29 -6.20
C PRO B 187 37.49 -27.91 -4.88
N ALA B 188 36.67 -27.52 -3.90
CA ALA B 188 37.21 -26.96 -2.65
C ALA B 188 36.05 -27.16 -1.69
N ARG B 189 36.35 -27.61 -0.47
CA ARG B 189 35.35 -27.79 0.57
C ARG B 189 35.76 -26.80 1.67
N PHE B 190 34.76 -26.28 2.38
CA PHE B 190 35.04 -25.28 3.40
C PHE B 190 33.91 -25.23 4.43
N VAL B 191 34.20 -24.56 5.54
CA VAL B 191 33.27 -24.33 6.64
C VAL B 191 32.57 -23.01 6.37
N LEU B 192 31.30 -23.06 6.00
CA LEU B 192 30.55 -21.84 5.74
C LEU B 192 30.15 -21.18 7.05
N VAL B 193 30.40 -19.88 7.17
CA VAL B 193 29.96 -19.09 8.32
C VAL B 193 29.31 -17.82 7.79
N GLY B 194 28.09 -17.55 8.23
CA GLY B 194 27.38 -16.37 7.81
C GLY B 194 26.76 -15.61 8.95
N SER B 195 26.67 -14.30 8.77
CA SER B 195 26.02 -13.42 9.74
C SER B 195 25.01 -12.55 9.04
N GLY B 196 24.00 -12.10 9.79
CA GLY B 196 22.91 -11.36 9.21
C GLY B 196 22.48 -10.20 10.09
N ASN B 197 21.68 -9.33 9.50
CA ASN B 197 21.14 -8.20 10.22
C ASN B 197 19.65 -8.34 10.41
N PRO B 198 19.17 -8.22 11.65
CA PRO B 198 17.71 -8.16 11.88
C PRO B 198 17.14 -6.83 11.39
N GLU B 199 15.85 -6.88 11.05
CA GLU B 199 15.09 -5.74 10.54
C GLU B 199 15.48 -5.35 9.11
N GLU B 200 16.68 -5.71 8.67
CA GLU B 200 17.08 -5.52 7.27
C GLU B 200 16.86 -6.78 6.45
N GLY B 201 16.00 -7.68 6.94
CA GLY B 201 15.72 -8.91 6.23
C GLY B 201 16.10 -10.19 6.96
N GLU B 202 15.10 -11.04 7.21
CA GLU B 202 15.33 -12.36 7.76
C GLU B 202 15.53 -13.29 6.57
N LEU B 203 16.68 -13.98 6.53
CA LEU B 203 16.98 -14.93 5.47
C LEU B 203 15.77 -15.82 5.19
N ARG B 204 15.35 -15.85 3.92
CA ARG B 204 14.20 -16.64 3.50
C ARG B 204 14.26 -18.04 4.12
N PRO B 205 13.20 -18.49 4.79
CA PRO B 205 13.28 -19.72 5.60
C PRO B 205 13.77 -20.94 4.84
N GLN B 206 13.70 -20.95 3.52
CA GLN B 206 14.18 -22.10 2.76
C GLN B 206 15.71 -22.15 2.71
N LEU B 207 16.37 -21.00 2.84
CA LEU B 207 17.82 -20.96 2.78
C LEU B 207 18.49 -20.85 4.16
N LEU B 208 17.71 -20.68 5.22
CA LEU B 208 18.27 -20.64 6.57
C LEU B 208 18.29 -22.04 7.17
N ASP B 209 17.33 -22.87 6.80
CA ASP B 209 17.31 -24.27 7.20
C ASP B 209 18.51 -25.05 6.67
N ARG B 210 19.15 -24.59 5.59
CA ARG B 210 20.28 -25.33 5.07
C ARG B 210 21.57 -25.01 5.80
N PHE B 211 21.55 -24.03 6.69
CA PHE B 211 22.66 -23.79 7.61
C PHE B 211 22.63 -24.86 8.70
N GLY B 212 23.79 -25.43 8.99
CA GLY B 212 23.86 -26.47 10.00
C GLY B 212 23.33 -26.02 11.34
N MET B 213 23.97 -24.99 11.91
CA MET B 213 23.68 -24.52 13.25
C MET B 213 23.40 -23.03 13.26
N HIS B 214 22.70 -22.61 14.31
CA HIS B 214 22.30 -21.23 14.53
C HIS B 214 22.85 -20.79 15.89
N ALA B 215 24.00 -20.12 15.89
CA ALA B 215 24.62 -19.65 17.13
C ALA B 215 24.29 -18.18 17.34
N GLU B 216 23.72 -17.86 18.50
CA GLU B 216 23.42 -16.48 18.84
C GLU B 216 24.44 -15.94 19.83
N ILE B 217 24.84 -14.69 19.63
CA ILE B 217 25.81 -14.02 20.50
C ILE B 217 25.05 -13.10 21.43
N ARG B 218 25.19 -13.30 22.73
CA ARG B 218 24.63 -12.41 23.73
C ARG B 218 25.80 -11.70 24.41
N THR B 219 25.71 -10.38 24.49
CA THR B 219 26.81 -9.62 25.08
C THR B 219 26.91 -9.90 26.57
N VAL B 220 28.16 -10.04 27.04
CA VAL B 220 28.41 -10.49 28.41
C VAL B 220 27.73 -9.58 29.41
N ARG B 221 27.08 -10.18 30.40
CA ARG B 221 26.38 -9.45 31.44
C ARG B 221 27.13 -9.38 32.76
N GLU B 222 28.17 -10.19 32.94
CA GLU B 222 28.92 -10.11 34.19
C GLU B 222 29.79 -8.86 34.15
N PRO B 223 29.56 -7.90 35.05
CA PRO B 223 30.29 -6.61 34.93
C PRO B 223 31.79 -6.77 34.94
N GLU B 224 32.33 -7.54 35.90
CA GLU B 224 33.77 -7.70 35.99
C GLU B 224 34.34 -8.44 34.79
N LEU B 225 33.48 -9.17 34.05
CA LEU B 225 33.91 -9.79 32.81
C LEU B 225 34.02 -8.77 31.68
N ARG B 226 33.03 -7.87 31.59
CA ARG B 226 33.07 -6.81 30.59
C ARG B 226 34.32 -5.95 30.72
N VAL B 227 34.69 -5.60 31.96
CA VAL B 227 35.91 -4.83 32.14
C VAL B 227 37.11 -5.61 31.63
N LYS B 228 37.12 -6.92 31.86
CA LYS B 228 38.24 -7.75 31.41
C LYS B 228 38.35 -7.78 29.89
N ILE B 229 37.21 -7.91 29.20
CA ILE B 229 37.25 -7.95 27.74
C ILE B 229 37.86 -6.68 27.20
N VAL B 230 37.38 -5.52 27.69
CA VAL B 230 37.90 -4.24 27.22
C VAL B 230 39.38 -4.12 27.56
N GLU B 231 39.74 -4.43 28.80
CA GLU B 231 41.13 -4.29 29.22
C GLU B 231 42.02 -5.24 28.42
N GLN B 232 41.48 -6.39 28.01
CA GLN B 232 42.23 -7.30 27.14
C GLN B 232 42.40 -6.73 25.74
N ARG B 233 41.41 -5.97 25.26
CA ARG B 233 41.51 -5.40 23.91
C ARG B 233 42.62 -4.37 23.84
N THR B 234 42.66 -3.43 24.79
CA THR B 234 43.72 -2.43 24.77
C THR B 234 45.07 -3.08 25.06
N GLU B 235 45.10 -4.06 25.97
CA GLU B 235 46.34 -4.77 26.24
C GLU B 235 46.85 -5.48 25.00
N PHE B 236 45.96 -6.00 24.16
CA PHE B 236 46.39 -6.64 22.91
C PHE B 236 46.79 -5.61 21.86
N ASP B 237 46.08 -4.48 21.80
CA ASP B 237 46.40 -3.47 20.81
C ASP B 237 47.76 -2.84 21.07
N GLN B 238 48.15 -2.73 22.34
CA GLN B 238 49.43 -2.12 22.69
C GLN B 238 50.59 -3.10 22.50
N ASN B 239 50.40 -4.38 22.86
CA ASN B 239 51.47 -5.38 22.80
C ASN B 239 50.96 -6.69 22.24
N PRO B 240 50.82 -6.79 20.92
CA PRO B 240 50.32 -8.05 20.35
C PRO B 240 51.17 -9.27 20.69
N HIS B 241 52.48 -9.23 20.41
CA HIS B 241 53.31 -10.42 20.56
C HIS B 241 53.48 -10.86 22.01
N PRO B 242 53.66 -9.94 22.98
CA PRO B 242 53.60 -10.36 24.38
C PRO B 242 52.25 -10.95 24.79
N PHE B 243 51.16 -10.52 24.15
CA PHE B 243 49.85 -11.08 24.48
C PHE B 243 49.73 -12.51 23.96
N CYS B 244 50.05 -12.72 22.69
CA CYS B 244 49.93 -14.05 22.09
C CYS B 244 50.76 -15.09 22.82
N ASP B 245 51.91 -14.70 23.36
CA ASP B 245 52.73 -15.67 24.08
C ASP B 245 52.06 -16.11 25.37
N GLN B 246 51.35 -15.21 26.04
CA GLN B 246 50.67 -15.56 27.27
C GLN B 246 49.63 -16.66 27.07
N TYR B 247 49.11 -16.80 25.85
CA TYR B 247 48.12 -17.80 25.50
C TYR B 247 48.69 -18.89 24.59
N GLN B 248 50.01 -18.93 24.40
CA GLN B 248 50.57 -19.77 23.35
C GLN B 248 50.41 -21.25 23.67
N THR B 249 50.61 -21.67 24.92
CA THR B 249 50.47 -23.09 25.19
C THR B 249 49.00 -23.51 25.19
N GLU B 250 48.10 -22.61 25.60
CA GLU B 250 46.68 -22.95 25.54
C GLU B 250 46.21 -23.09 24.09
N GLN B 251 46.78 -22.31 23.18
CA GLN B 251 46.48 -22.45 21.76
C GLN B 251 46.96 -23.81 21.24
N GLU B 252 48.13 -24.26 21.71
CA GLU B 252 48.64 -25.54 21.24
C GLU B 252 47.85 -26.71 21.82
N ALA B 253 47.40 -26.58 23.08
CA ALA B 253 46.57 -27.62 23.65
C ALA B 253 45.23 -27.73 22.92
N LEU B 254 44.59 -26.60 22.63
CA LEU B 254 43.33 -26.64 21.88
C LEU B 254 43.57 -27.11 20.45
N GLN B 255 44.70 -26.76 19.86
CA GLN B 255 45.00 -27.23 18.52
C GLN B 255 45.13 -28.74 18.50
N ALA B 256 45.75 -29.32 19.54
CA ALA B 256 45.88 -30.77 19.57
C ALA B 256 44.54 -31.43 19.77
N LYS B 257 43.65 -30.83 20.57
CA LYS B 257 42.34 -31.42 20.78
C LYS B 257 41.52 -31.44 19.50
N ILE B 258 41.69 -30.43 18.64
CA ILE B 258 40.97 -30.41 17.37
C ILE B 258 41.45 -31.55 16.47
N VAL B 259 42.77 -31.70 16.35
CA VAL B 259 43.32 -32.77 15.51
C VAL B 259 42.89 -34.13 16.03
N ASN B 260 42.99 -34.34 17.35
CA ASN B 260 42.56 -35.61 17.94
C ASN B 260 41.08 -35.88 17.67
N ALA B 261 40.23 -34.86 17.82
CA ALA B 261 38.79 -35.06 17.62
C ALA B 261 38.50 -35.46 16.17
N GLN B 262 39.18 -34.84 15.21
CA GLN B 262 39.02 -35.23 13.82
C GLN B 262 39.49 -36.67 13.59
N ASN B 263 40.58 -37.05 14.25
CA ASN B 263 41.10 -38.41 14.11
C ASN B 263 40.20 -39.45 14.77
N LEU B 264 39.48 -39.06 15.83
CA LEU B 264 38.66 -39.98 16.59
C LEU B 264 37.23 -40.09 16.09
N LEU B 265 36.77 -39.12 15.31
CA LEU B 265 35.38 -39.08 14.86
C LEU B 265 34.87 -40.38 14.25
N PRO B 266 35.63 -41.11 13.42
CA PRO B 266 35.07 -42.34 12.83
C PRO B 266 34.62 -43.37 13.85
N GLN B 267 35.24 -43.45 15.02
CA GLN B 267 34.83 -44.45 16.00
C GLN B 267 33.67 -44.02 16.87
N VAL B 268 33.24 -42.76 16.79
CA VAL B 268 32.22 -42.29 17.72
C VAL B 268 30.87 -42.82 17.28
N THR B 269 30.19 -43.49 18.20
CA THR B 269 28.91 -44.11 17.94
C THR B 269 27.86 -43.46 18.82
N ILE B 270 26.63 -43.49 18.35
CA ILE B 270 25.50 -43.04 19.14
C ILE B 270 24.53 -44.21 19.30
N ASP B 271 24.12 -44.48 20.53
CA ASP B 271 23.22 -45.59 20.80
C ASP B 271 21.91 -45.44 20.04
N TYR B 272 21.32 -46.59 19.69
CA TYR B 272 20.07 -46.57 18.93
C TYR B 272 18.95 -45.88 19.71
N ASP B 273 18.87 -46.11 21.02
CA ASP B 273 17.83 -45.47 21.81
C ASP B 273 18.00 -43.96 21.83
N TYR B 274 19.24 -43.47 21.93
CA TYR B 274 19.48 -42.03 21.83
C TYR B 274 19.16 -41.53 20.44
N ARG B 275 19.64 -42.25 19.40
CA ARG B 275 19.43 -41.83 18.02
C ARG B 275 17.96 -41.70 17.68
N VAL B 276 17.12 -42.55 18.27
CA VAL B 276 15.66 -42.48 18.05
C VAL B 276 15.06 -41.31 18.80
N LYS B 277 15.49 -41.10 20.05
CA LYS B 277 14.95 -40.00 20.84
C LYS B 277 15.34 -38.64 20.25
N VAL B 278 16.48 -38.57 19.55
CA VAL B 278 16.83 -37.34 18.83
C VAL B 278 15.81 -37.08 17.73
N SER B 279 15.46 -38.12 16.97
CA SER B 279 14.46 -37.96 15.93
C SER B 279 13.09 -37.64 16.52
N GLU B 280 12.77 -38.19 17.70
CA GLU B 280 11.51 -37.85 18.34
C GLU B 280 11.42 -36.36 18.65
N VAL B 281 12.54 -35.75 19.08
CA VAL B 281 12.55 -34.31 19.35
C VAL B 281 12.32 -33.54 18.07
N CYS B 282 12.98 -33.95 16.98
CA CYS B 282 12.80 -33.25 15.72
C CYS B 282 11.35 -33.33 15.27
N ALA B 283 10.72 -34.48 15.44
CA ALA B 283 9.33 -34.63 15.02
C ALA B 283 8.41 -33.80 15.90
N GLU B 284 8.60 -33.87 17.22
CA GLU B 284 7.72 -33.12 18.12
C GLU B 284 7.91 -31.61 17.98
N LEU B 285 9.03 -31.17 17.40
CA LEU B 285 9.22 -29.77 17.06
C LEU B 285 8.66 -29.45 15.68
N ASP B 286 8.17 -30.46 14.96
CA ASP B 286 7.63 -30.30 13.61
C ASP B 286 8.64 -29.67 12.66
N VAL B 287 9.86 -30.21 12.69
CA VAL B 287 10.94 -29.74 11.85
C VAL B 287 10.68 -30.12 10.39
N ASP B 288 11.08 -29.24 9.47
CA ASP B 288 10.91 -29.47 8.03
C ASP B 288 12.00 -30.43 7.54
N GLY B 289 11.68 -31.71 7.45
CA GLY B 289 12.60 -32.66 6.89
C GLY B 289 13.38 -33.42 7.94
N LEU B 290 14.42 -34.10 7.47
CA LEU B 290 15.27 -34.89 8.34
C LEU B 290 16.63 -34.24 8.57
N ARG B 291 16.83 -33.01 8.07
CA ARG B 291 18.13 -32.37 8.21
C ARG B 291 18.49 -32.11 9.67
N GLY B 292 17.51 -31.73 10.48
CA GLY B 292 17.77 -31.55 11.90
C GLY B 292 18.19 -32.84 12.58
N ASP B 293 17.59 -33.96 12.18
CA ASP B 293 17.99 -35.25 12.72
C ASP B 293 19.46 -35.53 12.42
N ILE B 294 19.90 -35.18 11.20
CA ILE B 294 21.28 -35.48 10.81
C ILE B 294 22.26 -34.57 11.51
N VAL B 295 21.95 -33.27 11.58
CA VAL B 295 22.90 -32.33 12.15
C VAL B 295 23.10 -32.60 13.63
N THR B 296 22.01 -32.81 14.38
CA THR B 296 22.16 -33.14 15.79
C THR B 296 23.02 -34.38 16.00
N ASN B 297 22.87 -35.38 15.14
CA ASN B 297 23.68 -36.58 15.28
C ASN B 297 25.14 -36.31 14.95
N ARG B 298 25.41 -35.59 13.86
CA ARG B 298 26.79 -35.30 13.51
C ARG B 298 27.43 -34.37 14.55
N ALA B 299 26.64 -33.47 15.14
CA ALA B 299 27.15 -32.58 16.16
C ALA B 299 27.43 -33.32 17.46
N ALA B 300 26.52 -34.20 17.88
CA ALA B 300 26.73 -34.94 19.11
C ALA B 300 27.98 -35.81 19.03
N LYS B 301 28.20 -36.47 17.90
CA LYS B 301 29.43 -37.25 17.74
C LYS B 301 30.66 -36.35 17.76
N ALA B 302 30.58 -35.19 17.11
CA ALA B 302 31.75 -34.29 17.07
C ALA B 302 32.07 -33.74 18.45
N LEU B 303 31.04 -33.46 19.26
CA LEU B 303 31.29 -32.97 20.61
C LEU B 303 31.91 -34.07 21.47
N ALA B 304 31.35 -35.28 21.39
CA ALA B 304 31.93 -36.40 22.11
C ALA B 304 33.36 -36.68 21.65
N ALA B 305 33.64 -36.55 20.36
CA ALA B 305 35.00 -36.73 19.88
C ALA B 305 35.92 -35.65 20.44
N PHE B 306 35.45 -34.42 20.50
CA PHE B 306 36.25 -33.33 21.02
C PHE B 306 36.75 -33.64 22.42
N GLU B 307 35.89 -34.24 23.24
CA GLU B 307 36.22 -34.55 24.61
C GLU B 307 36.86 -35.92 24.78
N GLY B 308 37.39 -36.49 23.69
CA GLY B 308 38.15 -37.72 23.81
C GLY B 308 37.32 -38.93 24.18
N ARG B 309 36.06 -38.98 23.75
CA ARG B 309 35.16 -40.09 24.01
C ARG B 309 34.60 -40.63 22.69
N THR B 310 34.15 -41.88 22.73
CA THR B 310 33.60 -42.53 21.54
C THR B 310 32.13 -42.91 21.66
N GLU B 311 31.45 -42.57 22.76
CA GLU B 311 30.03 -42.86 22.93
C GLU B 311 29.27 -41.57 23.20
N VAL B 312 28.32 -41.24 22.32
CA VAL B 312 27.52 -40.03 22.51
C VAL B 312 26.69 -40.15 23.79
N THR B 313 26.66 -39.09 24.57
CA THR B 313 25.99 -39.07 25.85
C THR B 313 24.80 -38.12 25.80
N VAL B 314 23.81 -38.36 26.68
CA VAL B 314 22.65 -37.47 26.73
C VAL B 314 23.09 -36.02 26.96
N ASP B 315 24.11 -35.81 27.78
CA ASP B 315 24.62 -34.45 27.97
C ASP B 315 25.30 -33.93 26.71
N ASP B 316 25.95 -34.79 25.92
CA ASP B 316 26.49 -34.35 24.65
C ASP B 316 25.39 -33.81 23.75
N ILE B 317 24.29 -34.56 23.62
CA ILE B 317 23.17 -34.10 22.82
C ILE B 317 22.58 -32.83 23.40
N SER B 318 22.54 -32.74 24.74
CA SER B 318 21.94 -31.57 25.39
C SER B 318 22.65 -30.28 24.99
N ARG B 319 23.98 -30.33 24.88
CA ARG B 319 24.76 -29.13 24.63
C ARG B 319 24.79 -28.71 23.16
N VAL B 320 24.29 -29.54 22.24
CA VAL B 320 24.26 -29.18 20.82
C VAL B 320 22.86 -29.07 20.25
N ILE B 321 21.83 -29.54 20.96
CA ILE B 321 20.53 -29.69 20.32
C ILE B 321 19.87 -28.34 20.07
N VAL B 322 20.15 -27.33 20.89
CA VAL B 322 19.59 -26.01 20.64
C VAL B 322 20.27 -25.35 19.45
N LEU B 323 21.60 -25.50 19.35
CA LEU B 323 22.31 -25.01 18.16
C LEU B 323 21.75 -25.62 16.88
N CYS B 324 21.29 -26.87 16.93
CA CYS B 324 20.91 -27.59 15.73
C CYS B 324 19.46 -27.38 15.31
N LEU B 325 18.56 -27.08 16.25
CA LEU B 325 17.14 -27.12 15.94
C LEU B 325 16.39 -25.80 16.11
N ARG B 326 16.96 -24.77 16.74
CA ARG B 326 16.14 -23.59 17.03
C ARG B 326 15.80 -22.80 15.78
N HIS B 327 16.62 -22.86 14.74
CA HIS B 327 16.26 -22.21 13.49
C HIS B 327 15.49 -23.15 12.57
N ARG B 328 15.12 -24.34 13.07
CA ARG B 328 14.33 -25.31 12.33
C ARG B 328 12.92 -25.45 12.88
N LEU B 329 12.52 -24.56 13.79
CA LEU B 329 11.19 -24.62 14.38
C LEU B 329 10.11 -24.21 13.39
N ARG B 330 8.97 -24.87 13.50
CA ARG B 330 7.72 -24.42 12.89
C ARG B 330 6.72 -24.21 14.02
N LYS B 331 6.91 -23.13 14.78
CA LYS B 331 6.05 -22.85 15.92
C LYS B 331 4.91 -21.92 15.53
N ASP B 332 3.77 -22.10 16.20
CA ASP B 332 2.62 -21.24 15.96
C ASP B 332 2.93 -19.82 16.41
N PRO B 333 2.40 -18.80 15.71
CA PRO B 333 2.60 -17.41 16.16
C PRO B 333 1.90 -17.09 17.48
N LEU B 334 0.99 -17.95 17.94
CA LEU B 334 0.34 -17.78 19.24
C LEU B 334 1.25 -18.07 20.43
N GLU B 335 2.52 -18.40 20.20
CA GLU B 335 3.43 -18.79 21.28
C GLU B 335 4.46 -17.68 21.48
N SER B 336 4.46 -17.10 22.67
CA SER B 336 5.54 -16.18 23.07
C SER B 336 6.80 -16.84 23.65
N ILE B 337 6.96 -18.13 23.35
CA ILE B 337 8.07 -18.93 23.84
C ILE B 337 9.33 -18.80 22.99
N ASP B 338 10.47 -18.62 23.63
CA ASP B 338 11.73 -18.54 22.91
C ASP B 338 11.96 -19.82 22.13
N SER B 339 12.42 -19.67 20.89
CA SER B 339 12.63 -20.82 20.02
C SER B 339 13.70 -21.75 20.61
N GLY B 340 14.84 -21.21 20.98
CA GLY B 340 15.87 -22.01 21.63
C GLY B 340 15.39 -22.58 22.96
N SER B 341 14.54 -21.84 23.67
CA SER B 341 14.02 -22.35 24.94
C SER B 341 12.99 -23.45 24.72
N LYS B 342 12.25 -23.40 23.60
CA LYS B 342 11.29 -24.47 23.31
C LYS B 342 12.01 -25.78 23.06
N VAL B 343 13.16 -25.72 22.39
CA VAL B 343 13.95 -26.91 22.10
C VAL B 343 14.44 -27.55 23.38
N GLU B 344 14.90 -26.74 24.33
CA GLU B 344 15.36 -27.29 25.61
C GLU B 344 14.23 -28.01 26.35
N LYS B 345 13.03 -27.42 26.35
CA LYS B 345 11.91 -28.03 27.06
C LYS B 345 11.51 -29.36 26.44
N VAL B 346 11.41 -29.41 25.11
CA VAL B 346 11.02 -30.66 24.47
C VAL B 346 12.13 -31.69 24.57
N PHE B 347 13.40 -31.25 24.49
CA PHE B 347 14.49 -32.19 24.68
C PHE B 347 14.43 -32.83 26.05
N LYS B 348 14.24 -32.00 27.08
CA LYS B 348 14.17 -32.53 28.45
C LYS B 348 13.01 -33.49 28.59
N ARG B 349 11.89 -33.21 27.91
CA ARG B 349 10.72 -34.08 28.01
C ARG B 349 11.00 -35.45 27.40
N VAL B 350 11.45 -35.47 26.13
CA VAL B 350 11.65 -36.72 25.42
C VAL B 350 12.69 -37.59 26.12
N PHE B 351 13.79 -36.98 26.56
CA PHE B 351 14.85 -37.76 27.19
C PHE B 351 14.64 -37.99 28.67
N GLY B 352 13.74 -37.25 29.33
CA GLY B 352 13.54 -37.48 30.74
C GLY B 352 14.71 -36.98 31.56
N VAL B 353 14.98 -35.68 31.51
CA VAL B 353 16.10 -35.09 32.21
C VAL B 353 15.60 -34.48 33.52
N VAL B 354 16.24 -34.88 34.62
CA VAL B 354 15.83 -34.49 35.96
C VAL B 354 16.34 -33.10 36.33
N VAL C 14 35.16 36.56 10.99
CA VAL C 14 35.07 36.30 12.42
C VAL C 14 33.68 35.76 12.76
N VAL C 15 33.65 34.87 13.75
CA VAL C 15 32.46 34.11 14.11
C VAL C 15 32.16 34.34 15.59
N PHE C 16 30.88 34.15 15.95
CA PHE C 16 30.40 34.31 17.31
C PHE C 16 31.27 33.49 18.27
N PRO C 17 31.77 34.09 19.35
CA PRO C 17 32.70 33.36 20.23
C PRO C 17 32.01 32.26 21.02
N PHE C 18 32.69 31.11 21.11
CA PHE C 18 32.13 29.92 21.76
C PHE C 18 31.72 30.22 23.20
N THR C 19 32.54 30.98 23.93
CA THR C 19 32.26 31.23 25.34
C THR C 19 31.05 32.13 25.54
N ALA C 20 30.49 32.70 24.48
CA ALA C 20 29.31 33.55 24.60
C ALA C 20 28.01 32.79 24.39
N ILE C 21 28.08 31.60 23.78
CA ILE C 21 26.88 30.80 23.58
C ILE C 21 26.30 30.43 24.93
N VAL C 22 25.02 30.75 25.13
CA VAL C 22 24.35 30.55 26.41
C VAL C 22 23.24 29.52 26.21
N GLY C 23 23.03 28.67 27.22
CA GLY C 23 21.89 27.79 27.21
C GLY C 23 22.04 26.49 26.45
N GLN C 24 23.24 26.11 26.05
CA GLN C 24 23.46 24.85 25.35
C GLN C 24 24.46 23.96 26.06
N ASP C 25 24.45 24.01 27.40
CA ASP C 25 25.50 23.39 28.19
C ASP C 25 25.76 21.93 27.84
N GLU C 26 24.70 21.14 27.61
CA GLU C 26 24.90 19.73 27.27
C GLU C 26 25.61 19.57 25.94
N MET C 27 25.29 20.39 24.95
CA MET C 27 25.98 20.22 23.68
C MET C 27 27.41 20.75 23.72
N LYS C 28 27.63 21.85 24.46
CA LYS C 28 28.99 22.34 24.65
C LYS C 28 29.83 21.34 25.44
N LEU C 29 29.22 20.62 26.39
CA LEU C 29 29.97 19.59 27.09
C LEU C 29 30.35 18.45 26.15
N ALA C 30 29.38 17.97 25.35
CA ALA C 30 29.66 16.88 24.43
C ALA C 30 30.74 17.26 23.42
N LEU C 31 30.70 18.48 22.92
CA LEU C 31 31.70 18.90 21.94
C LEU C 31 33.08 19.05 22.58
N LEU C 32 33.14 19.63 23.78
CA LEU C 32 34.44 19.85 24.40
C LEU C 32 35.16 18.54 24.69
N LEU C 33 34.42 17.53 25.17
CA LEU C 33 35.05 16.24 25.47
C LEU C 33 35.56 15.56 24.22
N ASN C 34 34.84 15.70 23.10
CA ASN C 34 35.31 15.09 21.86
C ASN C 34 36.57 15.78 21.36
N VAL C 35 36.65 17.10 21.54
CA VAL C 35 37.87 17.83 21.20
C VAL C 35 39.04 17.36 22.04
N ILE C 36 38.77 16.95 23.29
CA ILE C 36 39.85 16.50 24.18
C ILE C 36 40.26 15.09 23.85
N ASP C 37 39.30 14.21 23.59
CA ASP C 37 39.53 12.80 23.28
C ASP C 37 38.67 12.44 22.09
N PRO C 38 39.18 12.64 20.86
CA PRO C 38 38.37 12.34 19.67
C PRO C 38 38.01 10.88 19.54
N LYS C 39 38.72 9.97 20.21
CA LYS C 39 38.35 8.55 20.16
C LYS C 39 37.03 8.27 20.84
N ILE C 40 36.35 9.29 21.38
CA ILE C 40 35.04 9.09 21.98
C ILE C 40 34.04 8.66 20.91
N GLY C 41 34.17 9.20 19.69
CA GLY C 41 33.39 8.69 18.58
C GLY C 41 32.40 9.65 17.97
N GLY C 42 32.49 10.93 18.30
CA GLY C 42 31.62 11.92 17.73
C GLY C 42 30.38 12.19 18.54
N VAL C 43 29.63 13.21 18.09
CA VAL C 43 28.41 13.67 18.76
C VAL C 43 27.27 13.65 17.75
N MET C 44 26.15 13.08 18.17
CA MET C 44 24.91 13.18 17.43
C MET C 44 24.07 14.26 18.11
N ILE C 45 23.77 15.33 17.38
CA ILE C 45 23.07 16.48 17.93
C ILE C 45 21.62 16.40 17.46
N MET C 46 20.72 16.08 18.37
CA MET C 46 19.30 15.96 18.07
C MET C 46 18.71 17.06 18.94
N GLY C 47 18.74 18.28 18.41
CA GLY C 47 18.12 19.40 19.07
C GLY C 47 16.87 19.72 18.29
N ASP C 48 15.71 19.43 18.88
CA ASP C 48 14.43 19.62 18.18
C ASP C 48 14.08 21.11 18.10
N ARG C 49 15.10 21.97 18.25
CA ARG C 49 14.89 23.40 18.22
C ARG C 49 15.99 24.06 17.40
N GLY C 50 15.62 25.09 16.65
CA GLY C 50 16.56 25.85 15.85
C GLY C 50 17.35 26.82 16.69
N THR C 51 18.65 26.56 16.86
CA THR C 51 19.50 27.40 17.71
C THR C 51 20.86 27.70 17.10
N GLY C 52 21.09 27.37 15.83
CA GLY C 52 22.37 27.70 15.23
C GLY C 52 23.40 26.62 15.49
N LYS C 53 23.04 25.37 15.19
CA LYS C 53 23.95 24.26 15.45
C LYS C 53 25.22 24.40 14.64
N SER C 54 25.09 24.85 13.39
CA SER C 54 26.27 25.02 12.53
C SER C 54 27.24 26.05 13.10
N THR C 55 26.71 27.15 13.66
CA THR C 55 27.60 28.22 14.10
C THR C 55 28.30 27.91 15.43
N THR C 56 27.70 27.09 16.30
CA THR C 56 28.41 26.69 17.52
C THR C 56 29.65 25.87 17.18
N ILE C 57 29.52 24.98 16.18
CA ILE C 57 30.66 24.16 15.80
C ILE C 57 31.73 25.02 15.16
N ARG C 58 31.34 26.06 14.41
CA ARG C 58 32.33 27.01 13.91
C ARG C 58 32.98 27.76 15.05
N ALA C 59 32.21 28.13 16.07
CA ALA C 59 32.76 28.81 17.24
C ALA C 59 33.78 27.94 17.95
N LEU C 60 33.51 26.64 18.04
CA LEU C 60 34.44 25.73 18.69
C LEU C 60 35.72 25.56 17.88
N ALA C 61 35.60 25.52 16.55
CA ALA C 61 36.79 25.45 15.71
C ALA C 61 37.66 26.69 15.85
N ASP C 62 37.04 27.88 15.74
CA ASP C 62 37.81 29.12 15.85
C ASP C 62 38.56 29.22 17.17
N LEU C 63 38.13 28.47 18.18
CA LEU C 63 38.70 28.55 19.52
C LEU C 63 39.94 27.68 19.67
N LEU C 64 40.02 26.57 18.94
CA LEU C 64 41.15 25.65 19.08
C LEU C 64 42.43 26.27 18.49
N PRO C 65 43.60 25.84 18.98
CA PRO C 65 44.87 26.35 18.48
C PRO C 65 45.36 25.63 17.23
N GLU C 66 46.12 26.31 16.40
CA GLU C 66 47.16 25.81 15.51
C GLU C 66 47.16 25.92 14.04
N LYS C 105 45.24 27.87 10.76
CA LYS C 105 44.60 27.65 12.03
C LYS C 105 43.96 26.30 12.00
N VAL C 106 42.75 26.17 12.54
CA VAL C 106 42.03 24.90 12.53
C VAL C 106 41.17 24.75 11.32
N THR C 107 40.29 23.77 11.29
CA THR C 107 39.60 23.58 10.02
C THR C 107 38.28 22.86 10.19
N MET C 108 37.20 23.46 9.71
CA MET C 108 35.87 22.87 9.82
C MET C 108 35.30 22.53 8.44
N VAL C 109 35.04 21.25 8.21
CA VAL C 109 34.49 20.80 6.94
C VAL C 109 32.99 20.60 7.15
N ASP C 110 32.19 21.12 6.22
CA ASP C 110 30.74 21.01 6.31
C ASP C 110 30.18 20.22 5.13
N LEU C 111 29.83 18.96 5.37
CA LEU C 111 29.27 18.11 4.33
C LEU C 111 27.87 18.55 3.94
N PRO C 112 27.59 18.57 2.57
CA PRO C 112 26.23 19.00 2.25
C PRO C 112 25.32 17.80 1.97
N LEU C 113 24.04 18.09 1.75
CA LEU C 113 23.06 17.04 1.47
C LEU C 113 23.55 16.10 0.37
N GLY C 114 24.10 16.68 -0.70
CA GLY C 114 24.61 15.90 -1.80
C GLY C 114 26.04 15.44 -1.59
N ALA C 115 26.20 14.35 -0.85
CA ALA C 115 27.52 13.80 -0.56
C ALA C 115 28.21 13.34 -1.84
N THR C 116 29.54 13.19 -1.77
CA THR C 116 30.32 12.75 -2.91
C THR C 116 30.73 11.29 -2.76
N GLU C 117 31.88 10.94 -3.35
CA GLU C 117 32.39 9.58 -3.27
C GLU C 117 33.81 9.55 -2.72
N ASP C 118 34.13 10.51 -1.87
CA ASP C 118 35.45 10.60 -1.26
C ASP C 118 35.43 11.44 0.01
N ALA C 145 40.87 18.01 6.16
CA ALA C 145 39.68 17.49 6.83
C ALA C 145 40.04 16.79 8.15
N ASN C 146 41.08 15.97 8.14
CA ASN C 146 41.51 15.30 9.36
C ASN C 146 42.14 16.31 10.32
N ARG C 147 42.27 15.90 11.58
CA ARG C 147 42.70 16.77 12.67
C ARG C 147 41.90 18.07 12.70
N GLY C 148 40.64 17.99 12.27
CA GLY C 148 39.72 19.11 12.26
C GLY C 148 38.35 18.65 12.72
N ILE C 149 37.30 19.26 12.22
CA ILE C 149 35.93 18.92 12.59
C ILE C 149 35.12 18.71 11.33
N LEU C 150 34.28 17.68 11.34
CA LEU C 150 33.44 17.32 10.20
C LEU C 150 31.99 17.32 10.66
N TYR C 151 31.19 18.20 10.08
CA TYR C 151 29.81 18.42 10.48
C TYR C 151 28.88 17.86 9.40
N VAL C 152 28.06 16.88 9.76
CA VAL C 152 27.06 16.33 8.85
C VAL C 152 25.70 16.89 9.27
N ASP C 153 25.25 17.94 8.59
CA ASP C 153 24.07 18.69 9.03
C ASP C 153 22.81 17.83 9.00
N GLU C 154 22.68 16.95 8.00
CA GLU C 154 21.51 16.09 7.84
C GLU C 154 22.02 14.67 7.62
N VAL C 155 22.30 13.98 8.72
CA VAL C 155 22.85 12.63 8.64
C VAL C 155 21.71 11.63 8.40
N ASN C 156 20.57 12.13 7.93
CA ASN C 156 19.49 11.27 7.48
C ASN C 156 19.67 10.94 6.00
N LEU C 157 19.84 11.97 5.17
CA LEU C 157 20.15 11.76 3.77
C LEU C 157 21.57 11.26 3.60
N LEU C 158 21.83 10.65 2.44
CA LEU C 158 23.14 10.09 2.11
C LEU C 158 23.62 9.15 3.21
N ASP C 159 22.72 8.27 3.67
CA ASP C 159 22.97 7.45 4.85
C ASP C 159 23.34 6.01 4.52
N ASP C 160 22.94 5.51 3.35
CA ASP C 160 23.17 4.11 3.02
C ASP C 160 24.63 3.71 3.24
N HIS C 161 25.54 4.48 2.68
CA HIS C 161 26.96 4.15 2.81
C HIS C 161 27.80 5.34 3.21
N LEU C 162 27.48 6.55 2.75
CA LEU C 162 28.28 7.73 3.07
C LEU C 162 28.36 7.93 4.58
N VAL C 163 27.23 7.80 5.27
CA VAL C 163 27.24 7.83 6.73
C VAL C 163 28.05 6.68 7.29
N ASP C 164 27.93 5.50 6.67
CA ASP C 164 28.70 4.35 7.14
C ASP C 164 30.20 4.62 7.02
N VAL C 165 30.62 5.27 5.92
CA VAL C 165 32.04 5.50 5.69
C VAL C 165 32.61 6.48 6.71
N LEU C 166 31.84 7.51 7.06
CA LEU C 166 32.34 8.54 7.98
C LEU C 166 32.59 7.98 9.37
N LEU C 167 31.68 7.14 9.86
CA LEU C 167 31.85 6.52 11.18
C LEU C 167 33.10 5.65 11.23
N ASP C 168 33.50 5.10 10.08
CA ASP C 168 34.70 4.27 10.05
C ASP C 168 35.95 5.12 10.18
N SER C 169 36.03 6.21 9.42
CA SER C 169 37.20 7.07 9.44
C SER C 169 37.41 7.72 10.82
N ALA C 170 36.42 7.71 11.69
CA ALA C 170 36.56 8.30 13.00
C ALA C 170 36.86 7.26 14.07
N ARG C 189 41.60 10.56 11.46
CA ARG C 189 41.15 10.87 12.81
C ARG C 189 40.67 12.31 12.93
N PHE C 190 39.38 12.48 13.23
CA PHE C 190 38.75 13.79 13.29
C PHE C 190 37.53 13.70 14.19
N VAL C 191 36.99 14.87 14.56
CA VAL C 191 35.82 14.93 15.43
C VAL C 191 34.58 14.93 14.54
N LEU C 192 33.89 13.81 14.50
CA LEU C 192 32.65 13.69 13.76
C LEU C 192 31.54 14.40 14.52
N VAL C 193 30.79 15.25 13.83
CA VAL C 193 29.62 15.90 14.41
C VAL C 193 28.49 15.77 13.40
N GLY C 194 27.36 15.25 13.84
CA GLY C 194 26.21 15.11 12.99
C GLY C 194 24.97 15.65 13.65
N SER C 195 24.05 16.15 12.82
CA SER C 195 22.75 16.59 13.28
C SER C 195 21.70 15.91 12.41
N GLY C 196 20.52 15.68 12.98
CA GLY C 196 19.47 15.01 12.24
C GLY C 196 18.13 15.65 12.52
N ASN C 197 17.16 15.38 11.66
CA ASN C 197 15.87 15.96 11.86
C ASN C 197 14.87 14.84 12.15
N PRO C 198 14.06 14.91 13.20
CA PRO C 198 12.98 13.92 13.34
C PRO C 198 11.91 14.11 12.28
N GLU C 199 11.23 13.01 11.97
CA GLU C 199 10.16 12.90 10.98
C GLU C 199 10.66 13.05 9.56
N GLU C 202 14.24 9.31 11.60
CA GLU C 202 15.27 8.94 12.58
C GLU C 202 16.28 7.99 11.96
N LEU C 203 17.56 8.25 12.21
CA LEU C 203 18.64 7.41 11.69
C LEU C 203 18.42 5.95 12.06
N ARG C 204 19.11 5.06 11.34
CA ARG C 204 18.99 3.63 11.58
C ARG C 204 19.37 3.29 13.03
N PRO C 205 18.45 2.51 13.73
CA PRO C 205 18.86 2.20 15.11
C PRO C 205 20.24 1.57 15.17
N GLN C 206 20.73 1.08 14.03
CA GLN C 206 22.04 0.45 13.96
C GLN C 206 23.15 1.45 13.65
N LEU C 207 22.82 2.59 13.03
CA LEU C 207 23.82 3.60 12.70
C LEU C 207 23.85 4.75 13.71
N LEU C 208 22.96 4.77 14.69
CA LEU C 208 23.00 5.76 15.75
C LEU C 208 23.83 5.25 16.92
N ASP C 209 23.81 3.94 17.16
CA ASP C 209 24.65 3.33 18.18
C ASP C 209 26.13 3.58 17.91
N ARG C 210 26.50 3.86 16.66
CA ARG C 210 27.89 4.05 16.29
C ARG C 210 28.39 5.46 16.60
N PHE C 211 27.49 6.37 16.96
CA PHE C 211 27.87 7.69 17.42
C PHE C 211 28.28 7.65 18.89
N GLY C 212 29.37 8.35 19.21
CA GLY C 212 29.89 8.38 20.56
C GLY C 212 28.89 8.85 21.59
N MET C 213 28.42 10.10 21.47
CA MET C 213 27.51 10.69 22.42
C MET C 213 26.28 11.26 21.71
N HIS C 214 25.21 11.39 22.47
CA HIS C 214 23.93 11.91 21.97
C HIS C 214 23.51 13.10 22.83
N ALA C 215 23.77 14.31 22.32
CA ALA C 215 23.42 15.55 23.00
C ALA C 215 22.16 16.12 22.40
N GLU C 216 21.16 16.40 23.23
CA GLU C 216 19.92 17.01 22.76
C GLU C 216 19.92 18.50 23.12
N ILE C 217 19.43 19.32 22.19
CA ILE C 217 19.35 20.77 22.39
C ILE C 217 17.89 21.11 22.70
N ARG C 218 17.66 21.74 23.85
CA ARG C 218 16.36 22.26 24.21
C ARG C 218 16.44 23.78 24.28
N THR C 219 15.47 24.45 23.66
CA THR C 219 15.48 25.92 23.63
C THR C 219 15.27 26.51 25.02
N VAL C 220 16.04 27.57 25.31
CA VAL C 220 16.08 28.16 26.64
C VAL C 220 14.67 28.57 27.08
N ARG C 221 14.31 28.20 28.30
CA ARG C 221 12.97 28.46 28.82
C ARG C 221 12.91 29.66 29.78
N GLU C 222 14.04 30.16 30.25
CA GLU C 222 14.04 31.33 31.12
C GLU C 222 13.79 32.57 30.28
N PRO C 223 12.69 33.29 30.50
CA PRO C 223 12.38 34.42 29.60
C PRO C 223 13.50 35.44 29.51
N GLU C 224 14.05 35.88 30.64
CA GLU C 224 15.09 36.90 30.59
C GLU C 224 16.36 36.40 29.92
N LEU C 225 16.54 35.07 29.84
CA LEU C 225 17.67 34.51 29.11
C LEU C 225 17.44 34.56 27.60
N ARG C 226 16.22 34.23 27.17
CA ARG C 226 15.88 34.31 25.75
C ARG C 226 16.12 35.71 25.21
N VAL C 227 15.71 36.73 25.97
CA VAL C 227 15.93 38.11 25.52
C VAL C 227 17.43 38.38 25.39
N LYS C 228 18.22 37.86 26.33
CA LYS C 228 19.66 38.12 26.32
C LYS C 228 20.32 37.50 25.09
N ILE C 229 19.90 36.29 24.71
CA ILE C 229 20.45 35.66 23.52
C ILE C 229 20.18 36.52 22.28
N VAL C 230 18.92 36.93 22.11
CA VAL C 230 18.57 37.75 20.94
C VAL C 230 19.35 39.06 20.97
N GLU C 231 19.41 39.70 22.14
CA GLU C 231 20.14 40.96 22.24
C GLU C 231 21.61 40.76 21.93
N GLN C 232 22.14 39.57 22.23
CA GLN C 232 23.52 39.27 21.91
C GLN C 232 23.71 39.05 20.41
N ARG C 233 22.71 38.48 19.73
CA ARG C 233 22.85 38.20 18.31
C ARG C 233 22.92 39.49 17.49
N THR C 234 21.99 40.42 17.74
CA THR C 234 22.01 41.66 16.98
C THR C 234 23.21 42.52 17.36
N GLU C 235 23.59 42.51 18.64
CA GLU C 235 24.78 43.24 19.06
C GLU C 235 26.02 42.70 18.37
N PHE C 236 26.07 41.40 18.12
CA PHE C 236 27.20 40.82 17.41
C PHE C 236 27.14 41.15 15.93
N ASP C 237 25.93 41.15 15.35
CA ASP C 237 25.80 41.50 13.94
C ASP C 237 26.20 42.94 13.68
N GLN C 238 25.91 43.83 14.64
CA GLN C 238 26.21 45.25 14.45
C GLN C 238 27.69 45.56 14.66
N ASN C 239 28.32 44.98 15.69
CA ASN C 239 29.70 45.28 16.04
C ASN C 239 30.43 43.99 16.41
N PRO C 240 30.87 43.22 15.42
CA PRO C 240 31.56 41.96 15.75
C PRO C 240 32.81 42.13 16.60
N HIS C 241 33.73 43.01 16.20
CA HIS C 241 35.02 43.08 16.87
C HIS C 241 34.91 43.61 18.30
N PRO C 242 34.06 44.62 18.59
CA PRO C 242 33.84 44.97 20.01
C PRO C 242 33.21 43.84 20.82
N PHE C 243 32.43 42.97 20.18
CA PHE C 243 31.84 41.85 20.90
C PHE C 243 32.90 40.78 21.20
N CYS C 244 33.62 40.33 20.16
CA CYS C 244 34.65 39.31 20.35
C CYS C 244 35.72 39.74 21.34
N ASP C 245 36.05 41.04 21.36
CA ASP C 245 37.04 41.51 22.32
C ASP C 245 36.49 41.45 23.73
N GLN C 246 35.19 41.65 23.89
CA GLN C 246 34.55 41.54 25.20
C GLN C 246 34.70 40.16 25.79
N TYR C 247 34.87 39.14 24.94
CA TYR C 247 35.04 37.76 25.35
C TYR C 247 36.44 37.23 25.10
N GLN C 248 37.42 38.10 24.82
CA GLN C 248 38.69 37.61 24.32
C GLN C 248 39.47 36.84 25.39
N THR C 249 39.48 37.31 26.64
CA THR C 249 40.26 36.57 27.63
C THR C 249 39.55 35.29 28.06
N GLU C 250 38.23 35.28 28.09
CA GLU C 250 37.52 34.05 28.43
C GLU C 250 37.74 32.98 27.36
N GLN C 251 37.89 33.39 26.10
CA GLN C 251 38.26 32.45 25.05
C GLN C 251 39.64 31.89 25.28
N GLU C 252 40.57 32.73 25.75
CA GLU C 252 41.93 32.26 26.00
C GLU C 252 41.97 31.36 27.23
N ALA C 253 41.18 31.68 28.25
CA ALA C 253 41.11 30.82 29.43
C ALA C 253 40.56 29.44 29.08
N LEU C 254 39.48 29.39 28.28
CA LEU C 254 38.95 28.10 27.86
C LEU C 254 39.89 27.38 26.92
N GLN C 255 40.61 28.13 26.08
CA GLN C 255 41.54 27.50 25.15
C GLN C 255 42.66 26.79 25.89
N ALA C 256 43.17 27.41 26.96
CA ALA C 256 44.26 26.79 27.70
C ALA C 256 43.79 25.54 28.42
N LYS C 257 42.55 25.53 28.91
CA LYS C 257 42.04 24.34 29.59
C LYS C 257 41.95 23.16 28.63
N ILE C 258 41.59 23.43 27.37
CA ILE C 258 41.51 22.34 26.39
C ILE C 258 42.89 21.77 26.15
N VAL C 259 43.88 22.64 25.95
CA VAL C 259 45.25 22.17 25.75
C VAL C 259 45.73 21.39 26.97
N ASN C 260 45.48 21.93 28.17
CA ASN C 260 45.86 21.21 29.39
C ASN C 260 45.18 19.85 29.47
N ALA C 261 43.88 19.77 29.16
CA ALA C 261 43.19 18.50 29.27
C ALA C 261 43.75 17.47 28.29
N GLN C 262 44.03 17.89 27.05
CA GLN C 262 44.63 16.98 26.09
C GLN C 262 46.00 16.53 26.56
N ASN C 263 46.78 17.45 27.11
CA ASN C 263 48.13 17.12 27.55
C ASN C 263 48.12 16.23 28.79
N LEU C 264 47.08 16.34 29.62
CA LEU C 264 46.99 15.60 30.87
C LEU C 264 46.29 14.25 30.72
N LEU C 265 45.56 14.05 29.63
CA LEU C 265 44.74 12.84 29.48
C LEU C 265 45.49 11.52 29.72
N PRO C 266 46.73 11.31 29.26
CA PRO C 266 47.38 10.01 29.50
C PRO C 266 47.51 9.61 30.96
N GLN C 267 47.62 10.56 31.88
CA GLN C 267 47.76 10.21 33.28
C GLN C 267 46.42 9.99 33.98
N VAL C 268 45.30 10.22 33.32
CA VAL C 268 44.01 10.17 34.01
C VAL C 268 43.63 8.71 34.24
N THR C 269 43.34 8.37 35.48
CA THR C 269 42.97 7.01 35.84
C THR C 269 41.56 6.99 36.42
N ILE C 270 40.91 5.84 36.28
CA ILE C 270 39.61 5.58 36.86
C ILE C 270 39.71 4.33 37.73
N ASP C 271 39.18 4.41 38.96
CA ASP C 271 39.27 3.30 39.89
C ASP C 271 38.60 2.05 39.33
N TYR C 272 39.14 0.89 39.72
CA TYR C 272 38.59 -0.38 39.23
C TYR C 272 37.16 -0.58 39.71
N ASP C 273 36.87 -0.20 40.95
CA ASP C 273 35.50 -0.33 41.44
C ASP C 273 34.56 0.56 40.65
N TYR C 274 35.01 1.76 40.27
CA TYR C 274 34.19 2.60 39.40
C TYR C 274 34.02 1.95 38.02
N ARG C 275 35.11 1.48 37.43
CA ARG C 275 35.05 0.93 36.08
C ARG C 275 34.10 -0.26 36.00
N VAL C 276 34.02 -1.06 37.05
CA VAL C 276 33.08 -2.18 37.05
C VAL C 276 31.66 -1.68 37.21
N LYS C 277 31.46 -0.69 38.10
CA LYS C 277 30.11 -0.17 38.28
C LYS C 277 29.61 0.52 37.02
N VAL C 278 30.51 1.06 36.20
CA VAL C 278 30.11 1.60 34.91
C VAL C 278 29.61 0.47 34.02
N SER C 279 30.34 -0.65 33.98
CA SER C 279 29.91 -1.78 33.18
C SER C 279 28.61 -2.39 33.70
N GLU C 280 28.42 -2.40 35.03
CA GLU C 280 27.16 -2.89 35.58
C GLU C 280 25.99 -2.03 35.12
N VAL C 281 26.20 -0.71 35.01
CA VAL C 281 25.14 0.16 34.50
C VAL C 281 24.80 -0.18 33.05
N CYS C 282 25.83 -0.42 32.24
CA CYS C 282 25.61 -0.79 30.84
C CYS C 282 24.83 -2.10 30.72
N ALA C 283 25.14 -3.07 31.58
CA ALA C 283 24.46 -4.35 31.51
C ALA C 283 22.99 -4.22 31.88
N GLU C 284 22.69 -3.50 32.95
CA GLU C 284 21.30 -3.32 33.35
C GLU C 284 20.52 -2.49 32.33
N LEU C 285 21.22 -1.75 31.47
CA LEU C 285 20.60 -1.03 30.36
C LEU C 285 20.46 -1.86 29.10
N ASP C 286 20.96 -3.10 29.09
CA ASP C 286 20.91 -3.98 27.92
C ASP C 286 21.57 -3.33 26.70
N VAL C 287 22.76 -2.79 26.92
CA VAL C 287 23.50 -2.12 25.85
C VAL C 287 23.99 -3.15 24.84
N ASP C 288 23.95 -2.78 23.56
CA ASP C 288 24.37 -3.63 22.45
C ASP C 288 25.90 -3.56 22.34
N GLY C 289 26.58 -4.50 22.96
CA GLY C 289 28.03 -4.54 22.85
C GLY C 289 28.70 -3.86 24.03
N LEU C 290 30.00 -3.62 23.86
CA LEU C 290 30.81 -2.97 24.87
C LEU C 290 31.15 -1.53 24.51
N ARG C 291 30.61 -1.02 23.40
CA ARG C 291 30.95 0.32 22.96
C ARG C 291 30.51 1.37 23.97
N GLY C 292 29.35 1.17 24.61
CA GLY C 292 28.91 2.07 25.65
C GLY C 292 29.83 2.07 26.86
N ASP C 293 30.31 0.89 27.24
CA ASP C 293 31.26 0.79 28.35
C ASP C 293 32.52 1.59 28.06
N ILE C 294 33.00 1.56 26.81
CA ILE C 294 34.25 2.22 26.48
C ILE C 294 34.10 3.74 26.47
N VAL C 295 33.04 4.25 25.84
CA VAL C 295 32.91 5.70 25.72
C VAL C 295 32.69 6.33 27.08
N THR C 296 31.82 5.75 27.92
CA THR C 296 31.61 6.29 29.26
C THR C 296 32.93 6.38 30.01
N ASN C 297 33.81 5.40 29.83
CA ASN C 297 35.12 5.47 30.45
C ASN C 297 35.96 6.57 29.82
N ARG C 298 35.99 6.63 28.48
CA ARG C 298 36.82 7.66 27.84
C ARG C 298 36.27 9.05 28.14
N ALA C 299 34.95 9.19 28.20
CA ALA C 299 34.33 10.49 28.47
C ALA C 299 34.60 10.93 29.90
N ALA C 300 34.47 10.02 30.87
CA ALA C 300 34.72 10.37 32.26
C ALA C 300 36.16 10.81 32.46
N LYS C 301 37.11 10.13 31.83
CA LYS C 301 38.51 10.58 31.92
C LYS C 301 38.68 11.94 31.30
N ALA C 302 38.05 12.18 30.15
CA ALA C 302 38.21 13.47 29.47
C ALA C 302 37.63 14.60 30.30
N LEU C 303 36.53 14.35 31.01
CA LEU C 303 35.95 15.39 31.85
C LEU C 303 36.86 15.69 33.04
N ALA C 304 37.35 14.64 33.70
CA ALA C 304 38.27 14.85 34.81
C ALA C 304 39.54 15.58 34.34
N ALA C 305 40.05 15.24 33.16
CA ALA C 305 41.22 15.94 32.64
C ALA C 305 40.92 17.41 32.39
N PHE C 306 39.72 17.69 31.85
CA PHE C 306 39.31 19.06 31.61
C PHE C 306 39.34 19.89 32.89
N GLU C 307 38.93 19.28 34.00
CA GLU C 307 38.93 19.97 35.28
C GLU C 307 40.25 19.82 36.03
N GLY C 308 41.33 19.49 35.33
CA GLY C 308 42.65 19.51 35.93
C GLY C 308 42.89 18.45 36.97
N ARG C 309 42.25 17.29 36.83
CA ARG C 309 42.39 16.19 37.77
C ARG C 309 42.83 14.93 37.03
N THR C 310 43.44 14.01 37.76
CA THR C 310 43.94 12.76 37.18
C THR C 310 43.23 11.53 37.72
N GLU C 311 42.20 11.70 38.56
CA GLU C 311 41.41 10.59 39.08
C GLU C 311 39.93 10.85 38.80
N VAL C 312 39.31 9.93 38.05
CA VAL C 312 37.89 10.06 37.74
C VAL C 312 37.08 9.98 39.02
N THR C 313 36.08 10.85 39.13
CA THR C 313 35.24 10.97 40.31
C THR C 313 33.85 10.44 39.96
N VAL C 314 33.11 9.97 40.97
CA VAL C 314 31.76 9.49 40.72
C VAL C 314 30.93 10.56 40.04
N ASP C 315 31.12 11.82 40.43
CA ASP C 315 30.40 12.91 39.80
C ASP C 315 30.84 13.11 38.35
N ASP C 316 32.12 12.85 38.05
CA ASP C 316 32.57 12.91 36.65
C ASP C 316 31.78 11.95 35.78
N ILE C 317 31.59 10.72 36.26
CA ILE C 317 30.77 9.76 35.54
C ILE C 317 29.33 10.25 35.45
N SER C 318 28.85 10.90 36.52
CA SER C 318 27.47 11.36 36.56
C SER C 318 27.18 12.35 35.44
N ARG C 319 28.12 13.23 35.16
CA ARG C 319 27.85 14.31 34.21
C ARG C 319 27.96 13.89 32.76
N VAL C 320 28.46 12.69 32.47
CA VAL C 320 28.64 12.22 31.10
C VAL C 320 27.81 11.00 30.75
N ILE C 321 27.28 10.27 31.73
CA ILE C 321 26.78 8.93 31.43
C ILE C 321 25.51 8.98 30.58
N VAL C 322 24.69 10.02 30.74
CA VAL C 322 23.50 10.13 29.91
C VAL C 322 23.88 10.47 28.48
N LEU C 323 24.88 11.35 28.30
CA LEU C 323 25.38 11.62 26.96
C LEU C 323 25.82 10.34 26.27
N CYS C 324 26.39 9.40 27.04
CA CYS C 324 27.01 8.20 26.47
C CYS C 324 26.05 7.04 26.29
N LEU C 325 25.02 6.93 27.11
CA LEU C 325 24.24 5.69 27.13
C LEU C 325 22.77 5.86 26.75
N ARG C 326 22.23 7.07 26.66
CA ARG C 326 20.80 7.18 26.46
C ARG C 326 20.37 6.76 25.06
N HIS C 327 21.25 6.90 24.06
CA HIS C 327 20.95 6.44 22.71
C HIS C 327 21.41 5.00 22.47
N ARG C 328 21.85 4.32 23.52
CA ARG C 328 22.24 2.91 23.44
C ARG C 328 21.26 2.03 24.19
N LEU C 329 20.11 2.57 24.58
CA LEU C 329 19.10 1.84 25.32
C LEU C 329 18.41 0.78 24.47
N ARG C 330 18.07 -0.32 25.13
CA ARG C 330 17.13 -1.29 24.60
C ARG C 330 15.99 -1.42 25.62
N LYS C 331 15.13 -0.41 25.66
CA LYS C 331 13.99 -0.37 26.58
C LYS C 331 12.74 -0.89 25.88
N ASP C 332 11.85 -1.49 26.68
CA ASP C 332 10.60 -1.98 26.13
C ASP C 332 9.72 -0.82 25.66
N PRO C 333 8.97 -0.99 24.55
CA PRO C 333 8.05 0.07 24.12
C PRO C 333 6.88 0.29 25.07
N LEU C 334 6.64 -0.64 26.00
CA LEU C 334 5.61 -0.49 27.02
C LEU C 334 6.00 0.50 28.11
N GLU C 335 7.15 1.15 27.99
CA GLU C 335 7.66 2.07 29.00
C GLU C 335 7.49 3.50 28.50
N SER C 336 6.71 4.29 29.23
CA SER C 336 6.61 5.73 28.99
C SER C 336 7.72 6.59 29.59
N ILE C 337 8.82 5.93 29.96
CA ILE C 337 9.96 6.56 30.59
C ILE C 337 10.97 7.15 29.62
N ASP C 338 11.42 8.38 29.90
CA ASP C 338 12.45 9.01 29.09
C ASP C 338 13.71 8.16 29.11
N SER C 339 14.36 8.04 27.93
CA SER C 339 15.57 7.22 27.85
C SER C 339 16.68 7.82 28.71
N GLY C 340 16.90 9.13 28.59
CA GLY C 340 17.89 9.78 29.44
C GLY C 340 17.56 9.67 30.92
N SER C 341 16.27 9.67 31.26
CA SER C 341 15.89 9.53 32.66
C SER C 341 16.13 8.11 33.17
N LYS C 342 16.00 7.11 32.28
CA LYS C 342 16.28 5.73 32.68
C LYS C 342 17.74 5.54 33.04
N VAL C 343 18.64 6.18 32.28
CA VAL C 343 20.07 6.07 32.54
C VAL C 343 20.40 6.67 33.90
N GLU C 344 19.81 7.82 34.21
CA GLU C 344 20.01 8.44 35.52
C GLU C 344 19.50 7.53 36.63
N LYS C 345 18.37 6.87 36.39
CA LYS C 345 17.78 5.98 37.40
C LYS C 345 18.71 4.80 37.69
N VAL C 346 19.23 4.17 36.64
CA VAL C 346 20.09 3.00 36.82
C VAL C 346 21.46 3.41 37.36
N PHE C 347 21.97 4.57 36.93
CA PHE C 347 23.23 5.05 37.45
C PHE C 347 23.15 5.30 38.97
N LYS C 348 22.07 5.94 39.41
CA LYS C 348 21.92 6.27 40.83
C LYS C 348 21.89 5.01 41.68
N ARG C 349 21.24 3.95 41.18
CA ARG C 349 21.16 2.71 41.95
C ARG C 349 22.54 2.05 42.04
N VAL C 350 23.18 1.84 40.88
CA VAL C 350 24.41 1.06 40.82
C VAL C 350 25.51 1.72 41.67
N PHE C 351 25.65 3.03 41.57
CA PHE C 351 26.69 3.74 42.32
C PHE C 351 26.26 4.13 43.72
N GLY C 352 24.96 4.11 44.01
CA GLY C 352 24.44 4.46 45.31
C GLY C 352 24.50 5.96 45.60
N VAL C 353 23.84 6.74 44.77
CA VAL C 353 23.83 8.19 44.93
C VAL C 353 22.55 8.66 45.60
N VAL D 14 -5.24 48.08 -14.61
CA VAL D 14 -5.76 48.74 -13.43
C VAL D 14 -6.24 47.71 -12.42
N VAL D 15 -6.00 47.96 -11.14
CA VAL D 15 -6.29 47.00 -10.08
C VAL D 15 -7.17 47.62 -9.01
N PHE D 16 -7.99 46.77 -8.39
CA PHE D 16 -8.86 47.17 -7.30
C PHE D 16 -8.03 47.84 -6.21
N PRO D 17 -8.45 49.01 -5.70
CA PRO D 17 -7.63 49.73 -4.73
C PRO D 17 -7.58 49.04 -3.37
N PHE D 18 -6.37 49.00 -2.79
CA PHE D 18 -6.13 48.30 -1.53
C PHE D 18 -7.05 48.82 -0.43
N THR D 19 -7.23 50.14 -0.35
CA THR D 19 -8.00 50.73 0.74
C THR D 19 -9.49 50.45 0.64
N ALA D 20 -9.95 49.83 -0.45
CA ALA D 20 -11.35 49.47 -0.60
C ALA D 20 -11.64 48.04 -0.19
N ILE D 21 -10.62 47.20 -0.08
CA ILE D 21 -10.84 45.83 0.37
C ILE D 21 -11.41 45.84 1.78
N VAL D 22 -12.54 45.17 1.95
CA VAL D 22 -13.27 45.13 3.22
C VAL D 22 -13.26 43.70 3.73
N GLY D 23 -13.17 43.55 5.05
CA GLY D 23 -13.36 42.24 5.66
C GLY D 23 -12.14 41.35 5.71
N GLN D 24 -10.96 41.86 5.41
CA GLN D 24 -9.73 41.08 5.48
C GLN D 24 -8.71 41.66 6.46
N ASP D 25 -9.20 42.43 7.43
CA ASP D 25 -8.30 43.21 8.29
C ASP D 25 -7.06 42.49 8.78
N GLU D 26 -7.19 41.23 9.20
CA GLU D 26 -6.03 40.50 9.70
C GLU D 26 -4.98 40.31 8.62
N MET D 27 -5.40 40.04 7.38
CA MET D 27 -4.42 39.83 6.33
C MET D 27 -3.82 41.15 5.85
N LYS D 28 -4.63 42.22 5.80
CA LYS D 28 -4.07 43.52 5.44
C LYS D 28 -3.06 44.00 6.47
N LEU D 29 -3.26 43.68 7.75
CA LEU D 29 -2.31 44.04 8.77
C LEU D 29 -0.99 43.30 8.56
N ALA D 30 -1.06 41.98 8.31
CA ALA D 30 0.14 41.20 8.08
C ALA D 30 0.92 41.72 6.88
N LEU D 31 0.23 42.11 5.82
CA LEU D 31 0.92 42.58 4.63
C LEU D 31 1.55 43.95 4.86
N LEU D 32 0.83 44.85 5.52
CA LEU D 32 1.38 46.19 5.74
C LEU D 32 2.62 46.13 6.62
N LEU D 33 2.62 45.28 7.66
CA LEU D 33 3.77 45.18 8.53
C LEU D 33 4.98 44.60 7.81
N ASN D 34 4.76 43.68 6.88
CA ASN D 34 5.90 43.12 6.14
C ASN D 34 6.50 44.15 5.19
N VAL D 35 5.65 44.97 4.58
CA VAL D 35 6.14 46.05 3.74
C VAL D 35 6.94 47.05 4.55
N ILE D 36 6.59 47.23 5.81
CA ILE D 36 7.29 48.20 6.66
C ILE D 36 8.61 47.62 7.14
N ASP D 37 8.64 46.35 7.52
CA ASP D 37 9.85 45.67 7.94
C ASP D 37 9.87 44.29 7.31
N PRO D 38 10.44 44.17 6.11
CA PRO D 38 10.48 42.85 5.45
C PRO D 38 11.25 41.80 6.21
N LYS D 39 12.14 42.19 7.13
CA LYS D 39 12.87 41.21 7.93
C LYS D 39 11.97 40.42 8.87
N ILE D 40 10.66 40.66 8.85
CA ILE D 40 9.73 39.85 9.62
C ILE D 40 9.69 38.43 9.09
N GLY D 41 9.81 38.25 7.78
CA GLY D 41 9.98 36.93 7.21
C GLY D 41 8.89 36.41 6.31
N GLY D 42 7.98 37.27 5.86
CA GLY D 42 6.95 36.87 4.93
C GLY D 42 5.65 36.46 5.62
N VAL D 43 4.64 36.21 4.78
CA VAL D 43 3.28 35.89 5.23
C VAL D 43 2.83 34.59 4.58
N MET D 44 2.25 33.70 5.40
CA MET D 44 1.52 32.53 4.92
C MET D 44 0.03 32.84 5.00
N ILE D 45 -0.65 32.82 3.86
CA ILE D 45 -2.07 33.14 3.78
C ILE D 45 -2.86 31.85 3.59
N MET D 46 -3.57 31.44 4.63
CA MET D 46 -4.39 30.24 4.54
C MET D 46 -5.87 30.54 4.79
N THR D 51 -10.69 34.44 -0.80
CA THR D 51 -11.63 35.38 -1.38
C THR D 51 -10.97 36.26 -2.43
N GLY D 52 -9.77 35.87 -2.85
CA GLY D 52 -9.03 36.63 -3.85
C GLY D 52 -7.87 37.38 -3.26
N LYS D 53 -6.82 36.65 -2.89
CA LYS D 53 -5.62 37.26 -2.31
C LYS D 53 -4.64 37.69 -3.39
N SER D 54 -4.80 37.14 -4.59
CA SER D 54 -3.93 37.47 -5.70
C SER D 54 -4.02 38.96 -6.06
N THR D 55 -5.24 39.49 -6.03
CA THR D 55 -5.47 40.90 -6.35
C THR D 55 -5.22 41.78 -5.13
N THR D 56 -5.37 41.25 -3.92
CA THR D 56 -5.03 42.03 -2.73
C THR D 56 -3.54 42.35 -2.71
N ILE D 57 -2.71 41.39 -3.10
CA ILE D 57 -1.27 41.63 -3.09
C ILE D 57 -0.87 42.57 -4.22
N ARG D 58 -1.50 42.45 -5.39
CA ARG D 58 -1.25 43.46 -6.43
C ARG D 58 -1.78 44.81 -6.02
N ALA D 59 -2.91 44.86 -5.31
CA ALA D 59 -3.39 46.14 -4.79
C ALA D 59 -2.34 46.77 -3.88
N LEU D 60 -1.67 45.94 -3.07
CA LEU D 60 -0.61 46.42 -2.21
C LEU D 60 0.62 46.82 -3.02
N ALA D 61 0.92 46.07 -4.10
CA ALA D 61 2.03 46.45 -4.97
C ALA D 61 1.77 47.79 -5.64
N ASP D 62 0.57 47.96 -6.20
CA ASP D 62 0.21 49.22 -6.82
C ASP D 62 0.24 50.37 -5.82
N LEU D 63 0.11 50.07 -4.53
CA LEU D 63 0.02 51.10 -3.49
C LEU D 63 1.38 51.59 -3.02
N LEU D 64 2.41 50.76 -3.10
CA LEU D 64 3.73 51.15 -2.63
C LEU D 64 4.29 52.29 -3.47
N PRO D 65 5.23 53.06 -2.92
CA PRO D 65 5.78 54.21 -3.67
C PRO D 65 6.84 53.80 -4.68
N GLU D 66 7.66 54.77 -5.09
CA GLU D 66 8.79 54.55 -5.99
C GLU D 66 8.31 54.00 -7.32
N LYS D 104 11.04 53.11 -10.43
CA LYS D 104 9.80 52.60 -11.03
C LYS D 104 8.89 52.00 -9.97
N LYS D 105 7.63 51.78 -10.33
CA LYS D 105 6.70 51.16 -9.39
C LYS D 105 7.20 49.76 -9.03
N VAL D 106 6.80 49.30 -7.84
CA VAL D 106 7.23 48.00 -7.37
C VAL D 106 6.49 46.91 -8.15
N THR D 107 7.20 45.82 -8.44
CA THR D 107 6.72 44.73 -9.28
C THR D 107 6.39 43.53 -8.42
N MET D 108 5.24 42.92 -8.68
CA MET D 108 4.82 41.74 -7.97
C MET D 108 5.03 40.55 -8.90
N VAL D 109 5.69 39.52 -8.38
CA VAL D 109 6.17 38.38 -9.15
C VAL D 109 5.43 37.12 -8.74
N ASP D 110 4.99 36.35 -9.73
CA ASP D 110 4.25 35.11 -9.51
C ASP D 110 5.19 33.92 -9.72
N LEU D 111 5.11 32.92 -8.83
CA LEU D 111 5.93 31.73 -8.98
C LEU D 111 5.04 30.57 -9.40
N PRO D 112 4.82 30.34 -10.71
CA PRO D 112 3.92 29.26 -11.13
C PRO D 112 4.59 27.90 -11.27
N LEU D 113 5.92 27.85 -11.36
CA LEU D 113 6.61 26.58 -11.61
C LEU D 113 8.02 26.55 -11.04
N ALA D 145 13.55 39.85 -8.36
CA ALA D 145 12.40 40.34 -7.63
C ALA D 145 12.81 41.04 -6.33
N ASN D 146 14.00 41.64 -6.35
CA ASN D 146 14.52 42.34 -5.18
C ASN D 146 13.71 43.59 -4.88
N ARG D 147 13.61 43.92 -3.59
CA ARG D 147 12.86 45.10 -3.13
C ARG D 147 11.45 45.16 -3.73
N GLY D 148 10.73 44.05 -3.64
CA GLY D 148 9.37 43.98 -4.17
C GLY D 148 8.49 43.05 -3.38
N ILE D 149 7.75 42.19 -4.08
CA ILE D 149 6.85 41.25 -3.44
C ILE D 149 6.86 39.97 -4.26
N LEU D 150 6.94 38.83 -3.60
CA LEU D 150 6.95 37.52 -4.24
C LEU D 150 5.82 36.67 -3.67
N TYR D 151 4.88 36.29 -4.52
CA TYR D 151 3.70 35.53 -4.10
C TYR D 151 3.81 34.10 -4.61
N VAL D 152 3.92 33.15 -3.69
CA VAL D 152 4.00 31.74 -3.98
C VAL D 152 2.61 31.15 -3.74
N ASP D 153 1.82 30.98 -4.81
CA ASP D 153 0.41 30.65 -4.65
C ASP D 153 0.20 29.30 -3.97
N GLU D 154 1.05 28.32 -4.27
CA GLU D 154 0.87 26.97 -3.71
C GLU D 154 2.21 26.47 -3.18
N VAL D 155 2.55 26.87 -1.94
CA VAL D 155 3.81 26.44 -1.34
C VAL D 155 3.67 25.06 -0.69
N ASN D 156 2.60 24.34 -1.03
CA ASN D 156 2.48 22.96 -0.57
C ASN D 156 3.20 22.03 -1.51
N LEU D 157 2.97 22.23 -2.80
CA LEU D 157 3.77 21.64 -3.86
C LEU D 157 5.09 22.41 -3.94
N LEU D 158 5.91 22.09 -4.94
CA LEU D 158 7.27 22.64 -5.05
C LEU D 158 8.06 22.32 -3.78
N ASP D 159 8.53 21.07 -3.74
CA ASP D 159 9.08 20.41 -2.57
C ASP D 159 10.10 21.24 -1.81
N ASP D 160 10.37 20.82 -0.57
CA ASP D 160 11.18 21.55 0.39
C ASP D 160 12.43 22.21 -0.21
N HIS D 161 12.98 21.62 -1.26
CA HIS D 161 14.20 22.17 -1.87
C HIS D 161 13.96 23.59 -2.36
N LEU D 162 12.96 23.78 -3.23
CA LEU D 162 12.68 25.12 -3.75
C LEU D 162 12.18 26.05 -2.64
N VAL D 163 11.33 25.54 -1.75
CA VAL D 163 10.77 26.37 -0.68
C VAL D 163 11.86 26.85 0.27
N ASP D 164 12.84 25.98 0.58
CA ASP D 164 13.89 26.36 1.52
C ASP D 164 14.67 27.57 1.01
N VAL D 165 14.92 27.62 -0.30
CA VAL D 165 15.78 28.67 -0.86
C VAL D 165 15.13 30.05 -0.71
N LEU D 166 13.81 30.13 -0.89
CA LEU D 166 13.13 31.43 -0.85
C LEU D 166 13.18 32.05 0.55
N LEU D 167 13.02 31.24 1.59
CA LEU D 167 13.04 31.75 2.95
C LEU D 167 14.37 32.41 3.30
N ASP D 168 15.45 32.08 2.60
CA ASP D 168 16.73 32.71 2.87
C ASP D 168 16.71 34.18 2.47
N SER D 169 16.15 34.47 1.30
CA SER D 169 16.06 35.84 0.81
C SER D 169 15.38 36.75 1.83
N ALA D 170 14.58 36.16 2.70
CA ALA D 170 13.87 36.91 3.72
C ALA D 170 14.68 36.98 5.02
N ALA D 171 13.98 37.08 6.14
CA ALA D 171 14.64 37.16 7.45
C ALA D 171 15.57 38.37 7.52
N GLY D 172 16.61 38.25 8.33
CA GLY D 172 17.58 39.32 8.49
C GLY D 172 18.29 39.66 7.20
N ARG D 189 16.33 41.51 0.53
CA ARG D 189 15.21 41.84 1.41
C ARG D 189 13.96 42.17 0.59
N PHE D 190 12.93 41.35 0.71
CA PHE D 190 11.70 41.53 -0.05
C PHE D 190 10.56 40.88 0.73
N VAL D 191 9.33 41.17 0.30
CA VAL D 191 8.13 40.68 0.97
C VAL D 191 7.75 39.35 0.35
N LEU D 192 8.00 38.26 1.06
CA LEU D 192 7.55 36.93 0.64
C LEU D 192 6.08 36.76 1.02
N VAL D 193 5.26 36.31 0.09
CA VAL D 193 3.87 36.03 0.39
C VAL D 193 3.55 34.66 -0.17
N GLY D 194 3.00 33.80 0.68
CA GLY D 194 2.62 32.47 0.26
C GLY D 194 1.21 32.13 0.72
N SER D 195 0.56 31.29 -0.06
CA SER D 195 -0.75 30.75 0.28
C SER D 195 -0.69 29.24 0.14
N GLY D 196 -1.60 28.53 0.83
CA GLY D 196 -1.57 27.09 0.83
C GLY D 196 -2.95 26.50 0.66
N ASN D 197 -2.96 25.20 0.34
CA ASN D 197 -4.17 24.42 0.11
C ASN D 197 -4.31 23.35 1.19
N PRO D 198 -5.47 23.24 1.84
CA PRO D 198 -5.70 22.09 2.70
C PRO D 198 -5.89 20.83 1.84
N GLU D 199 -5.42 19.70 2.37
CA GLU D 199 -5.49 18.39 1.74
C GLU D 199 -4.61 18.25 0.52
N GLU D 200 -3.70 19.19 0.27
CA GLU D 200 -2.83 19.09 -0.89
C GLU D 200 -1.39 18.84 -0.46
N GLY D 201 -1.18 18.43 0.80
CA GLY D 201 0.17 18.25 1.28
C GLY D 201 0.35 19.36 2.29
N GLU D 202 -0.32 19.25 3.43
CA GLU D 202 -0.20 20.27 4.47
C GLU D 202 1.26 20.65 4.61
N LEU D 203 1.54 21.95 4.50
CA LEU D 203 2.91 22.45 4.61
C LEU D 203 3.67 21.80 5.76
N ARG D 204 4.78 21.16 5.44
CA ARG D 204 5.60 20.49 6.44
C ARG D 204 5.81 21.39 7.65
N PRO D 205 5.69 20.82 8.84
CA PRO D 205 5.85 21.60 10.08
C PRO D 205 7.20 22.30 10.20
N GLN D 206 8.24 21.77 9.56
CA GLN D 206 9.54 22.43 9.56
C GLN D 206 9.59 23.56 8.56
N LEU D 207 8.68 23.55 7.58
CA LEU D 207 8.62 24.55 6.52
C LEU D 207 7.54 25.61 6.74
N LEU D 208 6.68 25.42 7.73
CA LEU D 208 5.67 26.44 8.04
C LEU D 208 6.15 27.40 9.12
N ASP D 209 6.93 26.88 10.08
CA ASP D 209 7.50 27.72 11.12
C ASP D 209 8.41 28.80 10.58
N ARG D 210 8.93 28.64 9.36
CA ARG D 210 9.87 29.61 8.83
C ARG D 210 9.18 30.84 8.24
N PHE D 211 7.85 30.82 8.11
CA PHE D 211 7.11 32.00 7.70
C PHE D 211 6.94 32.93 8.89
N GLY D 212 7.15 34.23 8.66
CA GLY D 212 7.04 35.22 9.70
C GLY D 212 5.69 35.18 10.38
N MET D 213 4.64 35.41 9.62
CA MET D 213 3.28 35.46 10.15
C MET D 213 2.37 34.52 9.37
N HIS D 214 1.31 34.10 10.05
CA HIS D 214 0.30 33.18 9.53
C HIS D 214 -1.04 33.89 9.63
N ALA D 215 -1.52 34.45 8.52
CA ALA D 215 -2.78 35.18 8.48
C ALA D 215 -3.88 34.28 7.90
N GLU D 216 -4.98 34.15 8.62
CA GLU D 216 -6.13 33.37 8.17
C GLU D 216 -7.21 34.29 7.59
N ILE D 217 -7.82 33.84 6.51
CA ILE D 217 -8.92 34.56 5.87
C ILE D 217 -10.23 33.88 6.24
N ARG D 218 -11.13 34.62 6.88
CA ARG D 218 -12.48 34.15 7.14
C ARG D 218 -13.44 34.97 6.32
N THR D 219 -14.31 34.31 5.57
CA THR D 219 -15.24 35.03 4.72
C THR D 219 -16.27 35.76 5.58
N VAL D 220 -16.59 37.00 5.18
CA VAL D 220 -17.43 37.87 5.98
C VAL D 220 -18.77 37.21 6.29
N ARG D 221 -19.19 37.30 7.55
CA ARG D 221 -20.45 36.70 7.99
C ARG D 221 -21.58 37.70 8.15
N GLU D 222 -21.29 39.00 8.14
CA GLU D 222 -22.34 40.00 8.25
C GLU D 222 -23.08 40.12 6.92
N PRO D 223 -24.39 39.83 6.89
CA PRO D 223 -25.09 39.84 5.59
C PRO D 223 -24.98 41.17 4.86
N GLU D 224 -25.20 42.29 5.55
CA GLU D 224 -25.11 43.58 4.86
C GLU D 224 -23.69 43.87 4.38
N LEU D 225 -22.68 43.25 4.99
CA LEU D 225 -21.32 43.43 4.49
C LEU D 225 -21.08 42.61 3.24
N ARG D 226 -21.53 41.36 3.21
CA ARG D 226 -21.41 40.56 2.00
C ARG D 226 -22.08 41.26 0.83
N VAL D 227 -23.25 41.85 1.04
CA VAL D 227 -23.92 42.57 -0.03
C VAL D 227 -23.06 43.74 -0.50
N LYS D 228 -22.43 44.45 0.43
CA LYS D 228 -21.61 45.62 0.07
C LYS D 228 -20.40 45.22 -0.76
N ILE D 229 -19.73 44.13 -0.38
CA ILE D 229 -18.57 43.67 -1.14
C ILE D 229 -18.97 43.38 -2.58
N VAL D 230 -20.07 42.63 -2.75
CA VAL D 230 -20.52 42.24 -4.10
C VAL D 230 -20.83 43.48 -4.93
N GLU D 231 -21.56 44.44 -4.35
CA GLU D 231 -21.85 45.65 -5.09
C GLU D 231 -20.57 46.42 -5.44
N GLN D 232 -19.54 46.32 -4.60
CA GLN D 232 -18.27 46.97 -4.89
C GLN D 232 -17.55 46.29 -6.06
N ARG D 233 -17.65 44.97 -6.16
CA ARG D 233 -16.95 44.27 -7.23
C ARG D 233 -17.55 44.60 -8.58
N THR D 234 -18.88 44.49 -8.70
CA THR D 234 -19.51 44.77 -9.99
C THR D 234 -19.40 46.25 -10.34
N GLU D 235 -19.54 47.14 -9.36
CA GLU D 235 -19.35 48.56 -9.62
C GLU D 235 -17.93 48.82 -10.11
N PHE D 236 -16.96 48.05 -9.62
CA PHE D 236 -15.59 48.21 -10.09
C PHE D 236 -15.42 47.64 -11.49
N ASP D 237 -16.07 46.51 -11.79
CA ASP D 237 -15.99 45.94 -13.13
C ASP D 237 -16.68 46.81 -14.17
N GLN D 238 -17.77 47.49 -13.78
CA GLN D 238 -18.50 48.32 -14.73
C GLN D 238 -17.76 49.64 -15.00
N ASN D 239 -17.23 50.27 -13.96
CA ASN D 239 -16.51 51.55 -14.09
C ASN D 239 -15.28 51.56 -13.19
N PRO D 240 -14.18 50.95 -13.64
CA PRO D 240 -12.97 50.91 -12.80
C PRO D 240 -12.43 52.28 -12.42
N HIS D 241 -12.26 53.19 -13.38
CA HIS D 241 -11.60 54.45 -13.10
C HIS D 241 -12.41 55.36 -12.19
N PRO D 242 -13.73 55.47 -12.34
CA PRO D 242 -14.50 56.21 -11.32
C PRO D 242 -14.41 55.59 -9.94
N PHE D 243 -14.16 54.27 -9.87
CA PHE D 243 -14.01 53.63 -8.57
C PHE D 243 -12.66 54.00 -7.95
N CYS D 244 -11.57 53.81 -8.70
CA CYS D 244 -10.25 54.16 -8.17
C CYS D 244 -10.16 55.63 -7.77
N ASP D 245 -10.88 56.51 -8.49
CA ASP D 245 -10.83 57.93 -8.16
C ASP D 245 -11.52 58.22 -6.83
N GLN D 246 -12.61 57.50 -6.53
CA GLN D 246 -13.30 57.69 -5.26
C GLN D 246 -12.40 57.36 -4.07
N TYR D 247 -11.38 56.51 -4.28
CA TYR D 247 -10.47 56.09 -3.24
C TYR D 247 -9.08 56.68 -3.39
N GLN D 248 -8.90 57.67 -4.28
CA GLN D 248 -7.54 58.12 -4.57
C GLN D 248 -6.92 58.84 -3.37
N THR D 249 -7.69 59.66 -2.66
CA THR D 249 -7.07 60.37 -1.54
C THR D 249 -6.80 59.43 -0.37
N GLU D 250 -7.65 58.42 -0.18
CA GLU D 250 -7.40 57.43 0.87
C GLU D 250 -6.18 56.57 0.55
N GLN D 251 -5.94 56.27 -0.73
CA GLN D 251 -4.75 55.54 -1.13
C GLN D 251 -3.49 56.36 -0.87
N GLU D 252 -3.54 57.65 -1.14
CA GLU D 252 -2.36 58.48 -0.92
C GLU D 252 -2.08 58.66 0.57
N ALA D 253 -3.13 58.75 1.39
CA ALA D 253 -2.93 58.88 2.82
C ALA D 253 -2.24 57.66 3.39
N LEU D 254 -2.67 56.46 3.00
CA LEU D 254 -2.03 55.25 3.51
C LEU D 254 -0.61 55.11 2.94
N GLN D 255 -0.39 55.58 1.71
CA GLN D 255 0.94 55.51 1.13
C GLN D 255 1.93 56.33 1.94
N ALA D 256 1.50 57.50 2.42
CA ALA D 256 2.37 58.34 3.24
C ALA D 256 2.63 57.70 4.60
N LYS D 257 1.65 57.01 5.16
CA LYS D 257 1.86 56.33 6.43
C LYS D 257 2.89 55.21 6.29
N ILE D 258 2.88 54.52 5.15
CA ILE D 258 3.86 53.43 4.94
C ILE D 258 5.27 54.01 4.86
N VAL D 259 5.44 55.08 4.09
CA VAL D 259 6.76 55.70 3.96
C VAL D 259 7.24 56.20 5.32
N ASN D 260 6.36 56.89 6.05
CA ASN D 260 6.71 57.38 7.38
C ASN D 260 7.07 56.23 8.32
N ALA D 261 6.29 55.15 8.31
CA ALA D 261 6.56 54.04 9.21
C ALA D 261 7.93 53.44 8.96
N GLN D 262 8.30 53.27 7.68
CA GLN D 262 9.64 52.80 7.35
C GLN D 262 10.69 53.78 7.86
N ASN D 263 10.41 55.07 7.72
CA ASN D 263 11.37 56.09 8.16
C ASN D 263 11.47 56.14 9.69
N LEU D 264 10.39 55.79 10.40
CA LEU D 264 10.39 55.91 11.85
C LEU D 264 10.84 54.64 12.56
N LEU D 265 10.79 53.49 11.90
CA LEU D 265 11.12 52.23 12.57
C LEU D 265 12.45 52.25 13.33
N PRO D 266 13.54 52.86 12.83
CA PRO D 266 14.80 52.84 13.59
C PRO D 266 14.71 53.44 15.00
N GLN D 267 13.81 54.39 15.25
CA GLN D 267 13.66 54.93 16.60
C GLN D 267 12.68 54.14 17.47
N VAL D 268 11.99 53.14 16.94
CA VAL D 268 10.95 52.48 17.73
C VAL D 268 11.59 51.56 18.76
N THR D 269 11.20 51.74 20.01
CA THR D 269 11.75 50.95 21.11
C THR D 269 10.61 50.19 21.79
N ILE D 270 10.97 49.07 22.41
CA ILE D 270 10.07 48.28 23.23
C ILE D 270 10.66 48.18 24.63
N ASP D 271 9.84 48.41 25.65
CA ASP D 271 10.30 48.36 27.03
C ASP D 271 10.90 46.99 27.35
N TYR D 272 11.91 46.99 28.23
CA TYR D 272 12.56 45.74 28.59
C TYR D 272 11.59 44.77 29.26
N ASP D 273 10.72 45.29 30.14
CA ASP D 273 9.75 44.42 30.80
C ASP D 273 8.80 43.79 29.79
N TYR D 274 8.38 44.56 28.78
CA TYR D 274 7.53 44.01 27.72
C TYR D 274 8.29 42.96 26.92
N ARG D 275 9.53 43.26 26.54
CA ARG D 275 10.33 42.34 25.74
C ARG D 275 10.50 41.00 26.45
N VAL D 276 10.60 41.02 27.79
CA VAL D 276 10.74 39.78 28.55
C VAL D 276 9.42 39.03 28.60
N LYS D 277 8.32 39.74 28.84
CA LYS D 277 7.01 39.08 28.90
C LYS D 277 6.61 38.50 27.55
N VAL D 278 7.11 39.08 26.47
CA VAL D 278 6.90 38.47 25.15
C VAL D 278 7.60 37.12 25.10
N SER D 279 8.84 37.06 25.61
CA SER D 279 9.56 35.80 25.64
C SER D 279 8.90 34.78 26.58
N GLU D 280 8.32 35.24 27.68
CA GLU D 280 7.58 34.30 28.53
C GLU D 280 6.42 33.69 27.77
N VAL D 281 5.77 34.47 26.92
CA VAL D 281 4.68 33.94 26.10
C VAL D 281 5.21 32.89 25.13
N CYS D 282 6.37 33.15 24.52
CA CYS D 282 6.97 32.17 23.62
C CYS D 282 7.38 30.90 24.35
N ALA D 283 7.96 31.03 25.55
CA ALA D 283 8.39 29.86 26.30
C ALA D 283 7.20 29.04 26.76
N GLU D 284 6.18 29.72 27.30
CA GLU D 284 4.99 29.04 27.78
C GLU D 284 4.23 28.36 26.65
N LEU D 285 4.43 28.77 25.41
CA LEU D 285 3.86 28.12 24.24
C LEU D 285 4.74 27.00 23.68
N ASP D 286 5.94 26.80 24.23
CA ASP D 286 6.88 25.79 23.76
C ASP D 286 7.20 25.96 22.27
N VAL D 287 7.54 27.20 21.89
CA VAL D 287 7.89 27.51 20.52
C VAL D 287 9.25 26.90 20.16
N ASP D 288 9.38 26.48 18.92
CA ASP D 288 10.61 25.87 18.38
C ASP D 288 11.61 26.99 18.09
N GLY D 289 12.49 27.26 19.05
CA GLY D 289 13.53 28.24 18.83
C GLY D 289 13.16 29.61 19.36
N LEU D 290 13.95 30.60 18.93
CA LEU D 290 13.73 31.98 19.32
C LEU D 290 13.16 32.84 18.20
N ARG D 291 12.76 32.26 17.10
CA ARG D 291 12.23 33.02 15.99
C ARG D 291 10.96 33.68 16.29
N GLY D 292 10.14 33.07 17.11
CA GLY D 292 8.92 33.72 17.58
C GLY D 292 9.20 34.94 18.44
N ASP D 293 10.21 34.86 19.30
CA ASP D 293 10.60 36.03 20.08
C ASP D 293 11.01 37.17 19.17
N ILE D 294 11.71 36.87 18.08
CA ILE D 294 12.20 37.92 17.20
C ILE D 294 11.07 38.50 16.34
N VAL D 295 10.22 37.64 15.77
CA VAL D 295 9.18 38.16 14.88
C VAL D 295 8.18 39.01 15.63
N THR D 296 7.72 38.52 16.79
CA THR D 296 6.78 39.30 17.59
C THR D 296 7.36 40.66 17.93
N ASN D 297 8.66 40.71 18.22
CA ASN D 297 9.28 41.99 18.51
C ASN D 297 9.32 42.88 17.28
N ARG D 298 9.74 42.33 16.13
CA ARG D 298 9.82 43.16 14.94
C ARG D 298 8.43 43.64 14.49
N ALA D 299 7.41 42.80 14.69
CA ALA D 299 6.04 43.14 14.30
C ALA D 299 5.45 44.21 15.20
N ALA D 300 5.65 44.09 16.52
CA ALA D 300 5.11 45.10 17.42
C ALA D 300 5.73 46.47 17.13
N LYS D 301 7.03 46.52 16.84
CA LYS D 301 7.66 47.79 16.48
C LYS D 301 7.10 48.35 15.18
N ALA D 302 6.88 47.49 14.18
CA ALA D 302 6.38 47.96 12.89
C ALA D 302 4.98 48.54 13.03
N LEU D 303 4.16 47.93 13.89
CA LEU D 303 2.82 48.44 14.10
C LEU D 303 2.85 49.79 14.79
N ALA D 304 3.67 49.91 15.85
CA ALA D 304 3.81 51.19 16.52
C ALA D 304 4.34 52.26 15.58
N ALA D 305 5.28 51.92 14.70
CA ALA D 305 5.75 52.89 13.72
C ALA D 305 4.64 53.25 12.75
N PHE D 306 3.84 52.27 12.33
CA PHE D 306 2.75 52.55 11.42
C PHE D 306 1.83 53.61 12.00
N GLU D 307 1.58 53.56 13.30
CA GLU D 307 0.72 54.50 13.98
C GLU D 307 1.47 55.72 14.52
N GLY D 308 2.65 55.99 13.99
CA GLY D 308 3.33 57.23 14.32
C GLY D 308 3.82 57.31 15.75
N ARG D 309 4.17 56.17 16.35
CA ARG D 309 4.64 56.11 17.71
C ARG D 309 6.01 55.44 17.78
N THR D 310 6.76 55.77 18.84
CA THR D 310 8.10 55.23 19.04
C THR D 310 8.24 54.36 20.27
N GLU D 311 7.16 54.10 21.01
CA GLU D 311 7.20 53.19 22.15
C GLU D 311 6.14 52.11 21.96
N VAL D 312 6.59 50.86 21.87
CA VAL D 312 5.67 49.74 21.72
C VAL D 312 4.80 49.61 22.96
N THR D 313 3.52 49.35 22.74
CA THR D 313 2.51 49.26 23.79
C THR D 313 2.04 47.83 23.95
N VAL D 314 1.51 47.53 25.14
CA VAL D 314 0.93 46.21 25.38
C VAL D 314 -0.13 45.92 24.32
N ASP D 315 -0.89 46.94 23.93
CA ASP D 315 -1.89 46.77 22.89
C ASP D 315 -1.26 46.52 21.53
N ASP D 316 -0.10 47.12 21.25
CA ASP D 316 0.61 46.82 20.01
C ASP D 316 0.97 45.35 19.92
N ILE D 317 1.52 44.80 21.00
CA ILE D 317 1.85 43.38 21.03
C ILE D 317 0.58 42.54 20.87
N SER D 318 -0.51 42.98 21.50
CA SER D 318 -1.75 42.21 21.45
C SER D 318 -2.22 42.02 20.03
N ARG D 319 -2.09 43.04 19.19
CA ARG D 319 -2.61 43.00 17.84
C ARG D 319 -1.71 42.24 16.87
N VAL D 320 -0.51 41.87 17.27
CA VAL D 320 0.41 41.16 16.38
C VAL D 320 0.74 39.75 16.86
N ILE D 321 0.46 39.41 18.12
CA ILE D 321 1.04 38.19 18.68
C ILE D 321 0.38 36.92 18.15
N VAL D 322 -0.90 36.98 17.80
CA VAL D 322 -1.53 35.79 17.22
C VAL D 322 -1.00 35.54 15.82
N LEU D 323 -0.81 36.60 15.03
CA LEU D 323 -0.18 36.46 13.73
C LEU D 323 1.20 35.82 13.82
N CYS D 324 1.92 36.08 14.90
CA CYS D 324 3.31 35.67 15.03
C CYS D 324 3.50 34.28 15.63
N LEU D 325 2.57 33.81 16.48
CA LEU D 325 2.82 32.61 17.27
C LEU D 325 1.84 31.46 17.03
N ARG D 326 0.73 31.67 16.32
CA ARG D 326 -0.26 30.59 16.24
C ARG D 326 0.23 29.44 15.38
N HIS D 327 1.09 29.69 14.39
CA HIS D 327 1.68 28.60 13.63
C HIS D 327 3.00 28.10 14.22
N ARG D 328 3.36 28.57 15.41
CA ARG D 328 4.55 28.11 16.13
C ARG D 328 4.21 27.33 17.40
N LEU D 329 2.95 26.96 17.58
CA LEU D 329 2.54 26.23 18.77
C LEU D 329 3.10 24.82 18.78
N ARG D 330 3.44 24.35 19.98
CA ARG D 330 3.66 22.93 20.25
C ARG D 330 2.68 22.52 21.34
N LYS D 331 1.41 22.41 20.97
CA LYS D 331 0.35 22.00 21.86
C LYS D 331 0.08 20.51 21.70
N ASP D 332 -0.39 19.88 22.78
CA ASP D 332 -0.74 18.48 22.71
C ASP D 332 -1.94 18.27 21.80
N PRO D 333 -1.99 17.16 21.05
CA PRO D 333 -3.18 16.87 20.23
C PRO D 333 -4.42 16.57 21.06
N LEU D 334 -4.25 16.34 22.36
CA LEU D 334 -5.29 16.09 23.34
C LEU D 334 -6.11 17.33 23.67
N GLU D 335 -5.84 18.45 23.01
CA GLU D 335 -6.52 19.71 23.26
C GLU D 335 -7.46 20.03 22.11
N SER D 336 -8.75 20.14 22.42
CA SER D 336 -9.73 20.66 21.48
C SER D 336 -9.84 22.19 21.45
N ILE D 337 -8.75 22.83 21.88
CA ILE D 337 -8.66 24.29 21.95
C ILE D 337 -8.09 24.92 20.70
N ASP D 338 -8.71 26.01 20.25
CA ASP D 338 -8.25 26.74 19.09
C ASP D 338 -6.85 27.30 19.31
N SER D 339 -6.00 27.18 18.29
CA SER D 339 -4.60 27.62 18.43
C SER D 339 -4.51 29.12 18.63
N GLY D 340 -5.20 29.90 17.79
CA GLY D 340 -5.20 31.34 17.95
C GLY D 340 -5.76 31.77 19.29
N SER D 341 -6.72 31.02 19.83
CA SER D 341 -7.27 31.37 21.14
C SER D 341 -6.29 31.05 22.26
N LYS D 342 -5.47 30.01 22.10
CA LYS D 342 -4.50 29.69 23.13
C LYS D 342 -3.45 30.80 23.25
N VAL D 343 -3.04 31.36 22.11
CA VAL D 343 -2.06 32.44 22.13
C VAL D 343 -2.63 33.66 22.85
N GLU D 344 -3.89 33.99 22.58
CA GLU D 344 -4.54 35.09 23.29
C GLU D 344 -4.66 34.77 24.77
N LYS D 345 -4.99 33.52 25.10
CA LYS D 345 -5.18 33.12 26.49
C LYS D 345 -3.87 33.24 27.27
N VAL D 346 -2.77 32.76 26.68
CA VAL D 346 -1.47 32.86 27.36
C VAL D 346 -0.97 34.29 27.35
N PHE D 347 -1.24 35.05 26.28
CA PHE D 347 -0.86 36.45 26.27
C PHE D 347 -1.56 37.20 27.39
N LYS D 348 -2.87 36.97 27.53
CA LYS D 348 -3.65 37.69 28.55
C LYS D 348 -3.13 37.39 29.96
N ARG D 349 -2.72 36.15 30.20
CA ARG D 349 -2.18 35.81 31.52
C ARG D 349 -0.83 36.48 31.77
N VAL D 350 0.12 36.31 30.83
CA VAL D 350 1.47 36.81 31.05
C VAL D 350 1.47 38.32 31.24
N PHE D 351 0.73 39.05 30.41
CA PHE D 351 0.72 40.50 30.51
C PHE D 351 -0.31 41.04 31.50
N GLY D 352 -1.25 40.21 31.94
CA GLY D 352 -2.24 40.65 32.91
C GLY D 352 -3.26 41.60 32.33
N VAL D 353 -4.00 41.13 31.34
CA VAL D 353 -5.03 41.93 30.67
C VAL D 353 -6.37 41.51 31.24
N VAL D 354 -7.01 42.44 31.95
CA VAL D 354 -8.27 42.20 32.65
C VAL D 354 -9.40 41.89 31.69
N VAL E 14 -32.17 14.75 -36.71
CA VAL E 14 -33.21 15.28 -35.85
C VAL E 14 -33.08 14.69 -34.44
N VAL E 15 -33.40 15.49 -33.43
CA VAL E 15 -33.18 15.13 -32.03
C VAL E 15 -34.48 15.23 -31.24
N PHE E 16 -34.58 14.42 -30.19
CA PHE E 16 -35.75 14.41 -29.31
C PHE E 16 -36.04 15.83 -28.82
N PRO E 17 -37.28 16.29 -28.89
CA PRO E 17 -37.57 17.69 -28.53
C PRO E 17 -37.42 17.95 -27.04
N PHE E 18 -36.78 19.09 -26.72
CA PHE E 18 -36.55 19.46 -25.33
C PHE E 18 -37.84 19.54 -24.54
N THR E 19 -38.89 20.11 -25.13
CA THR E 19 -40.15 20.29 -24.42
C THR E 19 -40.89 18.99 -24.15
N ALA E 20 -40.40 17.87 -24.67
CA ALA E 20 -41.00 16.58 -24.38
C ALA E 20 -40.31 15.82 -23.25
N ILE E 21 -39.08 16.23 -22.88
CA ILE E 21 -38.38 15.56 -21.79
C ILE E 21 -39.17 15.72 -20.50
N VAL E 22 -39.48 14.60 -19.85
CA VAL E 22 -40.30 14.56 -18.65
C VAL E 22 -39.46 14.00 -17.51
N GLY E 23 -39.68 14.53 -16.30
CA GLY E 23 -39.06 13.99 -15.11
C GLY E 23 -37.67 14.52 -14.80
N GLN E 24 -37.22 15.56 -15.50
CA GLN E 24 -35.92 16.18 -15.27
C GLN E 24 -36.04 17.68 -14.98
N ASP E 25 -37.15 18.09 -14.36
CA ASP E 25 -37.43 19.51 -14.21
C ASP E 25 -36.32 20.31 -13.56
N GLU E 26 -35.69 19.75 -12.52
CA GLU E 26 -34.63 20.48 -11.85
C GLU E 26 -33.46 20.73 -12.79
N MET E 27 -33.14 19.76 -13.64
CA MET E 27 -32.04 19.96 -14.58
C MET E 27 -32.44 20.87 -15.73
N LYS E 28 -33.69 20.75 -16.22
CA LYS E 28 -34.15 21.67 -17.25
C LYS E 28 -34.15 23.10 -16.74
N LEU E 29 -34.44 23.29 -15.45
CA LEU E 29 -34.39 24.63 -14.88
C LEU E 29 -32.97 25.16 -14.86
N ALA E 30 -32.02 24.34 -14.41
CA ALA E 30 -30.62 24.77 -14.37
C ALA E 30 -30.13 25.11 -15.77
N LEU E 31 -30.53 24.32 -16.77
CA LEU E 31 -30.09 24.58 -18.13
C LEU E 31 -30.72 25.84 -18.70
N LEU E 32 -32.02 26.03 -18.47
CA LEU E 32 -32.68 27.22 -18.98
C LEU E 32 -32.16 28.49 -18.33
N LEU E 33 -31.91 28.48 -17.02
CA LEU E 33 -31.38 29.67 -16.39
C LEU E 33 -29.99 30.01 -16.88
N ASN E 34 -29.17 29.00 -17.16
CA ASN E 34 -27.84 29.28 -17.69
C ASN E 34 -27.90 29.80 -19.11
N VAL E 35 -28.84 29.30 -19.91
CA VAL E 35 -29.03 29.82 -21.26
C VAL E 35 -29.45 31.29 -21.22
N ILE E 36 -30.21 31.69 -20.19
CA ILE E 36 -30.67 33.06 -20.09
C ILE E 36 -29.56 33.99 -19.62
N ASP E 37 -28.77 33.54 -18.64
CA ASP E 37 -27.67 34.33 -18.09
C ASP E 37 -26.47 33.40 -17.97
N PRO E 38 -25.63 33.33 -19.01
CA PRO E 38 -24.47 32.42 -18.95
C PRO E 38 -23.50 32.74 -17.84
N LYS E 39 -23.49 33.97 -17.32
CA LYS E 39 -22.58 34.33 -16.23
C LYS E 39 -22.91 33.62 -14.93
N ILE E 40 -23.89 32.73 -14.90
CA ILE E 40 -24.18 31.96 -13.70
C ILE E 40 -23.03 31.02 -13.37
N GLY E 41 -22.37 30.48 -14.39
CA GLY E 41 -21.14 29.73 -14.19
C GLY E 41 -21.20 28.27 -14.57
N GLY E 42 -22.23 27.88 -15.32
CA GLY E 42 -22.34 26.53 -15.80
C GLY E 42 -23.16 25.62 -14.89
N VAL E 43 -23.39 24.40 -15.37
CA VAL E 43 -24.19 23.41 -14.66
C VAL E 43 -23.34 22.15 -14.50
N MET E 44 -23.28 21.64 -13.28
CA MET E 44 -22.71 20.33 -13.00
C MET E 44 -23.85 19.34 -12.86
N ILE E 45 -23.85 18.32 -13.72
CA ILE E 45 -24.92 17.33 -13.73
C ILE E 45 -24.42 16.05 -13.08
N MET E 46 -24.91 15.79 -11.86
CA MET E 46 -24.57 14.61 -11.09
C MET E 46 -25.82 13.78 -10.83
N GLY E 47 -25.70 12.48 -10.93
CA GLY E 47 -26.82 11.63 -10.67
C GLY E 47 -26.81 10.42 -11.58
N ASP E 48 -27.99 9.87 -11.86
CA ASP E 48 -28.10 8.71 -12.73
C ASP E 48 -27.32 8.88 -14.02
N ARG E 49 -26.52 7.88 -14.37
CA ARG E 49 -25.71 7.93 -15.58
C ARG E 49 -26.59 8.01 -16.82
N GLY E 50 -27.68 7.23 -16.82
CA GLY E 50 -28.59 7.21 -17.95
C GLY E 50 -29.50 8.41 -17.83
N THR E 51 -30.70 8.31 -18.39
CA THR E 51 -31.67 9.39 -18.35
C THR E 51 -31.20 10.41 -19.38
N GLY E 52 -30.64 9.91 -20.48
CA GLY E 52 -30.16 10.78 -21.56
C GLY E 52 -29.57 12.13 -21.22
N LYS E 53 -28.49 12.18 -20.44
CA LYS E 53 -27.88 13.47 -20.10
C LYS E 53 -27.37 14.13 -21.37
N SER E 54 -26.77 13.35 -22.26
CA SER E 54 -26.26 13.89 -23.51
C SER E 54 -27.37 14.43 -24.41
N THR E 55 -28.51 13.72 -24.48
CA THR E 55 -29.58 14.11 -25.41
C THR E 55 -30.37 15.32 -24.94
N THR E 56 -30.43 15.57 -23.63
CA THR E 56 -31.13 16.79 -23.19
C THR E 56 -30.40 18.04 -23.66
N ILE E 57 -29.07 18.04 -23.60
CA ILE E 57 -28.30 19.21 -24.03
C ILE E 57 -28.37 19.38 -25.54
N ARG E 58 -28.42 18.29 -26.30
CA ARG E 58 -28.64 18.45 -27.73
C ARG E 58 -30.01 19.01 -28.02
N ALA E 59 -31.02 18.56 -27.27
CA ALA E 59 -32.37 19.09 -27.44
C ALA E 59 -32.43 20.58 -27.14
N LEU E 60 -31.70 21.03 -26.12
CA LEU E 60 -31.71 22.44 -25.77
C LEU E 60 -31.00 23.28 -26.83
N ALA E 61 -29.92 22.75 -27.40
CA ALA E 61 -29.25 23.44 -28.50
C ALA E 61 -30.17 23.58 -29.70
N ASP E 62 -30.84 22.50 -30.08
CA ASP E 62 -31.78 22.53 -31.20
C ASP E 62 -32.90 23.52 -30.96
N LEU E 63 -33.19 23.85 -29.70
CA LEU E 63 -34.28 24.74 -29.33
C LEU E 63 -33.91 26.21 -29.39
N LEU E 64 -32.64 26.54 -29.17
CA LEU E 64 -32.21 27.93 -29.15
C LEU E 64 -32.38 28.55 -30.52
N PRO E 65 -32.48 29.88 -30.59
CA PRO E 65 -32.63 30.55 -31.89
C PRO E 65 -31.29 30.71 -32.59
N GLU E 66 -31.37 30.97 -33.88
CA GLU E 66 -30.18 31.25 -34.67
C GLU E 66 -29.78 32.70 -34.48
N ILE E 67 -28.58 32.92 -33.97
CA ILE E 67 -28.11 34.26 -33.64
C ILE E 67 -27.21 34.82 -34.74
N LYS E 105 -27.61 27.99 -36.91
CA LYS E 105 -28.00 27.26 -35.71
C LYS E 105 -26.92 27.36 -34.65
N VAL E 106 -27.33 27.21 -33.38
CA VAL E 106 -26.39 27.26 -32.27
C VAL E 106 -25.54 26.00 -32.29
N THR E 107 -24.27 26.13 -31.92
CA THR E 107 -23.29 25.06 -32.10
C THR E 107 -23.06 24.36 -30.77
N MET E 108 -23.10 23.03 -30.80
CA MET E 108 -22.93 22.17 -29.63
C MET E 108 -21.58 21.47 -29.71
N VAL E 109 -20.82 21.53 -28.62
CA VAL E 109 -19.42 21.10 -28.59
C VAL E 109 -19.29 19.86 -27.73
N ASP E 110 -18.44 18.92 -28.16
CA ASP E 110 -18.34 17.67 -27.46
C ASP E 110 -17.19 17.65 -26.42
N LEU E 111 -15.96 17.90 -26.88
CA LEU E 111 -14.81 17.90 -26.00
C LEU E 111 -14.71 16.58 -25.24
N PRO E 112 -14.63 15.43 -26.01
CA PRO E 112 -14.54 14.19 -25.24
C PRO E 112 -13.11 13.68 -25.13
N LEU E 113 -12.59 13.62 -23.91
CA LEU E 113 -11.23 13.15 -23.67
C LEU E 113 -10.25 13.75 -24.67
N GLY E 114 -9.88 15.02 -24.45
CA GLY E 114 -8.95 15.69 -25.32
C GLY E 114 -7.82 16.36 -24.54
N ALA E 115 -6.94 17.01 -25.32
CA ALA E 115 -5.75 17.68 -24.78
C ALA E 115 -5.61 19.04 -25.49
N THR E 116 -6.46 19.98 -25.10
CA THR E 116 -6.48 21.33 -25.67
C THR E 116 -6.73 21.32 -27.18
N LEU E 142 -10.86 23.58 -29.24
CA LEU E 142 -12.28 23.27 -29.32
C LEU E 142 -13.07 24.10 -28.31
N ALA E 143 -12.70 25.37 -28.17
CA ALA E 143 -13.32 26.24 -27.18
C ALA E 143 -13.65 27.64 -27.70
N LYS E 144 -13.75 27.78 -29.02
CA LYS E 144 -14.11 29.05 -29.62
C LYS E 144 -15.57 29.28 -30.00
N ALA E 145 -16.46 28.34 -29.66
CA ALA E 145 -17.89 28.48 -29.93
C ALA E 145 -18.51 29.40 -28.88
N ASN E 146 -18.28 30.70 -29.05
CA ASN E 146 -18.87 31.68 -28.15
C ASN E 146 -20.37 31.79 -28.40
N ARG E 147 -21.11 32.10 -27.33
CA ARG E 147 -22.57 31.97 -27.30
C ARG E 147 -23.00 30.60 -27.83
N GLY E 148 -22.43 29.55 -27.23
CA GLY E 148 -22.86 28.20 -27.53
C GLY E 148 -22.92 27.38 -26.26
N ILE E 149 -22.73 26.07 -26.38
CA ILE E 149 -22.78 25.18 -25.23
C ILE E 149 -21.61 24.21 -25.30
N LEU E 150 -20.97 23.97 -24.17
CA LEU E 150 -19.83 23.06 -24.06
C LEU E 150 -20.16 22.01 -23.01
N TYR E 151 -20.21 20.75 -23.45
CA TYR E 151 -20.59 19.62 -22.60
C TYR E 151 -19.36 18.77 -22.30
N VAL E 152 -18.94 18.73 -21.04
CA VAL E 152 -17.80 17.92 -20.63
C VAL E 152 -18.37 16.67 -19.97
N ASP E 153 -18.43 15.57 -20.74
CA ASP E 153 -19.14 14.36 -20.30
C ASP E 153 -18.51 13.77 -19.05
N GLU E 154 -17.18 13.72 -18.99
CA GLU E 154 -16.49 13.15 -17.83
C GLU E 154 -15.42 14.14 -17.40
N VAL E 155 -15.82 15.15 -16.62
CA VAL E 155 -14.88 16.14 -16.13
C VAL E 155 -14.25 15.60 -14.85
N ASN E 156 -14.42 14.30 -14.63
CA ASN E 156 -13.71 13.60 -13.56
C ASN E 156 -12.35 13.13 -14.04
N LEU E 157 -12.14 13.11 -15.35
CA LEU E 157 -10.90 12.66 -15.98
C LEU E 157 -10.15 13.81 -16.63
N LEU E 158 -10.44 15.05 -16.25
CA LEU E 158 -9.59 16.18 -16.60
C LEU E 158 -8.53 16.37 -15.51
N ASP E 159 -7.67 15.35 -15.37
CA ASP E 159 -6.58 15.36 -14.40
C ASP E 159 -5.71 16.59 -14.53
N ASP E 160 -5.73 17.25 -15.69
CA ASP E 160 -5.22 18.61 -15.82
C ASP E 160 -6.29 19.53 -15.27
N HIS E 161 -6.22 19.79 -13.97
CA HIS E 161 -7.15 20.72 -13.33
C HIS E 161 -7.08 22.10 -13.96
N LEU E 162 -5.93 22.45 -14.56
CA LEU E 162 -5.79 23.76 -15.19
C LEU E 162 -6.75 23.92 -16.36
N VAL E 163 -7.12 22.82 -17.03
CA VAL E 163 -8.12 22.92 -18.08
C VAL E 163 -9.47 23.28 -17.49
N ASP E 164 -9.84 22.64 -16.38
CA ASP E 164 -11.12 22.91 -15.73
C ASP E 164 -11.20 24.34 -15.22
N VAL E 165 -10.10 24.85 -14.63
CA VAL E 165 -10.12 26.14 -13.96
C VAL E 165 -10.35 27.28 -14.96
N LEU E 166 -9.73 27.22 -16.13
CA LEU E 166 -9.93 28.29 -17.11
C LEU E 166 -11.36 28.27 -17.66
N LEU E 167 -11.92 27.08 -17.87
CA LEU E 167 -13.29 26.98 -18.36
C LEU E 167 -14.29 27.58 -17.38
N ASP E 168 -13.97 27.59 -16.08
CA ASP E 168 -14.90 28.15 -15.10
C ASP E 168 -14.92 29.67 -15.16
N SER E 169 -13.74 30.30 -15.14
CA SER E 169 -13.68 31.75 -15.14
C SER E 169 -14.23 32.33 -16.44
N ALA E 170 -13.86 31.73 -17.58
CA ALA E 170 -14.37 32.20 -18.85
C ALA E 170 -15.89 32.08 -18.90
N ALA E 171 -16.45 31.02 -18.30
CA ALA E 171 -17.90 30.88 -18.24
C ALA E 171 -18.53 31.99 -17.39
N GLY E 172 -17.84 32.44 -16.35
CA GLY E 172 -18.32 33.52 -15.51
C GLY E 172 -18.06 34.90 -16.09
N GLY E 173 -17.76 34.96 -17.38
CA GLY E 173 -17.59 36.21 -18.09
C GLY E 173 -17.74 35.99 -19.59
N TRP E 174 -17.21 36.94 -20.37
CA TRP E 174 -17.17 36.76 -21.82
C TRP E 174 -15.78 36.38 -22.32
N ASN E 175 -15.01 35.70 -21.47
CA ASN E 175 -13.60 35.40 -21.73
C ASN E 175 -12.81 36.71 -21.66
N ARG E 189 -18.17 34.02 -23.71
CA ARG E 189 -19.47 33.75 -23.10
C ARG E 189 -20.08 32.50 -23.69
N PHE E 190 -20.30 31.49 -22.83
CA PHE E 190 -20.90 30.23 -23.27
C PHE E 190 -21.50 29.54 -22.06
N VAL E 191 -22.36 28.56 -22.33
CA VAL E 191 -23.05 27.82 -21.28
C VAL E 191 -22.22 26.58 -20.98
N LEU E 192 -21.55 26.58 -19.85
CA LEU E 192 -20.77 25.41 -19.43
C LEU E 192 -21.69 24.34 -18.88
N VAL E 193 -21.53 23.12 -19.37
CA VAL E 193 -22.24 21.96 -18.81
C VAL E 193 -21.24 20.85 -18.65
N GLY E 194 -21.17 20.28 -17.46
CA GLY E 194 -20.25 19.19 -17.20
C GLY E 194 -20.97 18.05 -16.50
N SER E 195 -20.49 16.84 -16.77
CA SER E 195 -20.99 15.65 -16.09
C SER E 195 -19.79 14.88 -15.53
N GLY E 196 -20.06 14.10 -14.47
CA GLY E 196 -19.00 13.42 -13.74
C GLY E 196 -19.42 12.01 -13.34
N ASN E 197 -18.43 11.28 -12.81
CA ASN E 197 -18.62 9.92 -12.33
C ASN E 197 -18.56 9.92 -10.80
N PRO E 198 -19.57 9.38 -10.14
CA PRO E 198 -19.50 9.22 -8.68
C PRO E 198 -18.55 8.07 -8.31
N GLU E 199 -17.89 8.22 -7.17
CA GLU E 199 -16.99 7.21 -6.62
C GLU E 199 -15.70 7.03 -7.46
N GLU E 200 -15.43 7.93 -8.41
CA GLU E 200 -14.21 7.83 -9.20
C GLU E 200 -13.17 8.90 -8.91
N GLY E 201 -13.57 10.08 -8.51
CA GLY E 201 -12.62 11.14 -8.26
C GLY E 201 -13.22 12.49 -8.55
N GLU E 202 -12.33 13.46 -8.76
CA GLU E 202 -12.72 14.85 -9.02
C GLU E 202 -13.65 15.29 -7.90
N LEU E 203 -14.68 16.09 -8.21
CA LEU E 203 -15.64 16.55 -7.22
C LEU E 203 -14.96 17.24 -6.02
N ARG E 204 -13.65 17.42 -6.14
CA ARG E 204 -12.85 18.12 -5.14
C ARG E 204 -13.44 19.52 -4.90
N PRO E 205 -13.56 19.94 -3.63
CA PRO E 205 -14.24 21.21 -3.32
C PRO E 205 -13.68 22.38 -4.13
N GLN E 206 -12.44 22.24 -4.61
CA GLN E 206 -11.85 23.27 -5.46
C GLN E 206 -12.37 23.19 -6.89
N LEU E 207 -12.77 22.00 -7.33
CA LEU E 207 -13.23 21.79 -8.69
C LEU E 207 -14.74 21.69 -8.78
N LEU E 208 -15.43 21.72 -7.63
CA LEU E 208 -16.89 21.75 -7.61
C LEU E 208 -17.49 23.12 -7.26
N ASP E 209 -16.86 23.88 -6.36
CA ASP E 209 -17.38 25.20 -5.99
C ASP E 209 -17.42 26.17 -7.17
N ARG E 210 -16.61 25.97 -8.19
CA ARG E 210 -16.56 26.92 -9.29
C ARG E 210 -17.67 26.71 -10.32
N PHE E 211 -18.43 25.62 -10.21
CA PHE E 211 -19.61 25.42 -11.04
C PHE E 211 -20.77 26.24 -10.47
N GLY E 212 -21.48 26.92 -11.36
CA GLY E 212 -22.59 27.76 -10.95
C GLY E 212 -23.66 27.00 -10.17
N MET E 213 -24.23 25.98 -10.80
CA MET E 213 -25.30 25.20 -10.21
C MET E 213 -24.98 23.73 -10.27
N HIS E 214 -25.62 22.99 -9.37
CA HIS E 214 -25.43 21.57 -9.20
C HIS E 214 -26.80 20.91 -9.38
N ALA E 215 -27.06 20.36 -10.57
CA ALA E 215 -28.35 19.76 -10.86
C ALA E 215 -28.25 18.24 -10.67
N GLU E 216 -29.13 17.69 -9.85
CA GLU E 216 -29.17 16.25 -9.63
C GLU E 216 -30.34 15.61 -10.37
N ILE E 217 -30.06 14.48 -11.02
CA ILE E 217 -31.07 13.73 -11.77
C ILE E 217 -31.45 12.51 -10.93
N ARG E 218 -32.72 12.42 -10.60
CA ARG E 218 -33.27 11.23 -9.94
C ARG E 218 -34.24 10.57 -10.91
N THR E 219 -34.03 9.28 -11.17
CA THR E 219 -34.89 8.60 -12.12
C THR E 219 -36.30 8.43 -11.55
N VAL E 220 -37.30 8.64 -12.40
CA VAL E 220 -38.68 8.71 -11.95
C VAL E 220 -39.07 7.44 -11.19
N ARG E 221 -39.74 7.63 -10.04
CA ARG E 221 -40.19 6.52 -9.21
C ARG E 221 -41.67 6.20 -9.38
N GLU E 222 -42.44 7.08 -10.01
CA GLU E 222 -43.85 6.81 -10.25
C GLU E 222 -43.99 5.81 -11.40
N PRO E 223 -44.57 4.63 -11.17
CA PRO E 223 -44.59 3.62 -12.24
C PRO E 223 -45.20 4.09 -13.55
N GLU E 224 -46.38 4.70 -13.52
CA GLU E 224 -47.03 5.10 -14.78
C GLU E 224 -46.27 6.20 -15.51
N LEU E 225 -45.42 6.95 -14.81
CA LEU E 225 -44.60 7.95 -15.48
C LEU E 225 -43.46 7.27 -16.22
N ARG E 226 -42.84 6.28 -15.60
CA ARG E 226 -41.81 5.50 -16.28
C ARG E 226 -42.35 4.86 -17.54
N VAL E 227 -43.57 4.31 -17.47
CA VAL E 227 -44.21 3.75 -18.66
C VAL E 227 -44.43 4.82 -19.71
N LYS E 228 -44.84 6.02 -19.29
CA LYS E 228 -45.09 7.10 -20.24
C LYS E 228 -43.80 7.53 -20.93
N ILE E 229 -42.71 7.64 -20.18
CA ILE E 229 -41.43 7.98 -20.79
C ILE E 229 -41.03 6.92 -21.80
N VAL E 230 -41.10 5.64 -21.40
CA VAL E 230 -40.71 4.57 -22.29
C VAL E 230 -41.59 4.54 -23.52
N GLU E 231 -42.91 4.69 -23.34
CA GLU E 231 -43.81 4.69 -24.48
C GLU E 231 -43.52 5.85 -25.43
N GLN E 232 -43.01 6.96 -24.89
CA GLN E 232 -42.62 8.11 -25.71
C GLN E 232 -41.33 7.87 -26.48
N ARG E 233 -40.37 7.11 -25.92
CA ARG E 233 -39.07 6.97 -26.56
C ARG E 233 -39.15 6.18 -27.87
N THR E 234 -39.77 5.00 -27.85
CA THR E 234 -39.92 4.24 -29.09
C THR E 234 -40.88 4.93 -30.05
N GLU E 235 -41.91 5.59 -29.51
CA GLU E 235 -42.83 6.36 -30.34
C GLU E 235 -42.07 7.39 -31.16
N PHE E 236 -41.01 7.97 -30.58
CA PHE E 236 -40.13 8.87 -31.32
C PHE E 236 -39.21 8.08 -32.25
N ASP E 237 -38.73 6.91 -31.79
CA ASP E 237 -37.83 6.10 -32.61
C ASP E 237 -38.53 5.54 -33.85
N GLN E 238 -39.82 5.20 -33.73
CA GLN E 238 -40.54 4.68 -34.88
C GLN E 238 -40.89 5.81 -35.85
N ASN E 239 -41.32 6.95 -35.32
CA ASN E 239 -41.78 8.08 -36.13
C ASN E 239 -41.23 9.38 -35.57
N PRO E 240 -39.98 9.71 -35.89
CA PRO E 240 -39.39 10.96 -35.36
C PRO E 240 -40.19 12.21 -35.70
N HIS E 241 -40.52 12.40 -36.97
CA HIS E 241 -41.12 13.65 -37.44
C HIS E 241 -42.54 13.86 -36.94
N PRO E 242 -43.41 12.84 -36.89
CA PRO E 242 -44.72 13.05 -36.24
C PRO E 242 -44.62 13.37 -34.77
N PHE E 243 -43.58 12.89 -34.09
CA PHE E 243 -43.40 13.22 -32.68
C PHE E 243 -42.96 14.67 -32.52
N CYS E 244 -41.92 15.08 -33.25
CA CYS E 244 -41.44 16.45 -33.18
C CYS E 244 -42.52 17.45 -33.55
N ASP E 245 -43.41 17.08 -34.47
CA ASP E 245 -44.49 17.97 -34.87
C ASP E 245 -45.52 18.14 -33.77
N GLN E 246 -45.78 17.11 -32.97
CA GLN E 246 -46.73 17.22 -31.88
C GLN E 246 -46.31 18.27 -30.85
N TYR E 247 -45.01 18.55 -30.75
CA TYR E 247 -44.47 19.50 -29.78
C TYR E 247 -44.00 20.79 -30.46
N GLN E 248 -44.38 21.01 -31.72
CA GLN E 248 -43.79 22.09 -32.50
C GLN E 248 -44.18 23.46 -31.97
N THR E 249 -45.45 23.65 -31.58
CA THR E 249 -45.82 24.97 -31.08
C THR E 249 -45.28 25.20 -29.68
N GLU E 250 -45.17 24.16 -28.87
CA GLU E 250 -44.57 24.31 -27.55
C GLU E 250 -43.07 24.59 -27.64
N GLN E 251 -42.39 24.03 -28.63
CA GLN E 251 -40.98 24.37 -28.86
C GLN E 251 -40.82 25.83 -29.27
N GLU E 252 -41.72 26.33 -30.13
CA GLU E 252 -41.61 27.72 -30.54
C GLU E 252 -41.99 28.66 -29.40
N ALA E 253 -42.99 28.27 -28.60
CA ALA E 253 -43.38 29.09 -27.45
C ALA E 253 -42.23 29.22 -26.46
N LEU E 254 -41.56 28.11 -26.16
CA LEU E 254 -40.43 28.16 -25.24
C LEU E 254 -39.27 28.96 -25.83
N GLN E 255 -39.11 28.90 -27.15
CA GLN E 255 -38.04 29.66 -27.79
C GLN E 255 -38.27 31.15 -27.66
N ALA E 256 -39.52 31.59 -27.76
CA ALA E 256 -39.80 33.02 -27.57
C ALA E 256 -39.59 33.42 -26.13
N LYS E 257 -39.92 32.54 -25.17
CA LYS E 257 -39.71 32.88 -23.77
C LYS E 257 -38.23 33.04 -23.44
N ILE E 258 -37.36 32.25 -24.06
CA ILE E 258 -35.92 32.39 -23.81
C ILE E 258 -35.42 33.75 -24.30
N VAL E 259 -35.77 34.11 -25.53
CA VAL E 259 -35.35 35.41 -26.07
C VAL E 259 -35.92 36.55 -25.22
N ASN E 260 -37.19 36.48 -24.87
CA ASN E 260 -37.78 37.51 -24.04
C ASN E 260 -37.04 37.64 -22.71
N ALA E 261 -36.71 36.52 -22.07
CA ALA E 261 -36.04 36.57 -20.78
C ALA E 261 -34.66 37.21 -20.91
N GLN E 262 -33.93 36.86 -21.97
CA GLN E 262 -32.62 37.47 -22.21
C GLN E 262 -32.77 38.97 -22.38
N ASN E 263 -33.81 39.39 -23.12
CA ASN E 263 -34.01 40.81 -23.40
C ASN E 263 -34.48 41.57 -22.17
N LEU E 264 -35.21 40.90 -21.26
CA LEU E 264 -35.77 41.57 -20.10
C LEU E 264 -34.82 41.59 -18.90
N LEU E 265 -33.83 40.70 -18.88
CA LEU E 265 -32.94 40.57 -17.74
C LEU E 265 -32.34 41.89 -17.25
N PRO E 266 -31.92 42.83 -18.11
CA PRO E 266 -31.31 44.06 -17.57
C PRO E 266 -32.18 44.85 -16.62
N GLN E 267 -33.50 44.85 -16.77
CA GLN E 267 -34.34 45.61 -15.85
C GLN E 267 -34.76 44.81 -14.62
N VAL E 268 -34.38 43.54 -14.51
CA VAL E 268 -34.83 42.74 -13.38
C VAL E 268 -34.05 43.16 -12.14
N THR E 269 -34.79 43.52 -11.08
CA THR E 269 -34.19 43.99 -9.85
C THR E 269 -34.58 43.05 -8.71
N ILE E 270 -33.74 43.00 -7.68
CA ILE E 270 -34.01 42.23 -6.48
C ILE E 270 -34.01 43.18 -5.30
N ASP E 271 -35.02 43.07 -4.45
CA ASP E 271 -35.15 43.97 -3.30
C ASP E 271 -33.93 43.84 -2.38
N TYR E 272 -33.57 44.94 -1.73
CA TYR E 272 -32.39 44.93 -0.86
C TYR E 272 -32.57 43.97 0.30
N ASP E 273 -33.79 43.92 0.87
CA ASP E 273 -34.04 43.01 1.99
C ASP E 273 -33.87 41.56 1.57
N TYR E 274 -34.33 41.22 0.36
CA TYR E 274 -34.12 39.87 -0.16
C TYR E 274 -32.63 39.62 -0.36
N ARG E 275 -31.94 40.59 -0.96
CA ARG E 275 -30.52 40.46 -1.24
C ARG E 275 -29.73 40.21 0.05
N VAL E 276 -30.15 40.82 1.15
CA VAL E 276 -29.47 40.61 2.42
C VAL E 276 -29.82 39.25 2.99
N LYS E 277 -31.11 38.88 2.95
CA LYS E 277 -31.50 37.58 3.47
C LYS E 277 -30.91 36.44 2.65
N VAL E 278 -30.65 36.67 1.36
CA VAL E 278 -29.93 35.68 0.58
C VAL E 278 -28.51 35.53 1.11
N SER E 279 -27.85 36.65 1.38
CA SER E 279 -26.50 36.60 1.93
C SER E 279 -26.47 35.99 3.32
N GLU E 280 -27.50 36.25 4.12
CA GLU E 280 -27.60 35.60 5.41
C GLU E 280 -27.66 34.08 5.25
N VAL E 281 -28.36 33.60 4.22
CA VAL E 281 -28.42 32.16 3.97
C VAL E 281 -27.04 31.63 3.59
N CYS E 282 -26.31 32.34 2.73
CA CYS E 282 -24.98 31.90 2.34
C CYS E 282 -24.02 31.88 3.52
N ALA E 283 -24.12 32.89 4.40
CA ALA E 283 -23.25 32.94 5.57
C ALA E 283 -23.62 31.85 6.56
N GLU E 284 -24.92 31.69 6.83
CA GLU E 284 -25.35 30.67 7.79
C GLU E 284 -25.09 29.26 7.28
N LEU E 285 -24.88 29.10 5.98
CA LEU E 285 -24.44 27.84 5.43
C LEU E 285 -22.93 27.70 5.45
N ASP E 286 -22.22 28.76 5.85
CA ASP E 286 -20.76 28.83 5.91
C ASP E 286 -20.16 28.48 4.54
N VAL E 287 -20.69 29.14 3.50
CA VAL E 287 -20.22 28.91 2.14
C VAL E 287 -18.83 29.53 1.97
N ASP E 288 -17.99 28.86 1.18
CA ASP E 288 -16.62 29.30 0.94
C ASP E 288 -16.63 30.45 -0.06
N GLY E 289 -16.60 31.67 0.43
CA GLY E 289 -16.52 32.84 -0.42
C GLY E 289 -17.85 33.51 -0.66
N LEU E 290 -17.86 34.42 -1.63
CA LEU E 290 -19.07 35.15 -1.98
C LEU E 290 -19.66 34.70 -3.31
N ARG E 291 -19.11 33.66 -3.93
CA ARG E 291 -19.64 33.23 -5.22
C ARG E 291 -21.06 32.73 -5.08
N GLY E 292 -21.36 32.03 -3.97
CA GLY E 292 -22.72 31.60 -3.73
C GLY E 292 -23.68 32.76 -3.62
N ASP E 293 -23.23 33.86 -3.01
CA ASP E 293 -24.05 35.06 -3.00
C ASP E 293 -24.32 35.54 -4.42
N ILE E 294 -23.30 35.45 -5.29
CA ILE E 294 -23.42 36.01 -6.64
C ILE E 294 -24.31 35.13 -7.51
N VAL E 295 -24.13 33.80 -7.47
CA VAL E 295 -24.91 32.95 -8.37
C VAL E 295 -26.39 32.95 -7.99
N THR E 296 -26.70 32.84 -6.69
CA THR E 296 -28.09 32.86 -6.27
C THR E 296 -28.80 34.12 -6.74
N ASN E 297 -28.10 35.25 -6.71
CA ASN E 297 -28.74 36.48 -7.18
C ASN E 297 -28.95 36.43 -8.69
N ARG E 298 -27.94 35.99 -9.45
CA ARG E 298 -28.10 35.93 -10.90
C ARG E 298 -29.15 34.90 -11.31
N ALA E 299 -29.26 33.80 -10.57
CA ALA E 299 -30.25 32.79 -10.89
C ALA E 299 -31.66 33.29 -10.61
N ALA E 300 -31.86 33.92 -9.46
CA ALA E 300 -33.19 34.43 -9.13
C ALA E 300 -33.64 35.49 -10.14
N LYS E 301 -32.72 36.35 -10.58
CA LYS E 301 -33.09 37.33 -11.59
C LYS E 301 -33.43 36.67 -12.92
N ALA E 302 -32.67 35.64 -13.31
CA ALA E 302 -32.96 34.97 -14.58
C ALA E 302 -34.30 34.26 -14.56
N LEU E 303 -34.67 33.69 -13.40
CA LEU E 303 -35.93 32.96 -13.31
C LEU E 303 -37.11 33.92 -13.43
N ALA E 304 -37.07 35.04 -12.71
CA ALA E 304 -38.11 36.05 -12.85
C ALA E 304 -38.19 36.58 -14.27
N ALA E 305 -37.03 36.76 -14.93
CA ALA E 305 -37.02 37.19 -16.33
C ALA E 305 -37.66 36.14 -17.22
N PHE E 306 -37.40 34.86 -16.95
CA PHE E 306 -38.02 33.80 -17.73
C PHE E 306 -39.54 33.92 -17.66
N GLU E 307 -40.06 34.22 -16.47
CA GLU E 307 -41.49 34.32 -16.23
C GLU E 307 -42.04 35.72 -16.46
N GLY E 308 -41.33 36.57 -17.19
CA GLY E 308 -41.88 37.84 -17.59
C GLY E 308 -42.13 38.81 -16.46
N ARG E 309 -41.31 38.76 -15.41
CA ARG E 309 -41.42 39.65 -14.27
C ARG E 309 -40.10 40.39 -14.08
N THR E 310 -40.19 41.56 -13.46
CA THR E 310 -39.01 42.39 -13.25
C THR E 310 -38.68 42.60 -11.76
N GLU E 311 -39.40 41.95 -10.86
CA GLU E 311 -39.10 42.00 -9.43
C GLU E 311 -38.91 40.58 -8.93
N VAL E 312 -37.72 40.27 -8.43
CA VAL E 312 -37.45 38.94 -7.90
C VAL E 312 -38.32 38.72 -6.67
N THR E 313 -38.96 37.56 -6.61
CA THR E 313 -39.87 37.24 -5.52
C THR E 313 -39.28 36.13 -4.66
N VAL E 314 -39.77 36.04 -3.41
CA VAL E 314 -39.29 35.01 -2.50
C VAL E 314 -39.45 33.62 -3.11
N ASP E 315 -40.53 33.40 -3.87
CA ASP E 315 -40.69 32.11 -4.53
C ASP E 315 -39.66 31.92 -5.64
N ASP E 316 -39.25 33.00 -6.31
CA ASP E 316 -38.17 32.90 -7.29
C ASP E 316 -36.89 32.41 -6.64
N ILE E 317 -36.52 33.01 -5.50
CA ILE E 317 -35.32 32.56 -4.78
C ILE E 317 -35.50 31.13 -4.31
N SER E 318 -36.71 30.77 -3.89
CA SER E 318 -36.97 29.44 -3.37
C SER E 318 -36.62 28.37 -4.40
N ARG E 319 -36.95 28.63 -5.68
CA ARG E 319 -36.76 27.64 -6.73
C ARG E 319 -35.34 27.54 -7.24
N VAL E 320 -34.45 28.46 -6.88
CA VAL E 320 -33.08 28.40 -7.37
C VAL E 320 -32.06 28.15 -6.27
N ILE E 321 -32.40 28.33 -5.00
CA ILE E 321 -31.37 28.41 -3.97
C ILE E 321 -30.73 27.05 -3.71
N VAL E 322 -31.46 25.95 -3.89
CA VAL E 322 -30.86 24.64 -3.70
C VAL E 322 -29.91 24.32 -4.85
N LEU E 323 -30.29 24.66 -6.08
CA LEU E 323 -29.37 24.50 -7.20
C LEU E 323 -28.07 25.24 -6.96
N CYS E 324 -28.13 26.38 -6.28
CA CYS E 324 -26.99 27.27 -6.14
C CYS E 324 -26.10 26.96 -4.96
N LEU E 325 -26.65 26.42 -3.86
CA LEU E 325 -25.89 26.36 -2.61
C LEU E 325 -25.64 24.97 -2.06
N ARG E 326 -26.27 23.92 -2.60
CA ARG E 326 -26.13 22.62 -1.95
C ARG E 326 -24.74 22.03 -2.14
N HIS E 327 -24.08 22.34 -3.25
CA HIS E 327 -22.71 21.90 -3.46
C HIS E 327 -21.71 22.93 -2.95
N ARG E 328 -22.17 23.96 -2.27
CA ARG E 328 -21.33 24.96 -1.63
C ARG E 328 -21.38 24.85 -0.13
N LEU E 329 -21.97 23.77 0.40
CA LEU E 329 -22.08 23.58 1.83
C LEU E 329 -20.74 23.31 2.47
N ARG E 330 -20.58 23.84 3.69
CA ARG E 330 -19.53 23.44 4.62
C ARG E 330 -20.24 22.94 5.87
N LYS E 331 -20.79 21.72 5.78
CA LYS E 331 -21.48 21.08 6.88
C LYS E 331 -20.53 20.14 7.61
N ASP E 332 -20.78 19.98 8.92
CA ASP E 332 -19.94 19.08 9.71
C ASP E 332 -20.15 17.64 9.24
N PRO E 333 -19.10 16.81 9.25
CA PRO E 333 -19.28 15.39 8.90
C PRO E 333 -20.11 14.62 9.92
N LEU E 334 -20.33 15.18 11.11
CA LEU E 334 -21.18 14.60 12.14
C LEU E 334 -22.67 14.69 11.81
N GLU E 335 -23.04 15.19 10.63
CA GLU E 335 -24.43 15.43 10.27
C GLU E 335 -24.90 14.39 9.26
N SER E 336 -25.93 13.63 9.66
CA SER E 336 -26.63 12.75 8.73
C SER E 336 -27.74 13.40 7.92
N ILE E 337 -27.63 14.72 7.74
CA ILE E 337 -28.61 15.53 7.03
C ILE E 337 -28.33 15.68 5.55
N ASP E 338 -29.38 15.54 4.74
CA ASP E 338 -29.28 15.74 3.30
C ASP E 338 -28.80 17.17 3.02
N SER E 339 -27.89 17.31 2.05
CA SER E 339 -27.35 18.63 1.71
C SER E 339 -28.43 19.54 1.14
N GLY E 340 -29.16 19.06 0.13
CA GLY E 340 -30.26 19.83 -0.42
C GLY E 340 -31.33 20.16 0.60
N SER E 341 -31.56 19.24 1.56
CA SER E 341 -32.55 19.51 2.60
C SER E 341 -32.05 20.55 3.59
N LYS E 342 -30.72 20.62 3.79
CA LYS E 342 -30.17 21.65 4.68
C LYS E 342 -30.37 23.04 4.10
N VAL E 343 -30.20 23.18 2.78
CA VAL E 343 -30.38 24.49 2.15
C VAL E 343 -31.83 24.94 2.25
N GLU E 344 -32.78 24.03 2.02
CA GLU E 344 -34.19 24.40 2.13
C GLU E 344 -34.53 24.81 3.55
N LYS E 345 -33.98 24.13 4.56
CA LYS E 345 -34.30 24.44 5.94
C LYS E 345 -33.84 25.85 6.31
N VAL E 346 -32.61 26.20 5.93
CA VAL E 346 -32.06 27.51 6.29
C VAL E 346 -32.73 28.62 5.48
N PHE E 347 -33.08 28.35 4.21
CA PHE E 347 -33.82 29.32 3.43
C PHE E 347 -35.17 29.64 4.07
N LYS E 348 -35.90 28.60 4.50
CA LYS E 348 -37.22 28.80 5.09
C LYS E 348 -37.15 29.64 6.35
N ARG E 349 -36.12 29.42 7.18
CA ARG E 349 -35.98 30.19 8.41
C ARG E 349 -35.67 31.66 8.12
N VAL E 350 -34.63 31.91 7.33
CA VAL E 350 -34.16 33.27 7.11
C VAL E 350 -35.25 34.12 6.47
N PHE E 351 -35.96 33.57 5.48
CA PHE E 351 -37.02 34.31 4.81
C PHE E 351 -38.36 34.19 5.52
N GLY E 352 -38.51 33.24 6.44
CA GLY E 352 -39.74 33.08 7.18
C GLY E 352 -40.90 32.47 6.41
N VAL E 353 -40.71 31.25 5.93
CA VAL E 353 -41.75 30.53 5.20
C VAL E 353 -42.37 29.52 6.15
N VAL E 354 -43.70 29.50 6.22
CA VAL E 354 -44.41 28.64 7.15
C VAL E 354 -45.39 27.74 6.40
N VAL F 14 -18.51 -30.94 -36.60
CA VAL F 14 -19.80 -31.12 -35.94
C VAL F 14 -19.70 -30.67 -34.48
N VAL F 15 -20.78 -30.09 -33.95
CA VAL F 15 -20.77 -29.48 -32.63
C VAL F 15 -21.87 -30.13 -31.78
N PHE F 16 -21.63 -30.16 -30.47
CA PHE F 16 -22.57 -30.76 -29.52
C PHE F 16 -23.96 -30.16 -29.73
N PRO F 17 -25.01 -30.98 -29.81
CA PRO F 17 -26.33 -30.44 -30.14
C PRO F 17 -26.91 -29.63 -28.97
N PHE F 18 -27.44 -28.46 -29.29
CA PHE F 18 -27.94 -27.56 -28.26
C PHE F 18 -28.98 -28.25 -27.40
N THR F 19 -29.88 -29.00 -28.02
CA THR F 19 -30.99 -29.61 -27.28
C THR F 19 -30.54 -30.71 -26.34
N ALA F 20 -29.26 -31.08 -26.37
CA ALA F 20 -28.73 -32.07 -25.46
C ALA F 20 -28.03 -31.48 -24.23
N ILE F 21 -27.69 -30.19 -24.26
CA ILE F 21 -27.06 -29.56 -23.11
C ILE F 21 -28.02 -29.62 -21.93
N VAL F 22 -27.57 -30.19 -20.81
CA VAL F 22 -28.40 -30.41 -19.64
C VAL F 22 -27.88 -29.56 -18.48
N GLY F 23 -28.79 -29.05 -17.67
CA GLY F 23 -28.42 -28.37 -16.45
C GLY F 23 -28.06 -26.90 -16.58
N GLN F 24 -28.32 -26.29 -17.73
CA GLN F 24 -28.03 -24.87 -17.92
C GLN F 24 -29.26 -24.05 -18.30
N ASP F 25 -30.42 -24.48 -17.80
CA ASP F 25 -31.68 -23.88 -18.25
C ASP F 25 -31.71 -22.35 -18.26
N GLU F 26 -31.21 -21.71 -17.21
CA GLU F 26 -31.26 -20.26 -17.15
C GLU F 26 -30.44 -19.63 -18.28
N MET F 27 -29.29 -20.22 -18.61
CA MET F 27 -28.48 -19.64 -19.68
C MET F 27 -29.06 -19.94 -21.06
N LYS F 28 -29.61 -21.13 -21.26
CA LYS F 28 -30.28 -21.43 -22.53
C LYS F 28 -31.48 -20.51 -22.76
N LEU F 29 -32.18 -20.13 -21.68
CA LEU F 29 -33.32 -19.21 -21.84
C LEU F 29 -32.84 -17.83 -22.28
N ALA F 30 -31.80 -17.29 -21.63
CA ALA F 30 -31.31 -15.97 -22.00
C ALA F 30 -30.82 -15.95 -23.44
N LEU F 31 -30.16 -17.02 -23.89
CA LEU F 31 -29.68 -17.06 -25.26
C LEU F 31 -30.84 -17.18 -26.24
N LEU F 32 -31.85 -18.00 -25.91
CA LEU F 32 -32.99 -18.16 -26.81
C LEU F 32 -33.78 -16.85 -26.95
N LEU F 33 -33.99 -16.14 -25.84
CA LEU F 33 -34.75 -14.90 -25.93
C LEU F 33 -34.00 -13.83 -26.73
N ASN F 34 -32.67 -13.82 -26.66
CA ASN F 34 -31.90 -12.88 -27.48
C ASN F 34 -31.94 -13.25 -28.96
N VAL F 35 -31.94 -14.53 -29.28
CA VAL F 35 -32.09 -14.92 -30.69
C VAL F 35 -33.45 -14.46 -31.21
N ILE F 36 -34.47 -14.44 -30.35
CA ILE F 36 -35.81 -14.05 -30.78
C ILE F 36 -35.91 -12.54 -30.91
N ASP F 37 -35.32 -11.80 -29.97
CA ASP F 37 -35.32 -10.34 -29.98
C ASP F 37 -33.91 -9.86 -29.68
N PRO F 38 -33.08 -9.69 -30.71
CA PRO F 38 -31.72 -9.20 -30.46
C PRO F 38 -31.68 -7.83 -29.81
N LYS F 39 -32.75 -7.04 -29.94
CA LYS F 39 -32.81 -5.75 -29.27
C LYS F 39 -32.90 -5.87 -27.75
N ILE F 40 -32.84 -7.09 -27.20
CA ILE F 40 -32.80 -7.24 -25.76
C ILE F 40 -31.47 -6.70 -25.22
N GLY F 41 -30.39 -6.84 -25.98
CA GLY F 41 -29.16 -6.17 -25.66
C GLY F 41 -28.00 -7.06 -25.28
N GLY F 42 -28.13 -8.35 -25.54
CA GLY F 42 -27.06 -9.29 -25.29
C GLY F 42 -27.14 -9.92 -23.91
N VAL F 43 -26.26 -10.92 -23.72
CA VAL F 43 -26.21 -11.70 -22.50
C VAL F 43 -24.80 -11.61 -21.94
N MET F 44 -24.70 -11.30 -20.67
CA MET F 44 -23.43 -11.38 -19.95
C MET F 44 -23.44 -12.68 -19.16
N ILE F 45 -22.51 -13.58 -19.48
CA ILE F 45 -22.44 -14.89 -18.84
C ILE F 45 -21.31 -14.83 -17.81
N MET F 46 -21.68 -14.78 -16.54
CA MET F 46 -20.72 -14.77 -15.44
C MET F 46 -21.04 -16.03 -14.69
N GLY F 47 -20.59 -17.15 -15.23
CA GLY F 47 -20.62 -18.41 -14.50
C GLY F 47 -19.24 -18.61 -13.93
N ASP F 48 -19.05 -18.14 -12.69
CA ASP F 48 -17.81 -18.37 -11.96
C ASP F 48 -17.36 -19.82 -12.06
N ARG F 49 -18.32 -20.74 -12.03
CA ARG F 49 -18.07 -22.15 -12.34
C ARG F 49 -18.05 -22.29 -13.85
N GLY F 50 -16.86 -22.37 -14.42
CA GLY F 50 -16.70 -22.51 -15.86
C GLY F 50 -16.92 -23.93 -16.34
N THR F 51 -17.98 -24.14 -17.10
CA THR F 51 -18.31 -25.46 -17.62
C THR F 51 -19.40 -25.39 -18.69
N GLY F 52 -19.03 -25.69 -19.93
CA GLY F 52 -19.95 -25.66 -21.04
C GLY F 52 -20.38 -24.24 -21.39
N LYS F 53 -19.41 -23.38 -21.63
CA LYS F 53 -19.69 -21.99 -21.98
C LYS F 53 -19.48 -21.74 -23.47
N SER F 54 -18.31 -22.13 -23.97
CA SER F 54 -17.98 -21.95 -25.38
C SER F 54 -18.83 -22.86 -26.27
N THR F 55 -19.04 -24.10 -25.83
CA THR F 55 -19.74 -25.08 -26.67
C THR F 55 -21.24 -24.83 -26.72
N THR F 56 -21.82 -24.21 -25.69
CA THR F 56 -23.24 -23.90 -25.75
C THR F 56 -23.54 -22.84 -26.81
N ILE F 57 -22.71 -21.81 -26.91
CA ILE F 57 -22.97 -20.74 -27.88
C ILE F 57 -22.79 -21.24 -29.30
N ARG F 58 -21.79 -22.11 -29.52
CA ARG F 58 -21.63 -22.71 -30.85
C ARG F 58 -22.81 -23.62 -31.20
N ALA F 59 -23.33 -24.36 -30.21
CA ALA F 59 -24.49 -25.19 -30.47
C ALA F 59 -25.69 -24.36 -30.89
N LEU F 60 -25.87 -23.18 -30.29
CA LEU F 60 -27.02 -22.34 -30.64
C LEU F 60 -26.87 -21.75 -32.03
N ALA F 61 -25.66 -21.35 -32.41
CA ALA F 61 -25.44 -20.84 -33.76
C ALA F 61 -25.71 -21.92 -34.81
N ASP F 62 -25.15 -23.10 -34.61
CA ASP F 62 -25.37 -24.22 -35.52
C ASP F 62 -26.85 -24.59 -35.59
N LEU F 63 -27.64 -24.22 -34.59
CA LEU F 63 -29.04 -24.58 -34.53
C LEU F 63 -29.92 -23.62 -35.33
N LEU F 64 -29.51 -22.36 -35.47
CA LEU F 64 -30.33 -21.38 -36.15
C LEU F 64 -30.49 -21.73 -37.62
N PRO F 65 -31.57 -21.27 -38.25
CA PRO F 65 -31.77 -21.53 -39.68
C PRO F 65 -30.99 -20.55 -40.54
N GLU F 66 -30.82 -20.93 -41.80
CA GLU F 66 -30.18 -20.05 -42.77
C GLU F 66 -31.18 -19.05 -43.34
N ILE F 67 -30.68 -17.88 -43.74
CA ILE F 67 -31.50 -16.90 -44.43
C ILE F 67 -30.70 -16.22 -45.53
N LYS F 104 -27.77 -18.25 -46.87
CA LYS F 104 -26.51 -18.27 -46.13
C LYS F 104 -26.77 -18.61 -44.67
N LYS F 105 -25.86 -19.40 -44.10
CA LYS F 105 -25.94 -19.88 -42.73
C LYS F 105 -25.55 -18.78 -41.75
N VAL F 106 -26.05 -18.89 -40.51
CA VAL F 106 -25.75 -17.88 -39.51
C VAL F 106 -24.31 -18.02 -39.05
N THR F 107 -23.64 -16.89 -38.87
CA THR F 107 -22.21 -16.81 -38.62
C THR F 107 -21.95 -16.34 -37.20
N MET F 108 -21.06 -17.03 -36.49
CA MET F 108 -20.68 -16.65 -35.13
C MET F 108 -19.26 -16.10 -35.17
N VAL F 109 -19.08 -14.92 -34.55
CA VAL F 109 -17.83 -14.19 -34.60
C VAL F 109 -17.24 -14.10 -33.20
N ASP F 110 -15.94 -14.37 -33.08
CA ASP F 110 -15.25 -14.31 -31.80
C ASP F 110 -14.48 -13.03 -31.57
N LEU F 111 -14.53 -12.53 -30.33
CA LEU F 111 -13.83 -11.30 -29.97
C LEU F 111 -12.37 -11.46 -29.53
N PRO F 112 -11.50 -11.99 -30.49
CA PRO F 112 -10.12 -12.12 -30.03
C PRO F 112 -9.24 -10.93 -30.42
N LEU F 113 -8.00 -10.94 -29.93
CA LEU F 113 -7.07 -9.85 -30.23
C LEU F 113 -7.55 -8.53 -29.65
N GLY F 114 -7.16 -7.43 -30.29
CA GLY F 114 -7.55 -6.11 -29.84
C GLY F 114 -7.87 -5.18 -30.99
N ALA F 115 -8.38 -5.75 -32.09
CA ALA F 115 -8.73 -4.97 -33.27
C ALA F 115 -9.54 -3.73 -32.89
N THR F 116 -9.04 -2.56 -33.26
CA THR F 116 -9.72 -1.30 -32.97
C THR F 116 -11.02 -1.17 -33.75
N GLU F 117 -10.93 -1.20 -35.07
CA GLU F 117 -12.09 -1.10 -35.96
C GLU F 117 -13.05 0.02 -35.57
N LEU F 141 -14.78 -7.19 -35.10
CA LEU F 141 -15.06 -7.76 -36.40
C LEU F 141 -16.55 -7.67 -36.75
N LEU F 142 -17.14 -6.50 -36.53
CA LEU F 142 -18.59 -6.31 -36.68
C LEU F 142 -19.03 -6.47 -38.14
N ALA F 143 -18.07 -6.71 -39.03
CA ALA F 143 -18.39 -6.97 -40.44
C ALA F 143 -19.20 -8.23 -40.68
N LYS F 144 -18.64 -9.38 -40.32
CA LYS F 144 -19.31 -10.67 -40.54
C LYS F 144 -20.29 -10.95 -39.41
N ALA F 145 -20.70 -9.95 -38.62
CA ALA F 145 -21.50 -10.19 -37.43
C ALA F 145 -22.94 -9.69 -37.55
N ASN F 146 -23.31 -9.04 -38.65
CA ASN F 146 -24.70 -8.61 -38.80
C ASN F 146 -25.60 -9.81 -39.01
N ARG F 147 -26.76 -9.79 -38.35
CA ARG F 147 -27.74 -10.88 -38.39
C ARG F 147 -27.09 -12.21 -37.94
N GLY F 148 -26.33 -12.15 -36.85
CA GLY F 148 -25.60 -13.30 -36.36
C GLY F 148 -25.37 -13.21 -34.86
N ILE F 149 -24.24 -13.77 -34.42
CA ILE F 149 -23.87 -13.84 -33.00
C ILE F 149 -22.42 -13.37 -32.87
N LEU F 150 -22.15 -12.55 -31.85
CA LEU F 150 -20.80 -12.05 -31.60
C LEU F 150 -20.42 -12.40 -30.16
N TYR F 151 -19.38 -13.20 -29.99
CA TYR F 151 -18.97 -13.71 -28.68
C TYR F 151 -17.64 -13.09 -28.26
N VAL F 152 -17.65 -12.33 -27.17
CA VAL F 152 -16.44 -11.75 -26.59
C VAL F 152 -16.07 -12.58 -25.37
N ASP F 153 -15.10 -13.48 -25.52
CA ASP F 153 -14.81 -14.46 -24.48
C ASP F 153 -14.35 -13.80 -23.20
N GLU F 154 -13.55 -12.76 -23.29
CA GLU F 154 -13.02 -12.10 -22.09
C GLU F 154 -13.21 -10.58 -22.23
N VAL F 155 -14.42 -10.12 -21.96
CA VAL F 155 -14.73 -8.69 -22.04
C VAL F 155 -14.46 -8.03 -20.69
N ASN F 156 -13.68 -8.68 -19.83
CA ASN F 156 -13.32 -8.06 -18.56
C ASN F 156 -12.10 -7.17 -18.68
N LEU F 157 -11.37 -7.26 -19.79
CA LEU F 157 -10.23 -6.38 -20.03
C LEU F 157 -10.18 -5.92 -21.49
N LEU F 158 -11.28 -6.06 -22.22
CA LEU F 158 -11.32 -5.73 -23.64
C LEU F 158 -11.53 -4.22 -23.81
N ASP F 159 -10.42 -3.49 -23.82
CA ASP F 159 -10.41 -2.03 -24.03
C ASP F 159 -11.25 -1.39 -22.92
N ASP F 160 -12.00 -0.34 -23.21
CA ASP F 160 -12.82 0.33 -22.21
C ASP F 160 -13.99 1.02 -22.88
N HIS F 161 -13.77 1.47 -24.12
CA HIS F 161 -14.79 2.14 -24.92
C HIS F 161 -15.38 1.27 -26.01
N LEU F 162 -14.59 0.36 -26.59
CA LEU F 162 -15.13 -0.52 -27.63
C LEU F 162 -16.34 -1.27 -27.12
N VAL F 163 -16.34 -1.61 -25.83
CA VAL F 163 -17.50 -2.25 -25.21
C VAL F 163 -18.74 -1.37 -25.35
N ASP F 164 -18.59 -0.06 -25.20
CA ASP F 164 -19.74 0.85 -25.27
C ASP F 164 -20.42 0.79 -26.63
N VAL F 165 -19.64 0.76 -27.72
CA VAL F 165 -20.23 0.81 -29.05
C VAL F 165 -21.00 -0.48 -29.34
N LEU F 166 -20.46 -1.62 -28.89
CA LEU F 166 -21.12 -2.90 -29.16
C LEU F 166 -22.46 -2.99 -28.46
N LEU F 167 -22.54 -2.49 -27.22
CA LEU F 167 -23.81 -2.51 -26.49
C LEU F 167 -24.86 -1.66 -27.18
N ASP F 168 -24.43 -0.60 -27.89
CA ASP F 168 -25.37 0.21 -28.66
C ASP F 168 -25.80 -0.53 -29.91
N SER F 169 -24.84 -1.11 -30.62
CA SER F 169 -25.11 -1.84 -31.86
C SER F 169 -26.02 -3.04 -31.63
N ALA F 170 -26.20 -3.46 -30.39
CA ALA F 170 -27.07 -4.57 -30.07
C ALA F 170 -28.46 -4.13 -29.61
N ALA F 171 -28.66 -2.85 -29.31
CA ALA F 171 -29.94 -2.39 -28.79
C ALA F 171 -30.70 -1.49 -29.77
N GLY F 172 -30.42 -1.59 -31.07
CA GLY F 172 -31.12 -0.76 -32.06
C GLY F 172 -31.18 -1.36 -33.45
N ARG F 189 -27.55 -5.01 -35.21
CA ARG F 189 -28.60 -6.03 -35.18
C ARG F 189 -27.98 -7.42 -35.08
N PHE F 190 -27.53 -7.79 -33.88
CA PHE F 190 -26.86 -9.06 -33.68
C PHE F 190 -27.01 -9.47 -32.21
N VAL F 191 -26.68 -10.73 -31.93
CA VAL F 191 -26.78 -11.29 -30.59
C VAL F 191 -25.42 -11.09 -29.92
N LEU F 192 -25.34 -10.13 -29.00
CA LEU F 192 -24.13 -9.92 -28.22
C LEU F 192 -24.06 -10.96 -27.10
N VAL F 193 -22.93 -11.64 -26.98
CA VAL F 193 -22.71 -12.59 -25.89
C VAL F 193 -21.34 -12.31 -25.29
N GLY F 194 -21.29 -12.12 -23.98
CA GLY F 194 -20.05 -11.82 -23.30
C GLY F 194 -19.81 -12.72 -22.12
N SER F 195 -18.53 -13.01 -21.89
CA SER F 195 -18.09 -13.82 -20.76
C SER F 195 -16.97 -13.10 -20.01
N GLY F 196 -16.80 -13.47 -18.75
CA GLY F 196 -15.82 -12.83 -17.91
C GLY F 196 -15.09 -13.86 -17.05
N ASN F 197 -14.01 -13.38 -16.44
CA ASN F 197 -13.20 -14.17 -15.53
C ASN F 197 -13.35 -13.63 -14.12
N PRO F 198 -13.65 -14.48 -13.14
CA PRO F 198 -13.71 -14.01 -11.76
C PRO F 198 -12.32 -13.66 -11.23
N GLU F 199 -12.29 -12.71 -10.29
CA GLU F 199 -11.08 -12.25 -9.60
C GLU F 199 -10.11 -11.50 -10.51
N GLU F 200 -10.53 -11.12 -11.73
CA GLU F 200 -9.69 -10.34 -12.62
C GLU F 200 -10.20 -8.92 -12.78
N GLY F 201 -11.17 -8.54 -11.94
CA GLY F 201 -11.72 -7.22 -12.06
C GLY F 201 -13.14 -7.20 -12.55
N GLU F 202 -14.06 -7.82 -11.77
CA GLU F 202 -15.50 -7.87 -12.00
C GLU F 202 -16.10 -6.65 -12.77
N LEU F 203 -16.90 -6.94 -13.79
CA LEU F 203 -17.44 -5.96 -14.67
C LEU F 203 -17.68 -4.60 -14.02
N ARG F 204 -16.97 -3.58 -14.50
CA ARG F 204 -17.14 -2.22 -14.02
C ARG F 204 -18.60 -1.80 -14.09
N PRO F 205 -19.18 -1.28 -13.01
CA PRO F 205 -20.64 -1.08 -12.94
C PRO F 205 -21.22 -0.25 -14.07
N GLN F 206 -20.40 0.56 -14.75
CA GLN F 206 -20.92 1.37 -15.84
C GLN F 206 -21.10 0.56 -17.12
N LEU F 207 -20.36 -0.54 -17.29
CA LEU F 207 -20.44 -1.32 -18.52
C LEU F 207 -21.23 -2.62 -18.39
N LEU F 208 -21.66 -3.00 -17.19
CA LEU F 208 -22.45 -4.21 -17.01
C LEU F 208 -23.95 -3.93 -17.09
N ASP F 209 -24.36 -2.76 -16.59
CA ASP F 209 -25.77 -2.38 -16.67
C ASP F 209 -26.26 -2.27 -18.11
N ARG F 210 -25.36 -2.07 -19.07
CA ARG F 210 -25.83 -1.96 -20.45
C ARG F 210 -26.04 -3.32 -21.10
N PHE F 211 -25.67 -4.40 -20.44
CA PHE F 211 -25.99 -5.73 -20.92
C PHE F 211 -27.45 -6.05 -20.65
N GLY F 212 -28.11 -6.63 -21.64
CA GLY F 212 -29.51 -6.98 -21.51
C GLY F 212 -29.80 -7.87 -20.32
N MET F 213 -29.22 -9.07 -20.34
CA MET F 213 -29.48 -10.06 -19.30
C MET F 213 -28.15 -10.54 -18.73
N HIS F 214 -28.23 -11.04 -17.50
CA HIS F 214 -27.08 -11.50 -16.73
C HIS F 214 -27.37 -12.95 -16.36
N ALA F 215 -26.78 -13.88 -17.11
CA ALA F 215 -26.98 -15.30 -16.86
C ALA F 215 -25.80 -15.84 -16.06
N GLU F 216 -26.08 -16.42 -14.91
CA GLU F 216 -25.04 -17.05 -14.12
C GLU F 216 -25.10 -18.57 -14.28
N ILE F 217 -23.93 -19.19 -14.41
CA ILE F 217 -23.80 -20.63 -14.52
C ILE F 217 -23.36 -21.17 -13.17
N ARG F 218 -24.17 -22.05 -12.60
CA ARG F 218 -23.79 -22.82 -11.43
C ARG F 218 -23.70 -24.28 -11.87
N THR F 219 -22.60 -24.96 -11.54
CA THR F 219 -22.43 -26.33 -11.99
C THR F 219 -23.52 -27.21 -11.38
N VAL F 220 -24.01 -28.15 -12.19
CA VAL F 220 -25.18 -28.94 -11.82
C VAL F 220 -24.97 -29.57 -10.46
N ARG F 221 -25.97 -29.44 -9.59
CA ARG F 221 -25.86 -29.99 -8.25
C ARG F 221 -26.57 -31.31 -8.08
N GLU F 222 -27.44 -31.68 -9.01
CA GLU F 222 -28.12 -32.96 -8.92
C GLU F 222 -27.15 -34.06 -9.29
N PRO F 223 -26.85 -35.00 -8.40
CA PRO F 223 -25.78 -35.98 -8.70
C PRO F 223 -26.03 -36.77 -9.97
N GLU F 224 -27.21 -37.38 -10.14
CA GLU F 224 -27.43 -38.21 -11.32
C GLU F 224 -27.41 -37.38 -12.60
N LEU F 225 -27.61 -36.07 -12.50
CA LEU F 225 -27.51 -35.20 -13.67
C LEU F 225 -26.05 -34.98 -14.05
N ARG F 226 -25.18 -34.79 -13.05
CA ARG F 226 -23.74 -34.70 -13.32
C ARG F 226 -23.23 -35.95 -14.01
N VAL F 227 -23.67 -37.13 -13.56
CA VAL F 227 -23.26 -38.38 -14.20
C VAL F 227 -23.73 -38.42 -15.65
N LYS F 228 -24.94 -37.93 -15.91
CA LYS F 228 -25.48 -37.99 -17.27
C LYS F 228 -24.66 -37.12 -18.22
N ILE F 229 -24.24 -35.93 -17.77
CA ILE F 229 -23.41 -35.06 -18.60
C ILE F 229 -22.10 -35.75 -18.96
N VAL F 230 -21.42 -36.30 -17.95
CA VAL F 230 -20.13 -36.96 -18.19
C VAL F 230 -20.33 -38.14 -19.13
N GLU F 231 -21.37 -38.94 -18.87
CA GLU F 231 -21.63 -40.07 -19.75
C GLU F 231 -21.99 -39.59 -21.16
N GLN F 232 -22.61 -38.41 -21.28
CA GLN F 232 -22.96 -37.86 -22.60
C GLN F 232 -21.74 -37.36 -23.35
N ARG F 233 -20.78 -36.75 -22.64
CA ARG F 233 -19.62 -36.17 -23.30
C ARG F 233 -18.73 -37.23 -23.94
N THR F 234 -18.40 -38.29 -23.18
CA THR F 234 -17.59 -39.35 -23.77
C THR F 234 -18.35 -40.09 -24.85
N GLU F 235 -19.65 -40.29 -24.65
CA GLU F 235 -20.48 -40.89 -25.69
C GLU F 235 -20.50 -40.05 -26.95
N PHE F 236 -20.44 -38.73 -26.81
CA PHE F 236 -20.35 -37.85 -27.98
C PHE F 236 -18.94 -37.85 -28.56
N ASP F 237 -17.92 -37.88 -27.70
CA ASP F 237 -16.55 -37.85 -28.19
C ASP F 237 -16.22 -39.10 -28.99
N GLN F 238 -16.83 -40.24 -28.63
CA GLN F 238 -16.57 -41.48 -29.36
C GLN F 238 -17.35 -41.57 -30.67
N ASN F 239 -18.62 -41.16 -30.67
CA ASN F 239 -19.49 -41.33 -31.84
C ASN F 239 -20.32 -40.07 -32.06
N PRO F 240 -19.73 -39.04 -32.66
CA PRO F 240 -20.49 -37.79 -32.85
C PRO F 240 -21.79 -37.96 -33.63
N HIS F 241 -21.75 -38.59 -34.80
CA HIS F 241 -22.94 -38.59 -35.64
C HIS F 241 -24.11 -39.41 -35.11
N PRO F 242 -23.91 -40.59 -34.53
CA PRO F 242 -25.05 -41.26 -33.89
C PRO F 242 -25.63 -40.45 -32.73
N PHE F 243 -24.81 -39.61 -32.09
CA PHE F 243 -25.32 -38.75 -31.03
C PHE F 243 -26.16 -37.61 -31.61
N CYS F 244 -25.59 -36.87 -32.57
CA CYS F 244 -26.32 -35.77 -33.19
C CYS F 244 -27.59 -36.24 -33.86
N ASP F 245 -27.59 -37.44 -34.45
CA ASP F 245 -28.80 -37.96 -35.07
C ASP F 245 -29.87 -38.30 -34.04
N GLN F 246 -29.44 -38.73 -32.85
CA GLN F 246 -30.38 -39.07 -31.79
C GLN F 246 -31.24 -37.87 -31.38
N TYR F 247 -30.73 -36.65 -31.58
CA TYR F 247 -31.40 -35.42 -31.21
C TYR F 247 -31.91 -34.67 -32.43
N GLN F 248 -31.97 -35.32 -33.59
CA GLN F 248 -32.20 -34.61 -34.84
C GLN F 248 -33.61 -34.01 -34.89
N THR F 249 -34.62 -34.76 -34.44
CA THR F 249 -35.96 -34.20 -34.49
C THR F 249 -36.18 -33.15 -33.41
N GLU F 250 -35.52 -33.28 -32.25
CA GLU F 250 -35.66 -32.27 -31.22
C GLU F 250 -35.01 -30.96 -31.63
N GLN F 251 -33.90 -31.02 -32.35
CA GLN F 251 -33.30 -29.80 -32.87
C GLN F 251 -34.22 -29.10 -33.85
N GLU F 252 -34.88 -29.87 -34.72
CA GLU F 252 -35.76 -29.26 -35.72
C GLU F 252 -37.01 -28.69 -35.08
N ALA F 253 -37.54 -29.34 -34.04
CA ALA F 253 -38.70 -28.80 -33.35
C ALA F 253 -38.35 -27.48 -32.70
N LEU F 254 -37.19 -27.40 -32.05
CA LEU F 254 -36.75 -26.12 -31.47
C LEU F 254 -36.43 -25.10 -32.56
N GLN F 255 -35.91 -25.56 -33.69
CA GLN F 255 -35.60 -24.63 -34.77
C GLN F 255 -36.87 -23.97 -35.31
N ALA F 256 -37.96 -24.72 -35.39
CA ALA F 256 -39.21 -24.14 -35.85
C ALA F 256 -39.79 -23.18 -34.81
N LYS F 257 -39.64 -23.49 -33.52
CA LYS F 257 -40.16 -22.60 -32.48
C LYS F 257 -39.46 -21.25 -32.48
N ILE F 258 -38.16 -21.23 -32.79
CA ILE F 258 -37.46 -19.95 -32.89
C ILE F 258 -38.04 -19.14 -34.04
N VAL F 259 -38.25 -19.77 -35.19
CA VAL F 259 -38.82 -19.08 -36.35
C VAL F 259 -40.24 -18.61 -36.04
N ASN F 260 -41.08 -19.48 -35.47
CA ASN F 260 -42.42 -19.06 -35.10
C ASN F 260 -42.39 -17.88 -34.14
N ALA F 261 -41.49 -17.91 -33.15
CA ALA F 261 -41.39 -16.84 -32.18
C ALA F 261 -40.98 -15.53 -32.84
N GLN F 262 -40.01 -15.59 -33.76
CA GLN F 262 -39.60 -14.38 -34.47
C GLN F 262 -40.76 -13.82 -35.30
N ASN F 263 -41.56 -14.70 -35.91
CA ASN F 263 -42.68 -14.26 -36.73
C ASN F 263 -43.82 -13.66 -35.91
N LEU F 264 -44.03 -14.16 -34.70
CA LEU F 264 -45.19 -13.76 -33.91
C LEU F 264 -44.92 -12.55 -33.02
N LEU F 265 -43.66 -12.23 -32.74
CA LEU F 265 -43.33 -11.15 -31.82
C LEU F 265 -44.03 -9.84 -32.11
N PRO F 266 -44.24 -9.41 -33.37
CA PRO F 266 -44.94 -8.13 -33.58
C PRO F 266 -46.34 -8.08 -33.00
N GLN F 267 -47.06 -9.19 -32.92
CA GLN F 267 -48.40 -9.19 -32.36
C GLN F 267 -48.43 -9.34 -30.85
N VAL F 268 -47.29 -9.60 -30.21
CA VAL F 268 -47.29 -9.89 -28.78
C VAL F 268 -47.52 -8.59 -28.02
N THR F 269 -48.53 -8.59 -27.15
CA THR F 269 -48.87 -7.41 -26.38
C THR F 269 -48.74 -7.72 -24.90
N ILE F 270 -48.48 -6.68 -24.11
CA ILE F 270 -48.46 -6.81 -22.67
C ILE F 270 -49.48 -5.82 -22.12
N ASP F 271 -50.34 -6.30 -21.22
CA ASP F 271 -51.38 -5.48 -20.67
C ASP F 271 -50.79 -4.26 -19.96
N TYR F 272 -51.56 -3.17 -19.95
CA TYR F 272 -51.09 -1.95 -19.30
C TYR F 272 -50.85 -2.16 -17.81
N ASP F 273 -51.72 -2.92 -17.15
CA ASP F 273 -51.55 -3.16 -15.72
C ASP F 273 -50.26 -3.92 -15.44
N TYR F 274 -49.94 -4.91 -16.27
CA TYR F 274 -48.67 -5.62 -16.14
C TYR F 274 -47.51 -4.69 -16.46
N ARG F 275 -47.61 -3.91 -17.54
CA ARG F 275 -46.51 -3.04 -17.92
C ARG F 275 -46.20 -2.05 -16.80
N VAL F 276 -47.23 -1.60 -16.09
CA VAL F 276 -47.03 -0.66 -15.00
C VAL F 276 -46.40 -1.35 -13.80
N LYS F 277 -46.91 -2.53 -13.43
CA LYS F 277 -46.35 -3.24 -12.28
C LYS F 277 -44.91 -3.68 -12.53
N VAL F 278 -44.52 -3.87 -13.80
CA VAL F 278 -43.12 -4.13 -14.11
C VAL F 278 -42.27 -2.92 -13.73
N SER F 279 -42.73 -1.72 -14.09
CA SER F 279 -42.00 -0.51 -13.73
C SER F 279 -41.97 -0.29 -12.22
N GLU F 280 -43.04 -0.66 -11.52
CA GLU F 280 -43.01 -0.57 -10.06
C GLU F 280 -41.87 -1.41 -9.49
N VAL F 281 -41.65 -2.61 -10.05
CA VAL F 281 -40.54 -3.45 -9.59
C VAL F 281 -39.21 -2.79 -9.90
N CYS F 282 -39.07 -2.20 -11.09
CA CYS F 282 -37.84 -1.49 -11.40
C CYS F 282 -37.60 -0.33 -10.44
N ALA F 283 -38.67 0.39 -10.06
CA ALA F 283 -38.51 1.52 -9.16
C ALA F 283 -38.12 1.05 -7.75
N GLU F 284 -38.81 0.04 -7.22
CA GLU F 284 -38.51 -0.43 -5.88
C GLU F 284 -37.15 -1.11 -5.80
N LEU F 285 -36.60 -1.55 -6.93
CA LEU F 285 -35.24 -2.06 -7.01
C LEU F 285 -34.22 -0.95 -7.18
N ASP F 286 -34.68 0.29 -7.33
CA ASP F 286 -33.82 1.46 -7.52
C ASP F 286 -32.89 1.27 -8.71
N VAL F 287 -33.49 0.87 -9.84
CA VAL F 287 -32.72 0.65 -11.06
C VAL F 287 -32.25 1.98 -11.61
N ASP F 288 -31.02 2.00 -12.14
CA ASP F 288 -30.42 3.20 -12.71
C ASP F 288 -30.98 3.39 -14.11
N GLY F 289 -32.02 4.18 -14.22
CA GLY F 289 -32.59 4.50 -15.51
C GLY F 289 -33.79 3.64 -15.83
N LEU F 290 -34.18 3.69 -17.11
CA LEU F 290 -35.33 2.95 -17.59
C LEU F 290 -34.95 1.74 -18.43
N ARG F 291 -33.67 1.43 -18.57
CA ARG F 291 -33.27 0.30 -19.42
C ARG F 291 -33.83 -1.00 -18.86
N GLY F 292 -33.84 -1.14 -17.54
CA GLY F 292 -34.41 -2.32 -16.92
C GLY F 292 -35.89 -2.47 -17.21
N ASP F 293 -36.63 -1.36 -17.24
CA ASP F 293 -38.03 -1.42 -17.62
C ASP F 293 -38.16 -1.93 -19.05
N ILE F 294 -37.26 -1.49 -19.93
CA ILE F 294 -37.38 -1.80 -21.35
C ILE F 294 -37.04 -3.27 -21.61
N VAL F 295 -35.96 -3.79 -21.01
CA VAL F 295 -35.55 -5.15 -21.31
C VAL F 295 -36.55 -6.17 -20.77
N THR F 296 -37.06 -5.97 -19.55
CA THR F 296 -38.05 -6.89 -18.99
C THR F 296 -39.27 -7.00 -19.89
N ASN F 297 -39.70 -5.88 -20.46
CA ASN F 297 -40.85 -5.92 -21.37
C ASN F 297 -40.50 -6.66 -22.66
N ARG F 298 -39.34 -6.36 -23.24
CA ARG F 298 -38.95 -7.06 -24.48
C ARG F 298 -38.73 -8.55 -24.22
N ALA F 299 -38.19 -8.89 -23.05
CA ALA F 299 -37.95 -10.29 -22.72
C ALA F 299 -39.25 -11.04 -22.49
N ALA F 300 -40.18 -10.44 -21.74
CA ALA F 300 -41.46 -11.10 -21.48
C ALA F 300 -42.24 -11.31 -22.77
N LYS F 301 -42.23 -10.35 -23.69
CA LYS F 301 -42.90 -10.55 -24.97
C LYS F 301 -42.22 -11.66 -25.77
N ALA F 302 -40.89 -11.66 -25.79
CA ALA F 302 -40.17 -12.68 -26.56
C ALA F 302 -40.41 -14.08 -26.02
N LEU F 303 -40.55 -14.20 -24.70
CA LEU F 303 -40.82 -15.52 -24.14
C LEU F 303 -42.22 -15.97 -24.48
N ALA F 304 -43.20 -15.08 -24.33
CA ALA F 304 -44.57 -15.43 -24.70
C ALA F 304 -44.65 -15.78 -26.19
N ALA F 305 -43.88 -15.09 -27.03
CA ALA F 305 -43.86 -15.44 -28.44
C ALA F 305 -43.25 -16.82 -28.65
N PHE F 306 -42.19 -17.13 -27.90
CA PHE F 306 -41.56 -18.43 -27.99
C PHE F 306 -42.56 -19.55 -27.70
N GLU F 307 -43.44 -19.34 -26.72
CA GLU F 307 -44.44 -20.33 -26.34
C GLU F 307 -45.75 -20.16 -27.11
N GLY F 308 -45.73 -19.46 -28.25
CA GLY F 308 -46.87 -19.42 -29.14
C GLY F 308 -48.08 -18.70 -28.61
N ARG F 309 -47.89 -17.68 -27.79
CA ARG F 309 -48.96 -16.87 -27.23
C ARG F 309 -48.72 -15.41 -27.56
N THR F 310 -49.79 -14.63 -27.57
CA THR F 310 -49.68 -13.22 -27.93
C THR F 310 -50.02 -12.28 -26.79
N GLU F 311 -50.29 -12.78 -25.60
CA GLU F 311 -50.54 -11.95 -24.43
C GLU F 311 -49.54 -12.32 -23.34
N VAL F 312 -48.72 -11.36 -22.92
CA VAL F 312 -47.76 -11.61 -21.87
C VAL F 312 -48.51 -11.94 -20.58
N THR F 313 -48.02 -12.95 -19.88
CA THR F 313 -48.64 -13.50 -18.68
C THR F 313 -47.75 -13.21 -17.47
N VAL F 314 -48.35 -13.16 -16.27
CA VAL F 314 -47.57 -12.91 -15.05
C VAL F 314 -46.46 -13.93 -14.90
N ASP F 315 -46.72 -15.18 -15.28
CA ASP F 315 -45.67 -16.19 -15.19
C ASP F 315 -44.57 -15.95 -16.22
N ASP F 316 -44.93 -15.40 -17.39
CA ASP F 316 -43.90 -15.04 -18.37
C ASP F 316 -42.93 -14.03 -17.79
N ILE F 317 -43.44 -12.99 -17.13
CA ILE F 317 -42.57 -12.01 -16.50
C ILE F 317 -41.72 -12.65 -15.41
N SER F 318 -42.31 -13.61 -14.69
CA SER F 318 -41.58 -14.23 -13.58
C SER F 318 -40.31 -14.93 -14.06
N ARG F 319 -40.36 -15.57 -15.23
CA ARG F 319 -39.24 -16.36 -15.72
C ARG F 319 -38.12 -15.53 -16.35
N VAL F 320 -38.34 -14.23 -16.58
CA VAL F 320 -37.32 -13.39 -17.20
C VAL F 320 -36.83 -12.28 -16.29
N ILE F 321 -37.53 -11.97 -15.19
CA ILE F 321 -37.24 -10.74 -14.47
C ILE F 321 -35.92 -10.81 -13.72
N VAL F 322 -35.51 -11.99 -13.25
CA VAL F 322 -34.23 -12.08 -12.56
C VAL F 322 -33.08 -11.91 -13.55
N LEU F 323 -33.20 -12.53 -14.73
CA LEU F 323 -32.21 -12.33 -15.77
C LEU F 323 -32.03 -10.85 -16.10
N CYS F 324 -33.13 -10.07 -16.04
CA CYS F 324 -33.17 -8.71 -16.54
C CYS F 324 -32.79 -7.66 -15.50
N LEU F 325 -33.04 -7.92 -14.22
CA LEU F 325 -32.89 -6.89 -13.20
C LEU F 325 -31.89 -7.21 -12.11
N ARG F 326 -31.36 -8.43 -12.01
CA ARG F 326 -30.53 -8.75 -10.86
C ARG F 326 -29.18 -8.03 -10.91
N HIS F 327 -28.68 -7.74 -12.11
CA HIS F 327 -27.45 -6.96 -12.26
C HIS F 327 -27.74 -5.47 -12.38
N ARG F 328 -28.98 -5.05 -12.17
CA ARG F 328 -29.35 -3.65 -12.17
C ARG F 328 -29.73 -3.17 -10.78
N LEU F 329 -29.45 -3.97 -9.76
CA LEU F 329 -29.78 -3.61 -8.39
C LEU F 329 -28.91 -2.44 -7.92
N ARG F 330 -29.51 -1.59 -7.10
CA ARG F 330 -28.76 -0.61 -6.32
C ARG F 330 -29.11 -0.87 -4.85
N LYS F 331 -28.55 -1.93 -4.30
CA LYS F 331 -28.77 -2.30 -2.91
C LYS F 331 -27.66 -1.73 -2.03
N ASP F 332 -28.02 -1.41 -0.79
CA ASP F 332 -27.03 -0.93 0.15
C ASP F 332 -26.02 -2.03 0.45
N PRO F 333 -24.76 -1.69 0.68
CA PRO F 333 -23.77 -2.72 1.05
C PRO F 333 -24.04 -3.38 2.39
N LEU F 334 -24.92 -2.81 3.21
CA LEU F 334 -25.30 -3.39 4.48
C LEU F 334 -26.24 -4.58 4.36
N GLU F 335 -26.58 -5.03 3.15
CA GLU F 335 -27.52 -6.12 2.94
C GLU F 335 -26.80 -7.36 2.46
N SER F 336 -26.91 -8.45 3.24
CA SER F 336 -26.43 -9.79 2.84
C SER F 336 -27.35 -10.62 1.96
N ILE F 337 -28.32 -9.97 1.30
CA ILE F 337 -29.30 -10.67 0.46
C ILE F 337 -28.86 -10.89 -0.99
N ASP F 338 -29.15 -12.10 -1.49
CA ASP F 338 -28.86 -12.44 -2.88
C ASP F 338 -29.59 -11.48 -3.82
N SER F 339 -28.89 -11.05 -4.88
CA SER F 339 -29.50 -10.15 -5.85
C SER F 339 -30.67 -10.81 -6.57
N GLY F 340 -30.48 -12.04 -7.06
CA GLY F 340 -31.57 -12.74 -7.67
C GLY F 340 -32.74 -12.98 -6.73
N SER F 341 -32.45 -13.20 -5.45
CA SER F 341 -33.54 -13.39 -4.49
C SER F 341 -34.23 -12.07 -4.18
N LYS F 342 -33.51 -10.95 -4.25
CA LYS F 342 -34.13 -9.65 -4.02
C LYS F 342 -35.13 -9.33 -5.11
N VAL F 343 -34.78 -9.63 -6.37
CA VAL F 343 -35.69 -9.35 -7.49
C VAL F 343 -36.93 -10.24 -7.40
N GLU F 344 -36.74 -11.52 -7.07
CA GLU F 344 -37.89 -12.42 -6.91
C GLU F 344 -38.77 -11.97 -5.76
N LYS F 345 -38.16 -11.51 -4.66
CA LYS F 345 -38.95 -11.06 -3.51
C LYS F 345 -39.78 -9.85 -3.87
N VAL F 346 -39.18 -8.87 -4.54
CA VAL F 346 -39.92 -7.67 -4.91
C VAL F 346 -40.93 -7.96 -6.00
N PHE F 347 -40.58 -8.84 -6.94
CA PHE F 347 -41.54 -9.21 -7.99
C PHE F 347 -42.79 -9.85 -7.40
N LYS F 348 -42.62 -10.81 -6.49
CA LYS F 348 -43.76 -11.51 -5.91
C LYS F 348 -44.68 -10.55 -5.15
N ARG F 349 -44.11 -9.54 -4.49
CA ARG F 349 -44.93 -8.58 -3.77
C ARG F 349 -45.76 -7.72 -4.71
N VAL F 350 -45.10 -7.07 -5.68
CA VAL F 350 -45.80 -6.13 -6.54
C VAL F 350 -46.91 -6.81 -7.32
N PHE F 351 -46.64 -8.01 -7.85
CA PHE F 351 -47.64 -8.73 -8.65
C PHE F 351 -48.57 -9.59 -7.81
N GLY F 352 -48.22 -9.85 -6.54
CA GLY F 352 -49.05 -10.64 -5.68
C GLY F 352 -49.02 -12.11 -6.04
N VAL F 353 -47.84 -12.71 -6.01
CA VAL F 353 -47.66 -14.12 -6.36
C VAL F 353 -47.56 -14.93 -5.08
N VAL F 354 -48.38 -15.98 -4.99
CA VAL F 354 -48.29 -16.96 -3.91
C VAL F 354 -47.63 -18.22 -4.47
N ASP F 355 -46.52 -18.61 -3.87
CA ASP F 355 -45.76 -19.75 -4.37
C ASP F 355 -46.22 -21.06 -3.75
#